data_2DJT
#
_entry.id   2DJT
#
_entity_poly.entity_id   1
_entity_poly.type   'polypeptide(L)'
_entity_poly.pdbx_seq_one_letter_code
;GSSGSSGQASGHFSVELVRGYAGFGLTLGGGRDVAGDTPLAVRGLLKDGPAQRCGRLEVGDLVLHINGESTQGLTHAQAV
ERIRAGGPQLHLVIRRPLSGPSSG
;
_entity_poly.pdbx_strand_id   A
#
# COMPACT_ATOMS: atom_id res chain seq x y z
N GLY A 1 -25.72 3.06 -2.33
CA GLY A 1 -25.81 2.58 -0.96
C GLY A 1 -25.95 3.72 0.04
N SER A 2 -24.87 3.99 0.77
CA SER A 2 -24.88 5.05 1.77
C SER A 2 -23.52 5.72 1.86
N SER A 3 -23.51 7.01 2.19
CA SER A 3 -22.27 7.77 2.31
C SER A 3 -21.41 7.23 3.44
N GLY A 4 -22.01 7.09 4.62
CA GLY A 4 -21.29 6.58 5.77
C GLY A 4 -20.62 7.68 6.56
N SER A 5 -19.87 7.31 7.60
CA SER A 5 -19.18 8.27 8.44
C SER A 5 -17.87 7.69 8.97
N SER A 6 -16.81 8.47 8.88
CA SER A 6 -15.49 8.04 9.34
C SER A 6 -15.07 8.82 10.58
N GLY A 7 -14.06 8.31 11.28
CA GLY A 7 -13.58 8.97 12.48
C GLY A 7 -12.39 9.88 12.20
N GLN A 8 -11.85 10.48 13.26
CA GLN A 8 -10.71 11.38 13.11
C GLN A 8 -9.40 10.64 13.34
N ALA A 9 -9.33 9.87 14.43
CA ALA A 9 -8.14 9.11 14.76
C ALA A 9 -8.15 7.76 14.05
N SER A 10 -8.58 7.75 12.79
CA SER A 10 -8.63 6.52 12.01
C SER A 10 -7.32 5.73 12.13
N GLY A 11 -6.21 6.47 12.16
CA GLY A 11 -4.90 5.83 12.28
C GLY A 11 -4.34 5.44 10.92
N HIS A 12 -5.18 4.82 10.09
CA HIS A 12 -4.75 4.38 8.76
C HIS A 12 -4.93 5.51 7.74
N PHE A 13 -4.04 5.56 6.76
CA PHE A 13 -4.10 6.59 5.72
C PHE A 13 -4.17 5.95 4.34
N SER A 14 -4.57 6.75 3.35
CA SER A 14 -4.68 6.26 1.98
C SER A 14 -3.53 6.79 1.12
N VAL A 15 -3.32 6.13 -0.01
CA VAL A 15 -2.25 6.53 -0.93
C VAL A 15 -2.79 6.80 -2.32
N GLU A 16 -2.65 8.05 -2.76
CA GLU A 16 -3.13 8.45 -4.08
C GLU A 16 -1.96 8.76 -5.02
N LEU A 17 -1.90 8.02 -6.13
CA LEU A 17 -0.83 8.20 -7.11
C LEU A 17 -1.38 8.18 -8.53
N VAL A 18 -0.61 8.71 -9.47
CA VAL A 18 -1.02 8.75 -10.87
C VAL A 18 -0.12 7.88 -11.73
N ARG A 19 -0.72 6.95 -12.46
CA ARG A 19 0.03 6.05 -13.33
C ARG A 19 1.11 6.81 -14.11
N GLY A 20 2.36 6.66 -13.68
CA GLY A 20 3.45 7.35 -14.34
C GLY A 20 3.72 6.80 -15.73
N TYR A 21 4.20 5.57 -15.79
CA TYR A 21 4.50 4.92 -17.06
C TYR A 21 4.49 3.40 -16.93
N ALA A 22 3.50 2.76 -17.54
CA ALA A 22 3.38 1.32 -17.49
C ALA A 22 3.44 0.81 -16.05
N GLY A 23 2.59 1.36 -15.19
CA GLY A 23 2.56 0.94 -13.80
C GLY A 23 2.88 2.09 -12.86
N PHE A 24 3.05 1.77 -11.57
CA PHE A 24 3.34 2.78 -10.57
C PHE A 24 4.75 2.61 -10.03
N GLY A 25 5.35 1.46 -10.30
CA GLY A 25 6.71 1.19 -9.84
C GLY A 25 6.75 0.84 -8.36
N LEU A 26 5.67 0.26 -7.86
CA LEU A 26 5.59 -0.13 -6.46
C LEU A 26 5.58 -1.65 -6.31
N THR A 27 6.41 -2.15 -5.40
CA THR A 27 6.51 -3.59 -5.17
C THR A 27 6.19 -3.92 -3.71
N LEU A 28 5.60 -5.10 -3.50
CA LEU A 28 5.24 -5.53 -2.15
C LEU A 28 5.97 -6.83 -1.79
N GLY A 29 6.36 -6.94 -0.52
CA GLY A 29 7.07 -8.13 -0.07
C GLY A 29 6.33 -8.85 1.03
N GLY A 30 6.23 -10.17 0.90
CA GLY A 30 5.53 -10.97 1.91
C GLY A 30 4.08 -11.24 1.53
N GLY A 31 3.17 -10.88 2.42
CA GLY A 31 1.75 -11.09 2.15
C GLY A 31 1.32 -12.51 2.46
N ARG A 32 0.09 -12.83 2.11
CA ARG A 32 -0.45 -14.17 2.35
C ARG A 32 -0.08 -15.12 1.21
N ASP A 33 0.86 -16.01 1.48
CA ASP A 33 1.30 -16.97 0.48
C ASP A 33 1.15 -18.40 0.99
N VAL A 34 0.90 -19.33 0.06
CA VAL A 34 0.73 -20.73 0.42
C VAL A 34 1.97 -21.28 1.11
N ALA A 35 3.07 -20.55 1.00
CA ALA A 35 4.33 -20.96 1.62
C ALA A 35 4.61 -20.16 2.88
N GLY A 36 3.58 -19.49 3.40
CA GLY A 36 3.74 -18.70 4.60
C GLY A 36 2.77 -17.53 4.66
N ASP A 37 2.43 -17.11 5.86
CA ASP A 37 1.50 -16.00 6.05
C ASP A 37 2.22 -14.78 6.64
N THR A 38 2.42 -13.76 5.82
CA THR A 38 3.10 -12.55 6.26
C THR A 38 2.28 -11.30 5.90
N PRO A 39 2.36 -10.29 6.77
CA PRO A 39 1.64 -9.03 6.56
C PRO A 39 2.21 -8.21 5.39
N LEU A 40 1.39 -8.00 4.37
CA LEU A 40 1.82 -7.24 3.21
C LEU A 40 2.50 -5.94 3.62
N ALA A 41 3.67 -5.69 3.05
CA ALA A 41 4.43 -4.47 3.35
C ALA A 41 5.35 -4.10 2.19
N VAL A 42 5.33 -2.83 1.82
CA VAL A 42 6.17 -2.34 0.72
C VAL A 42 7.56 -2.96 0.78
N ARG A 43 8.10 -3.30 -0.39
CA ARG A 43 9.43 -3.89 -0.47
C ARG A 43 10.41 -2.96 -1.17
N GLY A 44 10.22 -2.77 -2.47
CA GLY A 44 11.10 -1.90 -3.23
C GLY A 44 10.37 -0.73 -3.85
N LEU A 45 11.09 0.37 -4.05
CA LEU A 45 10.49 1.56 -4.63
C LEU A 45 11.20 1.95 -5.93
N LEU A 46 10.51 1.76 -7.05
CA LEU A 46 11.06 2.09 -8.36
C LEU A 46 11.75 3.45 -8.34
N LYS A 47 13.07 3.45 -8.41
CA LYS A 47 13.85 4.68 -8.40
C LYS A 47 13.25 5.70 -9.36
N ASP A 48 13.08 6.94 -8.88
CA ASP A 48 12.52 8.01 -9.70
C ASP A 48 11.08 7.69 -10.09
N GLY A 49 10.38 6.95 -9.23
CA GLY A 49 9.00 6.60 -9.51
C GLY A 49 8.02 7.49 -8.79
N PRO A 50 6.72 7.30 -9.07
CA PRO A 50 5.64 8.08 -8.45
C PRO A 50 5.47 7.76 -6.98
N ALA A 51 5.89 6.55 -6.58
CA ALA A 51 5.78 6.12 -5.19
C ALA A 51 6.91 6.69 -4.34
N GLN A 52 8.13 6.61 -4.86
CA GLN A 52 9.29 7.12 -4.15
C GLN A 52 9.27 8.64 -4.09
N ARG A 53 8.86 9.28 -5.18
CA ARG A 53 8.79 10.73 -5.25
C ARG A 53 7.83 11.27 -4.19
N CYS A 54 6.64 10.66 -4.11
CA CYS A 54 5.64 11.09 -3.15
C CYS A 54 6.19 11.05 -1.73
N GLY A 55 7.01 10.06 -1.44
CA GLY A 55 7.60 9.93 -0.12
C GLY A 55 6.61 9.40 0.89
N ARG A 56 5.35 9.27 0.49
CA ARG A 56 4.30 8.77 1.38
C ARG A 56 4.48 7.29 1.65
N LEU A 57 5.02 6.57 0.68
CA LEU A 57 5.25 5.14 0.82
C LEU A 57 6.73 4.84 0.99
N GLU A 58 7.05 4.01 1.99
CA GLU A 58 8.45 3.65 2.25
C GLU A 58 8.56 2.15 2.57
N VAL A 59 9.75 1.62 2.38
CA VAL A 59 10.00 0.20 2.65
C VAL A 59 9.70 -0.14 4.10
N GLY A 60 8.77 -1.08 4.31
CA GLY A 60 8.40 -1.48 5.66
C GLY A 60 6.94 -1.21 5.97
N ASP A 61 6.40 -0.16 5.37
CA ASP A 61 5.00 0.20 5.58
C ASP A 61 4.11 -1.04 5.56
N LEU A 62 3.12 -1.07 6.44
CA LEU A 62 2.20 -2.19 6.52
C LEU A 62 0.89 -1.88 5.80
N VAL A 63 0.35 -2.88 5.09
CA VAL A 63 -0.89 -2.71 4.35
C VAL A 63 -2.03 -3.46 5.03
N LEU A 64 -3.11 -2.74 5.34
CA LEU A 64 -4.26 -3.35 5.98
C LEU A 64 -5.40 -3.54 4.99
N HIS A 65 -5.54 -2.60 4.06
CA HIS A 65 -6.58 -2.66 3.05
C HIS A 65 -6.13 -2.01 1.75
N ILE A 66 -6.93 -2.15 0.71
CA ILE A 66 -6.61 -1.57 -0.59
C ILE A 66 -7.88 -1.17 -1.35
N ASN A 67 -7.86 0.02 -1.92
CA ASN A 67 -9.00 0.53 -2.68
C ASN A 67 -10.29 0.37 -1.87
N GLY A 68 -10.20 0.59 -0.57
CA GLY A 68 -11.36 0.47 0.29
C GLY A 68 -11.90 -0.96 0.35
N GLU A 69 -11.02 -1.92 0.10
CA GLU A 69 -11.40 -3.33 0.13
C GLU A 69 -10.61 -4.09 1.18
N SER A 70 -11.24 -5.11 1.77
CA SER A 70 -10.59 -5.92 2.79
C SER A 70 -9.61 -6.91 2.17
N THR A 71 -8.39 -6.92 2.66
CA THR A 71 -7.36 -7.83 2.16
C THR A 71 -7.24 -9.06 3.04
N GLN A 72 -8.12 -9.17 4.02
CA GLN A 72 -8.11 -10.31 4.94
C GLN A 72 -8.28 -11.62 4.18
N GLY A 73 -8.63 -11.53 2.90
CA GLY A 73 -8.81 -12.71 2.07
C GLY A 73 -8.18 -12.56 0.70
N LEU A 74 -7.39 -11.52 0.53
CA LEU A 74 -6.72 -11.27 -0.75
C LEU A 74 -5.23 -11.59 -0.65
N THR A 75 -4.78 -12.52 -1.49
CA THR A 75 -3.38 -12.91 -1.49
C THR A 75 -2.52 -11.86 -2.18
N HIS A 76 -1.23 -12.14 -2.32
CA HIS A 76 -0.30 -11.22 -2.95
C HIS A 76 -0.69 -10.97 -4.40
N ALA A 77 -1.31 -11.98 -5.03
CA ALA A 77 -1.73 -11.86 -6.42
C ALA A 77 -3.12 -11.21 -6.51
N GLN A 78 -3.94 -11.44 -5.50
CA GLN A 78 -5.29 -10.88 -5.47
C GLN A 78 -5.25 -9.37 -5.21
N ALA A 79 -4.34 -8.96 -4.33
CA ALA A 79 -4.20 -7.55 -3.98
C ALA A 79 -3.77 -6.74 -5.20
N VAL A 80 -2.61 -7.08 -5.76
CA VAL A 80 -2.09 -6.39 -6.92
C VAL A 80 -3.18 -6.13 -7.95
N GLU A 81 -3.96 -7.17 -8.25
CA GLU A 81 -5.04 -7.06 -9.22
C GLU A 81 -5.90 -5.83 -8.94
N ARG A 82 -6.46 -5.76 -7.74
CA ARG A 82 -7.31 -4.64 -7.34
C ARG A 82 -6.63 -3.31 -7.66
N ILE A 83 -5.32 -3.27 -7.49
CA ILE A 83 -4.55 -2.06 -7.75
C ILE A 83 -4.61 -1.69 -9.23
N ARG A 84 -4.17 -2.61 -10.08
CA ARG A 84 -4.17 -2.39 -11.53
C ARG A 84 -5.57 -2.05 -12.02
N ALA A 85 -6.55 -2.86 -11.64
CA ALA A 85 -7.93 -2.65 -12.04
C ALA A 85 -8.49 -1.37 -11.42
N GLY A 86 -7.86 -0.92 -10.34
CA GLY A 86 -8.31 0.30 -9.69
C GLY A 86 -8.60 1.42 -10.66
N GLY A 87 -7.80 1.49 -11.72
CA GLY A 87 -7.99 2.53 -12.72
C GLY A 87 -6.80 3.45 -12.83
N PRO A 88 -7.02 4.67 -13.34
CA PRO A 88 -5.97 5.67 -13.51
C PRO A 88 -5.48 6.23 -12.19
N GLN A 89 -6.20 5.91 -11.11
CA GLN A 89 -5.84 6.39 -9.78
C GLN A 89 -5.63 5.21 -8.83
N LEU A 90 -4.55 5.25 -8.06
CA LEU A 90 -4.23 4.19 -7.12
C LEU A 90 -4.69 4.56 -5.71
N HIS A 91 -5.21 3.58 -4.98
CA HIS A 91 -5.68 3.81 -3.62
C HIS A 91 -5.34 2.62 -2.72
N LEU A 92 -4.41 2.82 -1.80
CA LEU A 92 -3.99 1.76 -0.88
C LEU A 92 -4.00 2.26 0.56
N VAL A 93 -4.42 1.40 1.47
CA VAL A 93 -4.48 1.75 2.89
C VAL A 93 -3.21 1.31 3.61
N ILE A 94 -2.42 2.28 4.05
CA ILE A 94 -1.17 1.98 4.76
C ILE A 94 -1.20 2.57 6.17
N ARG A 95 -0.87 1.74 7.16
CA ARG A 95 -0.85 2.18 8.55
C ARG A 95 0.51 1.88 9.19
N ARG A 96 1.36 2.89 9.28
CA ARG A 96 2.68 2.73 9.87
C ARG A 96 2.58 2.13 11.27
N PRO A 97 3.50 1.21 11.58
CA PRO A 97 3.54 0.53 12.88
C PRO A 97 3.96 1.48 14.01
N LEU A 98 3.83 1.00 15.24
CA LEU A 98 4.19 1.79 16.41
C LEU A 98 5.61 1.48 16.86
N SER A 99 6.55 2.35 16.53
CA SER A 99 7.94 2.16 16.91
C SER A 99 8.55 3.45 17.46
N GLY A 100 9.65 3.32 18.19
CA GLY A 100 10.30 4.48 18.77
C GLY A 100 11.46 4.98 17.92
N PRO A 101 11.66 6.31 17.93
CA PRO A 101 12.75 6.93 17.16
C PRO A 101 14.12 6.62 17.73
N SER A 102 15.06 6.26 16.85
CA SER A 102 16.42 5.93 17.27
C SER A 102 17.11 7.14 17.85
N SER A 103 17.90 6.92 18.90
CA SER A 103 18.62 8.00 19.56
C SER A 103 20.10 7.64 19.75
N GLY A 104 20.97 8.33 19.02
CA GLY A 104 22.38 8.06 19.12
C GLY A 104 22.69 6.59 19.32
N GLY A 1 -27.53 17.86 10.00
CA GLY A 1 -27.10 16.57 9.50
C GLY A 1 -25.97 15.99 10.32
N SER A 2 -25.59 14.75 10.01
CA SER A 2 -24.52 14.07 10.73
C SER A 2 -23.17 14.76 10.48
N SER A 3 -22.48 15.10 11.56
CA SER A 3 -21.19 15.77 11.46
C SER A 3 -20.11 14.79 10.98
N GLY A 4 -20.07 13.62 11.60
CA GLY A 4 -19.09 12.61 11.22
C GLY A 4 -18.12 12.32 12.35
N SER A 5 -16.89 11.97 11.97
CA SER A 5 -15.85 11.66 12.97
C SER A 5 -15.31 12.93 13.60
N SER A 6 -14.69 12.78 14.77
CA SER A 6 -14.12 13.92 15.48
C SER A 6 -12.64 14.11 15.12
N GLY A 7 -12.35 14.00 13.84
CA GLY A 7 -10.98 14.17 13.37
C GLY A 7 -10.29 12.84 13.10
N GLN A 8 -8.97 12.84 13.18
CA GLN A 8 -8.19 11.63 12.93
C GLN A 8 -7.05 11.51 13.93
N ALA A 9 -6.71 10.27 14.29
CA ALA A 9 -5.63 10.02 15.24
C ALA A 9 -5.00 8.65 14.99
N SER A 10 -3.71 8.66 14.67
CA SER A 10 -2.99 7.41 14.40
C SER A 10 -3.88 6.42 13.65
N GLY A 11 -4.75 6.94 12.80
CA GLY A 11 -5.64 6.09 12.03
C GLY A 11 -5.11 5.80 10.65
N HIS A 12 -5.27 4.56 10.20
CA HIS A 12 -4.80 4.16 8.88
C HIS A 12 -5.12 5.23 7.84
N PHE A 13 -4.15 5.53 6.99
CA PHE A 13 -4.32 6.54 5.94
C PHE A 13 -4.38 5.88 4.57
N SER A 14 -4.60 6.70 3.54
CA SER A 14 -4.68 6.21 2.17
C SER A 14 -3.54 6.76 1.32
N VAL A 15 -3.29 6.12 0.19
CA VAL A 15 -2.23 6.56 -0.72
C VAL A 15 -2.77 6.84 -2.12
N GLU A 16 -2.64 8.10 -2.55
CA GLU A 16 -3.12 8.51 -3.86
C GLU A 16 -1.95 8.81 -4.80
N LEU A 17 -2.00 8.22 -5.99
CA LEU A 17 -0.94 8.42 -6.98
C LEU A 17 -1.51 8.37 -8.39
N VAL A 18 -0.67 8.70 -9.38
CA VAL A 18 -1.09 8.68 -10.78
C VAL A 18 -0.16 7.81 -11.61
N ARG A 19 -0.72 6.78 -12.24
CA ARG A 19 0.05 5.88 -13.07
C ARG A 19 1.10 6.64 -13.88
N GLY A 20 2.37 6.42 -13.55
CA GLY A 20 3.44 7.11 -14.25
C GLY A 20 3.67 6.54 -15.64
N TYR A 21 4.84 6.81 -16.21
CA TYR A 21 5.17 6.34 -17.55
C TYR A 21 5.05 4.82 -17.63
N ALA A 22 5.61 4.13 -16.66
CA ALA A 22 5.56 2.68 -16.61
C ALA A 22 5.18 2.17 -15.23
N GLY A 23 3.89 1.95 -15.02
CA GLY A 23 3.41 1.47 -13.74
C GLY A 23 3.76 2.42 -12.61
N PHE A 24 3.22 2.14 -11.41
CA PHE A 24 3.48 2.98 -10.25
C PHE A 24 4.86 2.69 -9.68
N GLY A 25 5.42 1.53 -10.03
CA GLY A 25 6.72 1.15 -9.54
C GLY A 25 6.70 0.72 -8.08
N LEU A 26 5.56 0.20 -7.65
CA LEU A 26 5.41 -0.25 -6.26
C LEU A 26 5.44 -1.77 -6.18
N THR A 27 6.31 -2.30 -5.32
CA THR A 27 6.45 -3.74 -5.15
C THR A 27 6.19 -4.14 -3.71
N LEU A 28 5.72 -5.37 -3.51
CA LEU A 28 5.43 -5.88 -2.18
C LEU A 28 6.22 -7.16 -1.90
N GLY A 29 6.61 -7.36 -0.64
CA GLY A 29 7.36 -8.54 -0.27
C GLY A 29 6.69 -9.32 0.84
N GLY A 30 6.06 -10.44 0.49
CA GLY A 30 5.40 -11.26 1.48
C GLY A 30 3.92 -11.44 1.19
N GLY A 31 3.07 -11.01 2.12
CA GLY A 31 1.64 -11.13 1.93
C GLY A 31 1.15 -12.56 2.11
N ARG A 32 -0.16 -12.73 2.17
CA ARG A 32 -0.76 -14.05 2.33
C ARG A 32 -0.45 -14.93 1.13
N ASP A 33 0.47 -15.87 1.32
CA ASP A 33 0.87 -16.79 0.25
C ASP A 33 0.65 -18.24 0.68
N VAL A 34 0.54 -19.13 -0.30
CA VAL A 34 0.34 -20.55 -0.02
C VAL A 34 1.53 -21.14 0.73
N ALA A 35 2.73 -20.70 0.36
CA ALA A 35 3.94 -21.18 1.00
C ALA A 35 4.32 -20.31 2.20
N GLY A 36 3.32 -19.67 2.79
CA GLY A 36 3.56 -18.81 3.94
C GLY A 36 2.65 -17.60 3.97
N ASP A 37 2.22 -17.22 5.16
CA ASP A 37 1.32 -16.07 5.32
C ASP A 37 2.02 -14.95 6.08
N THR A 38 2.25 -13.83 5.39
CA THR A 38 2.91 -12.68 6.00
C THR A 38 2.14 -11.39 5.71
N PRO A 39 2.33 -10.39 6.58
CA PRO A 39 1.67 -9.09 6.44
C PRO A 39 2.20 -8.29 5.27
N LEU A 40 1.33 -8.03 4.29
CA LEU A 40 1.71 -7.27 3.10
C LEU A 40 2.35 -5.94 3.49
N ALA A 41 3.54 -5.68 2.98
CA ALA A 41 4.24 -4.45 3.26
C ALA A 41 5.18 -4.06 2.12
N VAL A 42 5.22 -2.77 1.80
CA VAL A 42 6.07 -2.28 0.73
C VAL A 42 7.47 -2.89 0.81
N ARG A 43 8.01 -3.27 -0.35
CA ARG A 43 9.34 -3.87 -0.42
C ARG A 43 10.34 -2.90 -1.03
N GLY A 44 10.19 -2.66 -2.33
CA GLY A 44 11.10 -1.75 -3.02
C GLY A 44 10.38 -0.57 -3.63
N LEU A 45 11.11 0.52 -3.86
CA LEU A 45 10.52 1.72 -4.45
C LEU A 45 11.20 2.06 -5.77
N LEU A 46 10.50 1.80 -6.87
CA LEU A 46 11.03 2.07 -8.20
C LEU A 46 11.60 3.50 -8.28
N LYS A 47 12.90 3.58 -8.49
CA LYS A 47 13.57 4.87 -8.59
C LYS A 47 12.88 5.77 -9.61
N ASP A 48 13.01 7.08 -9.42
CA ASP A 48 12.39 8.04 -10.33
C ASP A 48 10.94 7.69 -10.60
N GLY A 49 10.30 7.06 -9.62
CA GLY A 49 8.91 6.68 -9.77
C GLY A 49 7.97 7.63 -9.06
N PRO A 50 6.65 7.41 -9.24
CA PRO A 50 5.62 8.24 -8.62
C PRO A 50 5.54 8.05 -7.11
N ALA A 51 5.60 6.78 -6.68
CA ALA A 51 5.54 6.46 -5.26
C ALA A 51 6.75 7.03 -4.51
N GLN A 52 7.94 6.63 -4.94
CA GLN A 52 9.17 7.10 -4.31
C GLN A 52 9.20 8.63 -4.24
N ARG A 53 8.94 9.27 -5.37
CA ARG A 53 8.94 10.72 -5.44
C ARG A 53 8.00 11.32 -4.39
N CYS A 54 6.81 10.72 -4.28
CA CYS A 54 5.81 11.20 -3.32
C CYS A 54 6.34 11.08 -1.89
N GLY A 55 7.10 10.02 -1.63
CA GLY A 55 7.65 9.81 -0.30
C GLY A 55 6.64 9.21 0.65
N ARG A 56 5.39 9.66 0.56
CA ARG A 56 4.33 9.17 1.43
C ARG A 56 4.52 7.68 1.72
N LEU A 57 4.96 6.93 0.71
CA LEU A 57 5.18 5.49 0.86
C LEU A 57 6.65 5.20 1.09
N GLU A 58 6.94 4.41 2.13
CA GLU A 58 8.30 4.04 2.46
C GLU A 58 8.42 2.55 2.74
N VAL A 59 9.64 2.04 2.69
CA VAL A 59 9.88 0.62 2.93
C VAL A 59 9.65 0.26 4.40
N GLY A 60 8.85 -0.76 4.64
CA GLY A 60 8.56 -1.19 5.99
C GLY A 60 7.14 -0.82 6.42
N ASP A 61 6.36 -0.29 5.49
CA ASP A 61 4.99 0.11 5.78
C ASP A 61 4.09 -1.12 5.87
N LEU A 62 2.99 -0.97 6.62
CA LEU A 62 2.05 -2.07 6.80
C LEU A 62 0.74 -1.77 6.06
N VAL A 63 0.39 -2.64 5.11
CA VAL A 63 -0.84 -2.47 4.34
C VAL A 63 -2.02 -3.15 5.03
N LEU A 64 -3.04 -2.36 5.34
CA LEU A 64 -4.24 -2.89 5.99
C LEU A 64 -5.33 -3.21 4.98
N HIS A 65 -5.41 -2.40 3.93
CA HIS A 65 -6.41 -2.60 2.89
C HIS A 65 -5.91 -2.05 1.56
N ILE A 66 -6.77 -2.12 0.54
CA ILE A 66 -6.42 -1.63 -0.79
C ILE A 66 -7.66 -1.26 -1.58
N ASN A 67 -7.70 -0.03 -2.09
CA ASN A 67 -8.84 0.44 -2.86
C ASN A 67 -10.16 0.11 -2.17
N GLY A 68 -10.25 0.46 -0.89
CA GLY A 68 -11.45 0.20 -0.13
C GLY A 68 -11.80 -1.27 -0.09
N GLU A 69 -10.81 -2.12 -0.37
CA GLU A 69 -11.01 -3.57 -0.37
C GLU A 69 -10.33 -4.21 0.84
N SER A 70 -10.99 -5.20 1.43
CA SER A 70 -10.45 -5.89 2.59
C SER A 70 -9.48 -6.99 2.16
N THR A 71 -8.23 -6.87 2.56
CA THR A 71 -7.21 -7.86 2.22
C THR A 71 -7.20 -9.01 3.23
N GLN A 72 -8.23 -9.07 4.05
CA GLN A 72 -8.34 -10.12 5.07
C GLN A 72 -8.29 -11.50 4.42
N GLY A 73 -8.57 -11.56 3.12
CA GLY A 73 -8.55 -12.82 2.42
C GLY A 73 -7.96 -12.70 1.02
N LEU A 74 -7.27 -11.59 0.78
CA LEU A 74 -6.65 -11.35 -0.52
C LEU A 74 -5.15 -11.64 -0.47
N THR A 75 -4.71 -12.60 -1.29
CA THR A 75 -3.30 -12.96 -1.35
C THR A 75 -2.48 -11.90 -2.08
N HIS A 76 -1.20 -12.19 -2.28
CA HIS A 76 -0.31 -11.26 -2.97
C HIS A 76 -0.81 -10.99 -4.39
N ALA A 77 -1.31 -12.03 -5.05
CA ALA A 77 -1.83 -11.89 -6.41
C ALA A 77 -3.11 -11.08 -6.43
N GLN A 78 -3.98 -11.34 -5.46
CA GLN A 78 -5.26 -10.63 -5.37
C GLN A 78 -5.04 -9.15 -5.06
N ALA A 79 -4.36 -8.87 -3.96
CA ALA A 79 -4.08 -7.50 -3.55
C ALA A 79 -3.52 -6.69 -4.71
N VAL A 80 -2.73 -7.36 -5.56
CA VAL A 80 -2.13 -6.70 -6.72
C VAL A 80 -3.14 -6.53 -7.84
N GLU A 81 -3.97 -7.55 -8.05
CA GLU A 81 -4.98 -7.50 -9.10
C GLU A 81 -6.01 -6.42 -8.82
N ARG A 82 -6.06 -5.95 -7.57
CA ARG A 82 -6.99 -4.91 -7.18
C ARG A 82 -6.44 -3.52 -7.53
N ILE A 83 -5.13 -3.38 -7.44
CA ILE A 83 -4.48 -2.11 -7.74
C ILE A 83 -4.48 -1.85 -9.25
N ARG A 84 -4.13 -2.86 -10.03
CA ARG A 84 -4.08 -2.73 -11.48
C ARG A 84 -5.47 -2.44 -12.04
N ALA A 85 -6.48 -3.10 -11.47
CA ALA A 85 -7.86 -2.90 -11.91
C ALA A 85 -8.46 -1.63 -11.33
N GLY A 86 -7.74 -1.04 -10.38
CA GLY A 86 -8.21 0.17 -9.74
C GLY A 86 -8.36 1.33 -10.72
N GLY A 87 -7.72 1.21 -11.86
CA GLY A 87 -7.79 2.25 -12.87
C GLY A 87 -6.56 3.15 -12.88
N PRO A 88 -6.72 4.36 -13.43
CA PRO A 88 -5.62 5.33 -13.51
C PRO A 88 -5.24 5.89 -12.15
N GLN A 89 -6.15 5.75 -11.18
CA GLN A 89 -5.91 6.24 -9.83
C GLN A 89 -5.64 5.09 -8.87
N LEU A 90 -4.52 5.18 -8.15
CA LEU A 90 -4.15 4.14 -7.19
C LEU A 90 -4.53 4.54 -5.77
N HIS A 91 -5.18 3.64 -5.06
CA HIS A 91 -5.60 3.90 -3.69
C HIS A 91 -5.24 2.72 -2.77
N LEU A 92 -4.36 2.98 -1.80
CA LEU A 92 -3.95 1.95 -0.86
C LEU A 92 -3.99 2.46 0.57
N VAL A 93 -4.44 1.60 1.48
CA VAL A 93 -4.53 1.96 2.89
C VAL A 93 -3.32 1.48 3.67
N ILE A 94 -2.49 2.42 4.10
CA ILE A 94 -1.29 2.08 4.86
C ILE A 94 -1.34 2.69 6.26
N ARG A 95 -0.82 1.96 7.23
CA ARG A 95 -0.81 2.42 8.62
C ARG A 95 0.54 2.16 9.27
N ARG A 96 1.35 3.21 9.40
CA ARG A 96 2.67 3.10 10.00
C ARG A 96 2.57 2.62 11.44
N PRO A 97 3.37 1.60 11.78
CA PRO A 97 3.39 1.03 13.13
C PRO A 97 4.02 1.98 14.16
N LEU A 98 4.27 1.47 15.36
CA LEU A 98 4.86 2.28 16.42
C LEU A 98 6.22 1.72 16.84
N SER A 99 7.28 2.24 16.23
CA SER A 99 8.63 1.79 16.54
C SER A 99 9.31 2.75 17.50
N GLY A 100 10.35 2.26 18.18
CA GLY A 100 11.07 3.09 19.12
C GLY A 100 11.98 2.28 20.02
N PRO A 101 11.46 1.86 21.18
CA PRO A 101 12.23 1.08 22.16
C PRO A 101 12.51 -0.34 21.66
N SER A 102 13.62 -0.52 20.96
CA SER A 102 14.01 -1.82 20.43
C SER A 102 13.81 -2.91 21.47
N SER A 103 14.33 -2.68 22.67
CA SER A 103 14.22 -3.64 23.77
C SER A 103 13.89 -2.94 25.08
N GLY A 104 12.90 -3.46 25.79
CA GLY A 104 12.51 -2.87 27.07
C GLY A 104 11.21 -2.12 26.98
N GLY A 1 -9.42 23.54 -3.24
CA GLY A 1 -10.13 22.82 -2.19
C GLY A 1 -10.55 23.74 -1.06
N SER A 2 -11.44 23.26 -0.20
CA SER A 2 -11.93 24.04 0.93
C SER A 2 -11.44 23.46 2.26
N SER A 3 -11.10 24.33 3.19
CA SER A 3 -10.62 23.91 4.50
C SER A 3 -11.42 22.71 5.01
N GLY A 4 -10.77 21.88 5.82
CA GLY A 4 -11.43 20.71 6.36
C GLY A 4 -11.98 19.80 5.28
N SER A 5 -11.11 18.99 4.69
CA SER A 5 -11.51 18.07 3.63
C SER A 5 -11.76 16.68 4.19
N SER A 6 -12.62 15.92 3.51
CA SER A 6 -12.95 14.56 3.94
C SER A 6 -11.76 13.63 3.75
N GLY A 7 -11.14 13.23 4.85
CA GLY A 7 -10.00 12.34 4.78
C GLY A 7 -9.32 12.16 6.13
N GLN A 8 -8.95 13.27 6.75
CA GLN A 8 -8.29 13.22 8.05
C GLN A 8 -8.82 12.08 8.90
N ALA A 9 -7.92 11.33 9.52
CA ALA A 9 -8.30 10.20 10.36
C ALA A 9 -7.13 9.74 11.23
N SER A 10 -7.44 9.02 12.29
CA SER A 10 -6.42 8.52 13.21
C SER A 10 -6.31 7.00 13.13
N GLY A 11 -5.26 6.52 12.46
CA GLY A 11 -5.06 5.09 12.33
C GLY A 11 -4.46 4.71 10.98
N HIS A 12 -5.33 4.38 10.02
CA HIS A 12 -4.88 4.00 8.69
C HIS A 12 -5.13 5.11 7.68
N PHE A 13 -4.08 5.56 7.01
CA PHE A 13 -4.19 6.63 6.03
C PHE A 13 -4.32 6.06 4.61
N SER A 14 -4.50 6.94 3.64
CA SER A 14 -4.64 6.53 2.25
C SER A 14 -3.48 7.05 1.41
N VAL A 15 -3.24 6.40 0.27
CA VAL A 15 -2.16 6.80 -0.62
C VAL A 15 -2.70 7.14 -2.01
N GLU A 16 -2.48 8.37 -2.45
CA GLU A 16 -2.95 8.82 -3.75
C GLU A 16 -1.77 9.02 -4.71
N LEU A 17 -1.77 8.28 -5.81
CA LEU A 17 -0.71 8.38 -6.80
C LEU A 17 -1.28 8.44 -8.21
N VAL A 18 -0.44 8.78 -9.18
CA VAL A 18 -0.86 8.86 -10.57
C VAL A 18 -0.02 7.95 -11.46
N ARG A 19 -0.66 6.97 -12.09
CA ARG A 19 0.02 6.03 -12.96
C ARG A 19 1.05 6.76 -13.84
N GLY A 20 2.31 6.40 -13.68
CA GLY A 20 3.36 7.03 -14.47
C GLY A 20 3.63 6.29 -15.77
N TYR A 21 4.88 6.35 -16.23
CA TYR A 21 5.26 5.69 -17.47
C TYR A 21 4.86 4.21 -17.45
N ALA A 22 5.30 3.50 -16.42
CA ALA A 22 4.97 2.09 -16.28
C ALA A 22 4.51 1.76 -14.86
N GLY A 23 3.22 1.45 -14.72
CA GLY A 23 2.67 1.13 -13.42
C GLY A 23 2.99 2.18 -12.37
N PHE A 24 3.17 1.75 -11.13
CA PHE A 24 3.48 2.66 -10.04
C PHE A 24 4.84 2.35 -9.43
N GLY A 25 5.50 1.32 -9.97
CA GLY A 25 6.80 0.94 -9.47
C GLY A 25 6.75 0.44 -8.04
N LEU A 26 5.57 0.00 -7.60
CA LEU A 26 5.39 -0.50 -6.25
C LEU A 26 5.42 -2.03 -6.22
N THR A 27 6.29 -2.58 -5.38
CA THR A 27 6.42 -4.02 -5.25
C THR A 27 6.11 -4.48 -3.83
N LEU A 28 5.48 -5.66 -3.72
CA LEU A 28 5.14 -6.21 -2.42
C LEU A 28 5.94 -7.48 -2.13
N GLY A 29 6.64 -7.48 -1.01
CA GLY A 29 7.45 -8.63 -0.64
C GLY A 29 6.85 -9.39 0.54
N GLY A 30 6.73 -10.71 0.38
CA GLY A 30 6.16 -11.54 1.43
C GLY A 30 4.75 -11.98 1.12
N GLY A 31 3.85 -11.81 2.10
CA GLY A 31 2.47 -12.20 1.91
C GLY A 31 2.25 -13.68 2.15
N ARG A 32 1.37 -14.28 1.35
CA ARG A 32 1.07 -15.70 1.48
C ARG A 32 2.10 -16.55 0.74
N ASP A 33 3.00 -17.17 1.50
CA ASP A 33 4.04 -18.01 0.92
C ASP A 33 3.99 -19.42 1.49
N VAL A 34 4.58 -20.37 0.76
CA VAL A 34 4.60 -21.76 1.21
C VAL A 34 5.44 -21.93 2.46
N ALA A 35 6.40 -21.03 2.65
CA ALA A 35 7.28 -21.07 3.81
C ALA A 35 6.64 -20.38 5.01
N GLY A 36 5.34 -20.09 4.91
CA GLY A 36 4.64 -19.43 5.99
C GLY A 36 3.86 -18.22 5.52
N ASP A 37 2.85 -17.83 6.28
CA ASP A 37 2.02 -16.68 5.94
C ASP A 37 2.60 -15.40 6.54
N THR A 38 3.22 -14.58 5.70
CA THR A 38 3.81 -13.33 6.16
C THR A 38 2.94 -12.14 5.80
N PRO A 39 2.96 -11.10 6.66
CA PRO A 39 2.16 -9.89 6.45
C PRO A 39 2.69 -9.05 5.28
N LEU A 40 1.84 -8.88 4.27
CA LEU A 40 2.22 -8.09 3.10
C LEU A 40 2.69 -6.70 3.50
N ALA A 41 3.73 -6.22 2.83
CA ALA A 41 4.29 -4.91 3.11
C ALA A 41 5.20 -4.44 1.98
N VAL A 42 5.16 -3.14 1.69
CA VAL A 42 6.00 -2.57 0.64
C VAL A 42 7.42 -3.10 0.72
N ARG A 43 7.87 -3.75 -0.34
CA ARG A 43 9.22 -4.30 -0.40
C ARG A 43 10.20 -3.31 -1.03
N GLY A 44 10.03 -3.06 -2.32
CA GLY A 44 10.90 -2.14 -3.02
C GLY A 44 10.15 -0.98 -3.63
N LEU A 45 10.84 0.13 -3.85
CA LEU A 45 10.23 1.32 -4.43
C LEU A 45 10.97 1.76 -5.68
N LEU A 46 10.39 1.46 -6.84
CA LEU A 46 11.00 1.83 -8.11
C LEU A 46 11.43 3.30 -8.10
N LYS A 47 12.73 3.53 -8.26
CA LYS A 47 13.28 4.88 -8.28
C LYS A 47 12.60 5.73 -9.35
N ASP A 48 12.63 7.04 -9.16
CA ASP A 48 12.02 7.97 -10.11
C ASP A 48 10.55 7.60 -10.35
N GLY A 49 9.92 7.01 -9.34
CA GLY A 49 8.52 6.62 -9.47
C GLY A 49 7.59 7.56 -8.72
N PRO A 50 6.29 7.47 -9.03
CA PRO A 50 5.27 8.31 -8.40
C PRO A 50 5.04 7.95 -6.93
N ALA A 51 5.42 6.73 -6.57
CA ALA A 51 5.27 6.26 -5.19
C ALA A 51 6.45 6.70 -4.33
N GLN A 52 7.66 6.47 -4.83
CA GLN A 52 8.87 6.84 -4.12
C GLN A 52 9.01 8.35 -4.02
N ARG A 53 8.62 9.05 -5.08
CA ARG A 53 8.70 10.50 -5.11
C ARG A 53 7.73 11.13 -4.13
N CYS A 54 6.62 10.43 -3.87
CA CYS A 54 5.60 10.92 -2.95
C CYS A 54 6.16 11.01 -1.53
N GLY A 55 7.04 10.08 -1.19
CA GLY A 55 7.63 10.08 0.14
C GLY A 55 6.68 9.56 1.19
N ARG A 56 5.51 9.10 0.76
CA ARG A 56 4.50 8.59 1.68
C ARG A 56 4.60 7.06 1.79
N LEU A 57 5.21 6.45 0.78
CA LEU A 57 5.37 5.00 0.76
C LEU A 57 6.83 4.61 0.98
N GLU A 58 7.10 3.91 2.07
CA GLU A 58 8.45 3.47 2.40
C GLU A 58 8.52 1.95 2.51
N VAL A 59 9.73 1.43 2.70
CA VAL A 59 9.93 0.00 2.83
C VAL A 59 9.64 -0.48 4.25
N GLY A 60 8.67 -1.39 4.37
CA GLY A 60 8.30 -1.90 5.67
C GLY A 60 6.92 -1.46 6.11
N ASP A 61 6.20 -0.80 5.21
CA ASP A 61 4.86 -0.32 5.51
C ASP A 61 3.83 -1.45 5.39
N LEU A 62 3.01 -1.60 6.41
CA LEU A 62 1.98 -2.64 6.42
C LEU A 62 0.71 -2.16 5.73
N VAL A 63 0.18 -3.00 4.83
CA VAL A 63 -1.03 -2.66 4.11
C VAL A 63 -2.27 -3.18 4.83
N LEU A 64 -3.21 -2.29 5.10
CA LEU A 64 -4.44 -2.66 5.79
C LEU A 64 -5.57 -2.90 4.79
N HIS A 65 -5.67 -2.04 3.78
CA HIS A 65 -6.70 -2.15 2.77
C HIS A 65 -6.21 -1.62 1.42
N ILE A 66 -7.08 -1.68 0.42
CA ILE A 66 -6.73 -1.19 -0.92
C ILE A 66 -7.96 -0.75 -1.69
N ASN A 67 -7.99 0.51 -2.09
CA ASN A 67 -9.12 1.05 -2.85
C ASN A 67 -10.44 0.80 -2.10
N GLY A 68 -10.41 0.99 -0.79
CA GLY A 68 -11.61 0.78 0.01
C GLY A 68 -12.01 -0.68 0.08
N GLU A 69 -11.14 -1.56 -0.40
CA GLU A 69 -11.41 -2.99 -0.40
C GLU A 69 -10.67 -3.68 0.74
N SER A 70 -11.35 -4.62 1.40
CA SER A 70 -10.75 -5.35 2.50
C SER A 70 -9.84 -6.46 1.99
N THR A 71 -8.53 -6.28 2.17
CA THR A 71 -7.55 -7.27 1.73
C THR A 71 -7.44 -8.42 2.71
N GLN A 72 -8.32 -8.43 3.71
CA GLN A 72 -8.32 -9.47 4.72
C GLN A 72 -8.46 -10.85 4.08
N GLY A 73 -8.93 -10.88 2.84
CA GLY A 73 -9.11 -12.14 2.14
C GLY A 73 -8.54 -12.10 0.73
N LEU A 74 -7.56 -11.22 0.51
CA LEU A 74 -6.93 -11.08 -0.79
C LEU A 74 -5.45 -11.45 -0.72
N THR A 75 -5.04 -12.42 -1.54
CA THR A 75 -3.65 -12.85 -1.57
C THR A 75 -2.77 -11.84 -2.29
N HIS A 76 -1.48 -12.14 -2.38
CA HIS A 76 -0.54 -11.25 -3.05
C HIS A 76 -0.95 -11.01 -4.50
N ALA A 77 -1.72 -11.94 -5.05
CA ALA A 77 -2.19 -11.82 -6.43
C ALA A 77 -3.51 -11.05 -6.49
N GLN A 78 -4.37 -11.28 -5.52
CA GLN A 78 -5.67 -10.61 -5.47
C GLN A 78 -5.49 -9.12 -5.17
N ALA A 79 -4.79 -8.82 -4.09
CA ALA A 79 -4.56 -7.44 -3.70
C ALA A 79 -3.97 -6.62 -4.85
N VAL A 80 -3.24 -7.30 -5.73
CA VAL A 80 -2.62 -6.66 -6.88
C VAL A 80 -3.63 -6.45 -8.00
N GLU A 81 -4.54 -7.41 -8.15
CA GLU A 81 -5.56 -7.34 -9.19
C GLU A 81 -6.48 -6.14 -8.97
N ARG A 82 -6.59 -5.71 -7.72
CA ARG A 82 -7.43 -4.57 -7.38
C ARG A 82 -6.76 -3.26 -7.78
N ILE A 83 -5.44 -3.21 -7.63
CA ILE A 83 -4.68 -2.02 -7.98
C ILE A 83 -4.60 -1.83 -9.49
N ARG A 84 -4.22 -2.89 -10.19
CA ARG A 84 -4.10 -2.84 -11.64
C ARG A 84 -5.43 -2.40 -12.27
N ALA A 85 -6.53 -2.91 -11.75
CA ALA A 85 -7.85 -2.56 -12.26
C ALA A 85 -8.36 -1.28 -11.62
N GLY A 86 -7.56 -0.69 -10.75
CA GLY A 86 -7.95 0.54 -10.08
C GLY A 86 -8.09 1.70 -11.04
N GLY A 87 -7.39 1.61 -12.18
CA GLY A 87 -7.46 2.67 -13.17
C GLY A 87 -6.24 3.58 -13.13
N PRO A 88 -6.40 4.81 -13.65
CA PRO A 88 -5.31 5.79 -13.68
C PRO A 88 -4.98 6.33 -12.29
N GLN A 89 -5.91 6.17 -11.36
CA GLN A 89 -5.72 6.64 -9.99
C GLN A 89 -5.56 5.46 -9.04
N LEU A 90 -4.52 5.51 -8.22
CA LEU A 90 -4.27 4.45 -7.24
C LEU A 90 -4.70 4.86 -5.85
N HIS A 91 -5.18 3.90 -5.07
CA HIS A 91 -5.64 4.18 -3.70
C HIS A 91 -5.35 2.98 -2.79
N LEU A 92 -4.38 3.15 -1.91
CA LEU A 92 -4.00 2.09 -0.98
C LEU A 92 -3.99 2.60 0.46
N VAL A 93 -4.40 1.75 1.40
CA VAL A 93 -4.43 2.12 2.80
C VAL A 93 -3.24 1.53 3.55
N ILE A 94 -2.36 2.39 4.03
CA ILE A 94 -1.18 1.94 4.77
C ILE A 94 -1.20 2.46 6.20
N ARG A 95 -0.69 1.65 7.13
CA ARG A 95 -0.65 2.02 8.54
C ARG A 95 0.71 1.72 9.14
N ARG A 96 1.36 2.74 9.67
CA ARG A 96 2.68 2.57 10.29
C ARG A 96 2.57 1.88 11.63
N PRO A 97 3.37 0.81 11.81
CA PRO A 97 3.37 0.03 13.05
C PRO A 97 3.98 0.80 14.22
N LEU A 98 4.17 0.13 15.34
CA LEU A 98 4.74 0.74 16.53
C LEU A 98 6.22 1.02 16.34
N SER A 99 6.66 2.21 16.74
CA SER A 99 8.06 2.61 16.61
C SER A 99 8.93 1.79 17.55
N GLY A 100 10.19 1.59 17.16
CA GLY A 100 11.12 0.83 17.98
C GLY A 100 11.73 -0.33 17.24
N PRO A 101 12.80 -0.05 16.47
CA PRO A 101 13.50 -1.06 15.69
C PRO A 101 14.27 -2.05 16.57
N SER A 102 14.29 -1.77 17.86
CA SER A 102 15.00 -2.63 18.82
C SER A 102 14.57 -4.09 18.66
N SER A 103 15.51 -4.93 18.22
CA SER A 103 15.23 -6.34 18.01
C SER A 103 15.70 -7.16 19.21
N GLY A 104 14.83 -8.04 19.70
CA GLY A 104 15.17 -8.87 20.84
C GLY A 104 15.46 -8.07 22.09
N GLY A 1 -11.43 9.08 -4.75
CA GLY A 1 -12.25 8.51 -3.70
C GLY A 1 -13.74 8.70 -3.96
N SER A 2 -14.46 7.59 -4.08
CA SER A 2 -15.89 7.64 -4.34
C SER A 2 -16.68 7.74 -3.03
N SER A 3 -17.86 8.35 -3.11
CA SER A 3 -18.70 8.51 -1.93
C SER A 3 -18.78 7.23 -1.13
N GLY A 4 -18.19 7.23 0.06
CA GLY A 4 -18.20 6.05 0.91
C GLY A 4 -17.12 6.08 1.97
N SER A 5 -17.37 6.84 3.03
CA SER A 5 -16.41 6.96 4.13
C SER A 5 -16.10 5.59 4.73
N SER A 6 -14.81 5.30 4.91
CA SER A 6 -14.38 4.03 5.47
C SER A 6 -15.05 3.80 6.83
N GLY A 7 -15.12 4.84 7.64
CA GLY A 7 -15.73 4.73 8.96
C GLY A 7 -14.71 4.86 10.07
N GLN A 8 -14.43 3.75 10.76
CA GLN A 8 -13.47 3.75 11.86
C GLN A 8 -12.30 4.68 11.56
N ALA A 9 -12.35 5.89 12.11
CA ALA A 9 -11.29 6.87 11.90
C ALA A 9 -10.10 6.60 12.81
N SER A 10 -8.91 6.55 12.23
CA SER A 10 -7.69 6.30 13.00
C SER A 10 -6.46 6.43 12.11
N GLY A 11 -5.30 6.13 12.69
CA GLY A 11 -4.05 6.24 11.93
C GLY A 11 -4.22 5.86 10.48
N HIS A 12 -4.88 4.73 10.23
CA HIS A 12 -5.11 4.26 8.87
C HIS A 12 -5.32 5.43 7.92
N PHE A 13 -4.48 5.53 6.89
CA PHE A 13 -4.58 6.59 5.92
C PHE A 13 -4.62 6.04 4.50
N SER A 14 -5.01 6.88 3.55
CA SER A 14 -5.10 6.47 2.15
C SER A 14 -3.93 7.03 1.35
N VAL A 15 -3.65 6.42 0.20
CA VAL A 15 -2.55 6.85 -0.65
C VAL A 15 -3.08 7.26 -2.03
N GLU A 16 -2.61 8.42 -2.51
CA GLU A 16 -3.02 8.93 -3.81
C GLU A 16 -1.82 9.11 -4.73
N LEU A 17 -1.90 8.51 -5.92
CA LEU A 17 -0.82 8.59 -6.89
C LEU A 17 -1.36 8.45 -8.31
N VAL A 18 -0.49 8.70 -9.30
CA VAL A 18 -0.87 8.59 -10.70
C VAL A 18 0.04 7.65 -11.45
N ARG A 19 -0.54 6.57 -11.98
CA ARG A 19 0.23 5.59 -12.74
C ARG A 19 1.27 6.26 -13.63
N GLY A 20 2.53 5.91 -13.43
CA GLY A 20 3.60 6.50 -14.22
C GLY A 20 4.77 5.55 -14.41
N TYR A 21 5.55 5.77 -15.46
CA TYR A 21 6.70 4.93 -15.74
C TYR A 21 6.29 3.46 -15.87
N ALA A 22 5.28 3.20 -16.68
CA ALA A 22 4.80 1.84 -16.89
C ALA A 22 4.45 1.18 -15.56
N GLY A 23 3.63 1.84 -14.76
CA GLY A 23 3.23 1.30 -13.47
C GLY A 23 3.74 2.13 -12.32
N PHE A 24 2.91 2.32 -11.31
CA PHE A 24 3.28 3.10 -10.14
C PHE A 24 4.68 2.73 -9.66
N GLY A 25 5.10 1.51 -9.96
CA GLY A 25 6.41 1.05 -9.55
C GLY A 25 6.46 0.66 -8.09
N LEU A 26 5.32 0.20 -7.56
CA LEU A 26 5.24 -0.21 -6.16
C LEU A 26 5.07 -1.72 -6.05
N THR A 27 5.86 -2.33 -5.17
CA THR A 27 5.81 -3.78 -4.96
C THR A 27 5.51 -4.11 -3.51
N LEU A 28 5.04 -5.34 -3.28
CA LEU A 28 4.71 -5.78 -1.92
C LEU A 28 5.49 -7.05 -1.57
N GLY A 29 6.35 -6.96 -0.56
CA GLY A 29 7.13 -8.09 -0.14
C GLY A 29 6.42 -8.92 0.92
N GLY A 30 6.21 -10.21 0.62
CA GLY A 30 5.55 -11.08 1.56
C GLY A 30 4.10 -11.34 1.18
N GLY A 31 3.23 -11.37 2.18
CA GLY A 31 1.81 -11.61 1.93
C GLY A 31 1.41 -13.06 2.19
N ARG A 32 0.16 -13.38 1.91
CA ARG A 32 -0.34 -14.73 2.12
C ARG A 32 0.29 -15.71 1.14
N ASP A 33 1.19 -16.54 1.64
CA ASP A 33 1.87 -17.53 0.81
C ASP A 33 1.67 -18.94 1.35
N VAL A 34 1.66 -19.92 0.45
CA VAL A 34 1.47 -21.31 0.84
C VAL A 34 2.54 -21.77 1.83
N ALA A 35 3.74 -21.20 1.68
CA ALA A 35 4.85 -21.54 2.55
C ALA A 35 4.93 -20.60 3.74
N GLY A 36 3.79 -20.03 4.11
CA GLY A 36 3.75 -19.10 5.23
C GLY A 36 2.90 -17.87 4.94
N ASP A 37 2.29 -17.32 5.99
CA ASP A 37 1.46 -16.14 5.84
C ASP A 37 2.08 -14.94 6.53
N THR A 38 2.47 -13.94 5.74
CA THR A 38 3.08 -12.73 6.27
C THR A 38 2.28 -11.49 5.89
N PRO A 39 2.35 -10.45 6.74
CA PRO A 39 1.64 -9.19 6.51
C PRO A 39 2.24 -8.40 5.34
N LEU A 40 1.45 -8.25 4.29
CA LEU A 40 1.88 -7.51 3.11
C LEU A 40 2.49 -6.16 3.50
N ALA A 41 3.63 -5.84 2.89
CA ALA A 41 4.31 -4.58 3.17
C ALA A 41 5.22 -4.17 2.01
N VAL A 42 5.25 -2.88 1.72
CA VAL A 42 6.09 -2.36 0.64
C VAL A 42 7.43 -3.07 0.59
N ARG A 43 7.80 -3.55 -0.60
CA ARG A 43 9.07 -4.25 -0.78
C ARG A 43 10.11 -3.34 -1.42
N GLY A 44 9.91 -3.03 -2.71
CA GLY A 44 10.83 -2.17 -3.41
C GLY A 44 10.18 -0.90 -3.93
N LEU A 45 10.98 0.14 -4.14
CA LEU A 45 10.46 1.41 -4.64
C LEU A 45 11.11 1.78 -5.97
N LEU A 46 10.37 1.59 -7.06
CA LEU A 46 10.87 1.90 -8.39
C LEU A 46 11.65 3.21 -8.38
N LYS A 47 12.92 3.13 -8.79
CA LYS A 47 13.78 4.32 -8.83
C LYS A 47 13.09 5.46 -9.58
N ASP A 48 13.33 6.69 -9.11
CA ASP A 48 12.74 7.86 -9.74
C ASP A 48 11.31 7.58 -10.17
N GLY A 49 10.53 6.96 -9.29
CA GLY A 49 9.15 6.65 -9.59
C GLY A 49 8.18 7.56 -8.86
N PRO A 50 6.88 7.36 -9.11
CA PRO A 50 5.82 8.16 -8.49
C PRO A 50 5.67 7.85 -7.00
N ALA A 51 5.74 6.57 -6.65
CA ALA A 51 5.62 6.16 -5.26
C ALA A 51 6.85 6.54 -4.46
N GLN A 52 8.00 6.53 -5.11
CA GLN A 52 9.26 6.88 -4.46
C GLN A 52 9.44 8.40 -4.40
N ARG A 53 9.07 9.08 -5.47
CA ARG A 53 9.19 10.54 -5.53
C ARG A 53 8.29 11.20 -4.49
N CYS A 54 7.02 10.78 -4.45
CA CYS A 54 6.07 11.33 -3.51
C CYS A 54 6.59 11.23 -2.08
N GLY A 55 7.35 10.18 -1.82
CA GLY A 55 7.90 9.99 -0.48
C GLY A 55 6.83 9.90 0.59
N ARG A 56 5.73 9.24 0.26
CA ARG A 56 4.62 9.08 1.19
C ARG A 56 4.68 7.72 1.88
N LEU A 57 5.21 6.72 1.18
CA LEU A 57 5.32 5.37 1.72
C LEU A 57 6.77 4.91 1.73
N GLU A 58 7.10 4.02 2.67
CA GLU A 58 8.46 3.49 2.78
C GLU A 58 8.43 1.99 3.05
N VAL A 59 9.42 1.28 2.52
CA VAL A 59 9.52 -0.16 2.70
C VAL A 59 9.23 -0.56 4.15
N GLY A 60 8.23 -1.42 4.33
CA GLY A 60 7.87 -1.85 5.67
C GLY A 60 6.45 -1.48 6.03
N ASP A 61 5.90 -0.49 5.34
CA ASP A 61 4.54 -0.04 5.60
C ASP A 61 3.57 -1.23 5.62
N LEU A 62 2.67 -1.22 6.59
CA LEU A 62 1.68 -2.30 6.73
C LEU A 62 0.43 -1.99 5.93
N VAL A 63 0.05 -2.90 5.04
CA VAL A 63 -1.14 -2.72 4.22
C VAL A 63 -2.36 -3.35 4.87
N LEU A 64 -3.37 -2.53 5.14
CA LEU A 64 -4.60 -3.01 5.77
C LEU A 64 -5.67 -3.27 4.72
N HIS A 65 -5.81 -2.35 3.77
CA HIS A 65 -6.81 -2.48 2.71
C HIS A 65 -6.26 -1.96 1.39
N ILE A 66 -7.08 -2.05 0.35
CA ILE A 66 -6.68 -1.58 -0.98
C ILE A 66 -7.90 -1.27 -1.84
N ASN A 67 -7.96 -0.04 -2.33
CA ASN A 67 -9.08 0.39 -3.17
C ASN A 67 -10.41 0.13 -2.49
N GLY A 68 -10.41 0.23 -1.16
CA GLY A 68 -11.63 0.00 -0.40
C GLY A 68 -12.01 -1.47 -0.33
N GLU A 69 -10.99 -2.33 -0.29
CA GLU A 69 -11.23 -3.77 -0.22
C GLU A 69 -10.71 -4.34 1.09
N SER A 70 -10.92 -5.65 1.29
CA SER A 70 -10.47 -6.32 2.51
C SER A 70 -9.35 -7.31 2.20
N THR A 71 -8.13 -6.93 2.56
CA THR A 71 -6.97 -7.78 2.33
C THR A 71 -6.80 -8.80 3.45
N GLN A 72 -7.84 -8.96 4.25
CA GLN A 72 -7.81 -9.91 5.36
C GLN A 72 -7.49 -11.32 4.87
N GLY A 73 -8.01 -11.66 3.70
CA GLY A 73 -7.77 -12.98 3.13
C GLY A 73 -7.36 -12.92 1.68
N LEU A 74 -6.68 -11.84 1.30
CA LEU A 74 -6.22 -11.66 -0.07
C LEU A 74 -4.76 -12.07 -0.21
N THR A 75 -4.37 -12.45 -1.43
CA THR A 75 -3.00 -12.86 -1.70
C THR A 75 -2.23 -11.77 -2.44
N HIS A 76 -0.98 -12.06 -2.77
CA HIS A 76 -0.14 -11.10 -3.48
C HIS A 76 -0.72 -10.79 -4.87
N ALA A 77 -1.29 -11.81 -5.51
CA ALA A 77 -1.88 -11.65 -6.83
C ALA A 77 -3.16 -10.83 -6.75
N GLN A 78 -3.99 -11.12 -5.75
CA GLN A 78 -5.25 -10.41 -5.56
C GLN A 78 -5.02 -8.92 -5.35
N ALA A 79 -4.33 -8.59 -4.27
CA ALA A 79 -4.03 -7.20 -3.94
C ALA A 79 -3.54 -6.45 -5.18
N VAL A 80 -2.58 -7.04 -5.88
CA VAL A 80 -2.02 -6.42 -7.09
C VAL A 80 -3.11 -6.16 -8.12
N GLU A 81 -3.70 -7.23 -8.63
CA GLU A 81 -4.76 -7.12 -9.63
C GLU A 81 -5.71 -5.99 -9.29
N ARG A 82 -6.12 -5.94 -8.02
CA ARG A 82 -7.04 -4.89 -7.56
C ARG A 82 -6.51 -3.50 -7.91
N ILE A 83 -5.30 -3.21 -7.45
CA ILE A 83 -4.68 -1.91 -7.71
C ILE A 83 -4.75 -1.56 -9.19
N ARG A 84 -4.26 -2.46 -10.03
CA ARG A 84 -4.28 -2.23 -11.48
C ARG A 84 -5.70 -1.97 -11.97
N ALA A 85 -6.61 -2.85 -11.61
CA ALA A 85 -8.00 -2.71 -12.02
C ALA A 85 -8.62 -1.43 -11.46
N GLY A 86 -8.07 -0.95 -10.34
CA GLY A 86 -8.58 0.26 -9.72
C GLY A 86 -8.75 1.39 -10.72
N GLY A 87 -7.76 1.55 -11.61
CA GLY A 87 -7.83 2.60 -12.59
C GLY A 87 -6.54 3.41 -12.66
N PRO A 88 -6.65 4.64 -13.18
CA PRO A 88 -5.51 5.55 -13.31
C PRO A 88 -5.00 6.04 -11.96
N GLN A 89 -5.90 6.09 -10.97
CA GLN A 89 -5.54 6.55 -9.64
C GLN A 89 -5.33 5.37 -8.70
N LEU A 90 -4.26 5.43 -7.91
CA LEU A 90 -3.95 4.37 -6.97
C LEU A 90 -4.48 4.70 -5.57
N HIS A 91 -5.07 3.72 -4.92
CA HIS A 91 -5.62 3.90 -3.58
C HIS A 91 -5.24 2.74 -2.68
N LEU A 92 -4.31 2.99 -1.75
CA LEU A 92 -3.85 1.97 -0.83
C LEU A 92 -3.93 2.47 0.61
N VAL A 93 -4.52 1.65 1.49
CA VAL A 93 -4.66 2.01 2.90
C VAL A 93 -3.45 1.52 3.70
N ILE A 94 -2.73 2.46 4.30
CA ILE A 94 -1.56 2.12 5.10
C ILE A 94 -1.62 2.79 6.47
N ARG A 95 -1.03 2.14 7.47
CA ARG A 95 -1.02 2.67 8.83
C ARG A 95 0.35 2.49 9.48
N ARG A 96 1.05 3.59 9.71
CA ARG A 96 2.37 3.55 10.33
C ARG A 96 2.32 2.87 11.69
N PRO A 97 3.03 1.75 11.81
CA PRO A 97 3.09 0.97 13.06
C PRO A 97 3.85 1.70 14.16
N LEU A 98 3.28 1.72 15.36
CA LEU A 98 3.89 2.39 16.50
C LEU A 98 5.41 2.24 16.45
N SER A 99 6.11 3.37 16.42
CA SER A 99 7.56 3.37 16.38
C SER A 99 8.15 4.34 17.40
N GLY A 100 9.25 3.95 18.02
CA GLY A 100 9.89 4.79 19.01
C GLY A 100 11.33 4.39 19.27
N PRO A 101 11.52 3.31 20.05
CA PRO A 101 12.86 2.81 20.38
C PRO A 101 13.57 2.20 19.19
N SER A 102 12.89 2.19 18.04
CA SER A 102 13.46 1.64 16.83
C SER A 102 14.96 1.89 16.76
N SER A 103 15.73 0.86 16.41
CA SER A 103 17.17 0.98 16.32
C SER A 103 17.69 0.33 15.03
N GLY A 104 18.08 1.16 14.07
CA GLY A 104 18.58 0.66 12.81
C GLY A 104 18.04 1.42 11.62
N GLY A 1 -26.17 12.99 -5.77
CA GLY A 1 -25.66 11.71 -5.33
C GLY A 1 -25.82 11.49 -3.85
N SER A 2 -25.03 10.59 -3.29
CA SER A 2 -25.08 10.28 -1.87
C SER A 2 -24.04 11.09 -1.10
N SER A 3 -24.37 11.42 0.15
CA SER A 3 -23.46 12.20 0.98
C SER A 3 -23.09 11.43 2.25
N GLY A 4 -21.90 11.70 2.78
CA GLY A 4 -21.45 11.02 3.98
C GLY A 4 -20.04 11.40 4.36
N SER A 5 -19.70 11.21 5.63
CA SER A 5 -18.36 11.54 6.13
C SER A 5 -17.41 10.36 5.95
N SER A 6 -16.69 10.36 4.85
CA SER A 6 -15.73 9.28 4.57
C SER A 6 -14.35 9.62 5.11
N GLY A 7 -14.32 10.17 6.32
CA GLY A 7 -13.05 10.53 6.94
C GLY A 7 -13.10 10.45 8.44
N GLN A 8 -13.26 9.25 8.97
CA GLN A 8 -13.33 9.05 10.42
C GLN A 8 -11.99 8.56 10.96
N ALA A 9 -11.34 7.66 10.21
CA ALA A 9 -10.05 7.12 10.62
C ALA A 9 -9.02 8.22 10.82
N SER A 10 -8.27 8.13 11.91
CA SER A 10 -7.26 9.13 12.22
C SER A 10 -5.85 8.59 11.91
N GLY A 11 -5.56 7.41 12.45
CA GLY A 11 -4.25 6.81 12.22
C GLY A 11 -4.11 6.24 10.82
N HIS A 12 -5.11 5.48 10.39
CA HIS A 12 -5.10 4.88 9.07
C HIS A 12 -5.39 5.91 7.99
N PHE A 13 -4.54 5.96 6.97
CA PHE A 13 -4.69 6.90 5.87
C PHE A 13 -4.64 6.19 4.52
N SER A 14 -4.91 6.94 3.46
CA SER A 14 -4.90 6.38 2.11
C SER A 14 -3.84 7.07 1.25
N VAL A 15 -3.41 6.38 0.20
CA VAL A 15 -2.40 6.92 -0.70
C VAL A 15 -2.98 7.14 -2.10
N GLU A 16 -2.92 8.39 -2.55
CA GLU A 16 -3.44 8.75 -3.87
C GLU A 16 -2.31 9.13 -4.82
N LEU A 17 -2.11 8.31 -5.85
CA LEU A 17 -1.05 8.55 -6.82
C LEU A 17 -1.61 8.52 -8.23
N VAL A 18 -0.80 8.97 -9.19
CA VAL A 18 -1.21 9.00 -10.60
C VAL A 18 -0.38 8.03 -11.42
N ARG A 19 -1.04 7.00 -11.94
CA ARG A 19 -0.36 6.00 -12.77
C ARG A 19 0.65 6.66 -13.70
N GLY A 20 1.93 6.41 -13.45
CA GLY A 20 2.98 7.00 -14.28
C GLY A 20 3.37 6.09 -15.43
N TYR A 21 4.66 5.91 -15.63
CA TYR A 21 5.17 5.07 -16.70
C TYR A 21 5.23 3.61 -16.27
N ALA A 22 4.64 2.74 -17.08
CA ALA A 22 4.62 1.32 -16.79
C ALA A 22 4.00 1.03 -15.42
N GLY A 23 2.82 1.60 -15.18
CA GLY A 23 2.15 1.40 -13.92
C GLY A 23 2.60 2.40 -12.86
N PHE A 24 2.41 2.04 -11.59
CA PHE A 24 2.80 2.91 -10.50
C PHE A 24 4.25 2.65 -10.08
N GLY A 25 4.71 1.42 -10.30
CA GLY A 25 6.08 1.07 -9.95
C GLY A 25 6.20 0.65 -8.50
N LEU A 26 5.13 0.10 -7.95
CA LEU A 26 5.13 -0.35 -6.56
C LEU A 26 5.00 -1.87 -6.47
N THR A 27 5.88 -2.49 -5.70
CA THR A 27 5.87 -3.93 -5.53
C THR A 27 5.76 -4.31 -4.06
N LEU A 28 4.97 -5.34 -3.77
CA LEU A 28 4.78 -5.81 -2.40
C LEU A 28 5.54 -7.10 -2.16
N GLY A 29 6.27 -7.17 -1.05
CA GLY A 29 7.03 -8.36 -0.72
C GLY A 29 6.46 -9.10 0.47
N GLY A 30 5.66 -10.13 0.20
CA GLY A 30 5.06 -10.91 1.27
C GLY A 30 3.58 -11.15 1.05
N GLY A 31 2.82 -11.15 2.14
CA GLY A 31 1.39 -11.37 2.05
C GLY A 31 1.00 -12.81 2.37
N ARG A 32 -0.20 -13.20 1.95
CA ARG A 32 -0.68 -14.55 2.21
C ARG A 32 -0.18 -15.52 1.14
N ASP A 33 0.75 -16.38 1.52
CA ASP A 33 1.32 -17.36 0.61
C ASP A 33 0.80 -18.76 0.91
N VAL A 34 0.91 -19.66 -0.07
CA VAL A 34 0.45 -21.03 0.10
C VAL A 34 1.32 -21.79 1.10
N ALA A 35 2.58 -21.39 1.19
CA ALA A 35 3.52 -22.03 2.11
C ALA A 35 3.51 -21.34 3.47
N GLY A 36 3.20 -20.04 3.46
CA GLY A 36 3.16 -19.28 4.70
C GLY A 36 2.37 -18.00 4.58
N ASP A 37 2.41 -17.17 5.62
CA ASP A 37 1.69 -15.91 5.61
C ASP A 37 2.57 -14.78 6.15
N THR A 38 2.32 -13.56 5.68
CA THR A 38 3.09 -12.40 6.11
C THR A 38 2.35 -11.11 5.81
N PRO A 39 2.59 -10.07 6.63
CA PRO A 39 1.96 -8.76 6.46
C PRO A 39 2.46 -8.02 5.23
N LEU A 40 1.56 -7.80 4.27
CA LEU A 40 1.92 -7.10 3.04
C LEU A 40 2.56 -5.76 3.35
N ALA A 41 3.74 -5.52 2.78
CA ALA A 41 4.45 -4.27 2.99
C ALA A 41 5.28 -3.90 1.76
N VAL A 42 5.40 -2.60 1.52
CA VAL A 42 6.17 -2.12 0.37
C VAL A 42 7.53 -2.80 0.28
N ARG A 43 7.78 -3.46 -0.84
CA ARG A 43 9.05 -4.16 -1.04
C ARG A 43 10.02 -3.29 -1.83
N GLY A 44 9.71 -3.03 -3.09
CA GLY A 44 10.58 -2.22 -3.92
C GLY A 44 9.88 -0.97 -4.43
N LEU A 45 10.67 0.07 -4.71
CA LEU A 45 10.12 1.33 -5.20
C LEU A 45 10.75 1.71 -6.53
N LEU A 46 10.01 1.51 -7.62
CA LEU A 46 10.51 1.84 -8.95
C LEU A 46 11.19 3.20 -8.96
N LYS A 47 12.50 3.21 -9.19
CA LYS A 47 13.27 4.44 -9.23
C LYS A 47 12.62 5.46 -10.17
N ASP A 48 12.51 6.70 -9.70
CA ASP A 48 11.92 7.77 -10.50
C ASP A 48 10.43 7.51 -10.73
N GLY A 49 9.76 7.03 -9.69
CA GLY A 49 8.34 6.74 -9.80
C GLY A 49 7.49 7.68 -8.96
N PRO A 50 6.16 7.58 -9.13
CA PRO A 50 5.21 8.43 -8.38
C PRO A 50 5.15 8.07 -6.91
N ALA A 51 5.26 6.78 -6.62
CA ALA A 51 5.21 6.30 -5.23
C ALA A 51 6.52 6.62 -4.51
N GLN A 52 7.64 6.49 -5.22
CA GLN A 52 8.94 6.74 -4.64
C GLN A 52 9.14 8.24 -4.39
N ARG A 53 8.84 9.04 -5.41
CA ARG A 53 8.98 10.50 -5.30
C ARG A 53 8.08 11.04 -4.20
N CYS A 54 6.83 10.58 -4.16
CA CYS A 54 5.87 11.03 -3.17
C CYS A 54 6.40 10.80 -1.75
N GLY A 55 7.11 9.68 -1.57
CA GLY A 55 7.67 9.36 -0.28
C GLY A 55 6.64 8.73 0.65
N ARG A 56 5.42 9.24 0.61
CA ARG A 56 4.34 8.73 1.45
C ARG A 56 4.43 7.22 1.59
N LEU A 57 4.75 6.54 0.49
CA LEU A 57 4.87 5.09 0.50
C LEU A 57 6.34 4.67 0.44
N GLU A 58 6.81 4.00 1.49
CA GLU A 58 8.18 3.54 1.55
C GLU A 58 8.26 2.10 2.07
N VAL A 59 9.35 1.42 1.76
CA VAL A 59 9.55 0.04 2.19
C VAL A 59 9.45 -0.08 3.71
N GLY A 60 8.53 -0.92 4.17
CA GLY A 60 8.35 -1.11 5.60
C GLY A 60 6.94 -0.79 6.05
N ASP A 61 6.21 -0.06 5.22
CA ASP A 61 4.83 0.32 5.55
C ASP A 61 3.97 -0.92 5.75
N LEU A 62 2.78 -0.72 6.33
CA LEU A 62 1.86 -1.82 6.57
C LEU A 62 0.53 -1.58 5.85
N VAL A 63 0.22 -2.47 4.91
CA VAL A 63 -1.02 -2.36 4.14
C VAL A 63 -2.17 -3.06 4.86
N LEU A 64 -3.21 -2.31 5.18
CA LEU A 64 -4.37 -2.87 5.87
C LEU A 64 -5.52 -3.10 4.88
N HIS A 65 -5.64 -2.21 3.90
CA HIS A 65 -6.70 -2.33 2.90
C HIS A 65 -6.26 -1.69 1.58
N ILE A 66 -7.00 -2.00 0.52
CA ILE A 66 -6.69 -1.46 -0.80
C ILE A 66 -7.96 -1.08 -1.55
N ASN A 67 -7.99 0.14 -2.09
CA ASN A 67 -9.14 0.62 -2.83
C ASN A 67 -10.44 0.39 -2.05
N GLY A 68 -10.31 0.34 -0.73
CA GLY A 68 -11.48 0.13 0.12
C GLY A 68 -11.90 -1.32 0.16
N GLU A 69 -10.93 -2.22 0.08
CA GLU A 69 -11.20 -3.66 0.11
C GLU A 69 -10.53 -4.31 1.30
N SER A 70 -10.88 -5.57 1.56
CA SER A 70 -10.31 -6.32 2.68
C SER A 70 -9.24 -7.29 2.19
N THR A 71 -7.99 -6.97 2.47
CA THR A 71 -6.87 -7.82 2.05
C THR A 71 -6.96 -9.19 2.72
N GLN A 72 -7.58 -9.25 3.89
CA GLN A 72 -7.73 -10.50 4.63
C GLN A 72 -8.36 -11.57 3.76
N GLY A 73 -9.32 -11.16 2.92
CA GLY A 73 -10.00 -12.10 2.04
C GLY A 73 -9.27 -12.30 0.73
N LEU A 74 -8.18 -11.56 0.55
CA LEU A 74 -7.39 -11.65 -0.68
C LEU A 74 -5.99 -12.21 -0.39
N THR A 75 -5.32 -12.65 -1.44
CA THR A 75 -3.97 -13.21 -1.30
C THR A 75 -2.92 -12.24 -1.81
N HIS A 76 -1.66 -12.66 -1.75
CA HIS A 76 -0.55 -11.82 -2.21
C HIS A 76 -0.79 -11.36 -3.65
N ALA A 77 -1.23 -12.28 -4.50
CA ALA A 77 -1.50 -11.96 -5.90
C ALA A 77 -2.67 -10.99 -6.03
N GLN A 78 -3.86 -11.45 -5.67
CA GLN A 78 -5.06 -10.63 -5.74
C GLN A 78 -4.75 -9.18 -5.37
N ALA A 79 -4.03 -9.01 -4.27
CA ALA A 79 -3.67 -7.67 -3.80
C ALA A 79 -2.98 -6.87 -4.90
N VAL A 80 -1.90 -7.42 -5.44
CA VAL A 80 -1.15 -6.77 -6.51
C VAL A 80 -2.07 -6.40 -7.67
N GLU A 81 -3.06 -7.25 -7.94
CA GLU A 81 -4.00 -7.02 -9.02
C GLU A 81 -4.93 -5.85 -8.69
N ARG A 82 -5.54 -5.91 -7.52
CA ARG A 82 -6.46 -4.87 -7.09
C ARG A 82 -5.88 -3.47 -7.39
N ILE A 83 -4.56 -3.38 -7.39
CA ILE A 83 -3.88 -2.13 -7.66
C ILE A 83 -3.81 -1.85 -9.16
N ARG A 84 -3.22 -2.78 -9.91
CA ARG A 84 -3.09 -2.62 -11.35
C ARG A 84 -4.44 -2.33 -11.98
N ALA A 85 -5.49 -2.94 -11.45
CA ALA A 85 -6.85 -2.74 -11.97
C ALA A 85 -7.51 -1.55 -11.31
N GLY A 86 -6.87 -1.02 -10.27
CA GLY A 86 -7.42 0.12 -9.55
C GLY A 86 -7.86 1.23 -10.49
N GLY A 87 -7.08 1.45 -11.54
CA GLY A 87 -7.41 2.49 -12.51
C GLY A 87 -6.35 3.58 -12.55
N PRO A 88 -6.76 4.78 -13.00
CA PRO A 88 -5.86 5.93 -13.11
C PRO A 88 -5.44 6.47 -11.74
N GLN A 89 -6.24 6.18 -10.72
CA GLN A 89 -5.94 6.63 -9.38
C GLN A 89 -5.68 5.45 -8.44
N LEU A 90 -4.52 5.46 -7.79
CA LEU A 90 -4.15 4.40 -6.87
C LEU A 90 -4.57 4.72 -5.45
N HIS A 91 -5.16 3.73 -4.77
CA HIS A 91 -5.62 3.92 -3.40
C HIS A 91 -5.13 2.78 -2.51
N LEU A 92 -4.22 3.09 -1.60
CA LEU A 92 -3.68 2.08 -0.69
C LEU A 92 -3.74 2.57 0.76
N VAL A 93 -4.42 1.80 1.60
CA VAL A 93 -4.56 2.15 3.01
C VAL A 93 -3.33 1.74 3.80
N ILE A 94 -2.62 2.72 4.36
CA ILE A 94 -1.43 2.46 5.14
C ILE A 94 -1.47 3.21 6.47
N ARG A 95 -0.95 2.56 7.52
CA ARG A 95 -0.93 3.15 8.85
C ARG A 95 0.49 3.19 9.40
N ARG A 96 1.20 4.28 9.14
CA ARG A 96 2.57 4.44 9.61
C ARG A 96 2.72 3.92 11.04
N PRO A 97 3.27 2.70 11.17
CA PRO A 97 3.48 2.07 12.46
C PRO A 97 4.57 2.76 13.28
N LEU A 98 4.77 2.29 14.52
CA LEU A 98 5.78 2.87 15.39
C LEU A 98 7.09 2.10 15.28
N SER A 99 7.92 2.50 14.33
CA SER A 99 9.21 1.85 14.12
C SER A 99 10.35 2.80 14.48
N GLY A 100 10.91 2.62 15.68
CA GLY A 100 12.01 3.46 16.11
C GLY A 100 11.65 4.29 17.34
N PRO A 101 11.77 3.68 18.52
CA PRO A 101 11.46 4.35 19.79
C PRO A 101 12.46 5.44 20.13
N SER A 102 11.99 6.68 20.20
CA SER A 102 12.85 7.82 20.52
C SER A 102 14.16 7.74 19.73
N SER A 103 14.07 7.28 18.49
CA SER A 103 15.25 7.15 17.63
C SER A 103 14.94 7.64 16.21
N GLY A 104 15.99 7.77 15.41
CA GLY A 104 15.81 8.24 14.04
C GLY A 104 14.86 9.40 13.94
N GLY A 1 -17.38 25.57 -1.53
CA GLY A 1 -16.42 25.63 -0.44
C GLY A 1 -15.83 24.28 -0.10
N SER A 2 -15.88 23.91 1.17
CA SER A 2 -15.34 22.64 1.63
C SER A 2 -16.42 21.55 1.61
N SER A 3 -16.66 20.99 0.44
CA SER A 3 -17.68 19.95 0.29
C SER A 3 -17.31 18.72 1.13
N GLY A 4 -16.06 18.29 1.02
CA GLY A 4 -15.61 17.13 1.78
C GLY A 4 -14.63 17.50 2.86
N SER A 5 -14.67 16.76 3.97
CA SER A 5 -13.78 17.02 5.10
C SER A 5 -12.56 16.10 5.05
N SER A 6 -11.47 16.60 4.50
CA SER A 6 -10.24 15.82 4.40
C SER A 6 -9.06 16.57 5.00
N GLY A 7 -8.22 15.85 5.75
CA GLY A 7 -7.06 16.48 6.37
C GLY A 7 -6.73 15.86 7.71
N GLN A 8 -7.76 15.55 8.49
CA GLN A 8 -7.57 14.96 9.81
C GLN A 8 -7.84 13.46 9.78
N ALA A 9 -6.82 12.66 10.12
CA ALA A 9 -6.96 11.22 10.13
C ALA A 9 -5.92 10.57 11.03
N SER A 10 -6.35 10.11 12.20
CA SER A 10 -5.45 9.48 13.16
C SER A 10 -5.57 7.97 13.11
N GLY A 11 -4.58 7.33 12.50
CA GLY A 11 -4.59 5.87 12.39
C GLY A 11 -4.25 5.40 10.99
N HIS A 12 -5.27 5.01 10.23
CA HIS A 12 -5.08 4.53 8.87
C HIS A 12 -5.25 5.67 7.86
N PHE A 13 -4.54 5.58 6.74
CA PHE A 13 -4.60 6.60 5.70
C PHE A 13 -4.55 5.96 4.31
N SER A 14 -5.05 6.69 3.32
CA SER A 14 -5.06 6.20 1.94
C SER A 14 -3.90 6.80 1.15
N VAL A 15 -3.56 6.15 0.03
CA VAL A 15 -2.48 6.62 -0.82
C VAL A 15 -2.97 6.86 -2.25
N GLU A 16 -2.91 8.11 -2.68
CA GLU A 16 -3.35 8.47 -4.03
C GLU A 16 -2.16 8.89 -4.89
N LEU A 17 -2.06 8.29 -6.07
CA LEU A 17 -0.96 8.60 -7.00
C LEU A 17 -1.47 8.66 -8.43
N VAL A 18 -0.63 9.16 -9.33
CA VAL A 18 -0.98 9.26 -10.74
C VAL A 18 -0.11 8.35 -11.60
N ARG A 19 -0.75 7.44 -12.33
CA ARG A 19 -0.03 6.51 -13.19
C ARG A 19 1.00 7.25 -14.05
N GLY A 20 2.25 7.20 -13.63
CA GLY A 20 3.31 7.86 -14.37
C GLY A 20 3.96 6.95 -15.39
N TYR A 21 5.22 6.61 -15.15
CA TYR A 21 5.97 5.74 -16.05
C TYR A 21 6.03 4.32 -15.51
N ALA A 22 5.68 3.36 -16.35
CA ALA A 22 5.72 1.95 -15.96
C ALA A 22 4.72 1.68 -14.83
N GLY A 23 3.54 2.28 -14.94
CA GLY A 23 2.52 2.08 -13.92
C GLY A 23 2.74 2.96 -12.71
N PHE A 24 3.17 2.35 -11.60
CA PHE A 24 3.41 3.08 -10.37
C PHE A 24 4.82 2.83 -9.85
N GLY A 25 5.29 1.59 -10.03
CA GLY A 25 6.62 1.23 -9.58
C GLY A 25 6.63 0.74 -8.15
N LEU A 26 5.50 0.20 -7.70
CA LEU A 26 5.38 -0.30 -6.33
C LEU A 26 5.36 -1.83 -6.31
N THR A 27 6.16 -2.41 -5.43
CA THR A 27 6.23 -3.86 -5.31
C THR A 27 5.92 -4.31 -3.89
N LEU A 28 5.30 -5.48 -3.77
CA LEU A 28 4.94 -6.03 -2.47
C LEU A 28 5.64 -7.36 -2.22
N GLY A 29 6.32 -7.46 -1.08
CA GLY A 29 7.02 -8.68 -0.74
C GLY A 29 6.44 -9.37 0.48
N GLY A 30 5.94 -10.58 0.30
CA GLY A 30 5.36 -11.32 1.40
C GLY A 30 3.89 -11.61 1.20
N GLY A 31 3.06 -11.20 2.15
CA GLY A 31 1.63 -11.43 2.05
C GLY A 31 1.25 -12.85 2.40
N ARG A 32 -0.03 -13.19 2.22
CA ARG A 32 -0.52 -14.53 2.52
C ARG A 32 -0.05 -15.53 1.47
N ASP A 33 0.93 -16.33 1.82
CA ASP A 33 1.47 -17.34 0.90
C ASP A 33 1.40 -18.73 1.51
N VAL A 34 1.19 -19.73 0.67
CA VAL A 34 1.09 -21.11 1.13
C VAL A 34 2.35 -21.51 1.91
N ALA A 35 3.46 -20.86 1.61
CA ALA A 35 4.72 -21.15 2.27
C ALA A 35 5.00 -20.12 3.37
N GLY A 36 3.94 -19.58 3.95
CA GLY A 36 4.09 -18.60 5.01
C GLY A 36 3.13 -17.44 4.88
N ASP A 37 2.57 -17.00 6.00
CA ASP A 37 1.62 -15.90 6.00
C ASP A 37 2.22 -14.67 6.67
N THR A 38 2.54 -13.66 5.87
CA THR A 38 3.13 -12.42 6.39
C THR A 38 2.32 -11.20 5.94
N PRO A 39 2.40 -10.13 6.73
CA PRO A 39 1.69 -8.88 6.44
C PRO A 39 2.27 -8.14 5.24
N LEU A 40 1.46 -7.97 4.21
CA LEU A 40 1.91 -7.28 3.01
C LEU A 40 2.54 -5.94 3.34
N ALA A 41 3.77 -5.73 2.89
CA ALA A 41 4.47 -4.48 3.14
C ALA A 41 5.34 -4.09 1.95
N VAL A 42 5.42 -2.79 1.69
CA VAL A 42 6.23 -2.28 0.58
C VAL A 42 7.60 -2.92 0.55
N ARG A 43 7.92 -3.60 -0.55
CA ARG A 43 9.21 -4.26 -0.70
C ARG A 43 10.23 -3.32 -1.34
N GLY A 44 10.04 -3.02 -2.62
CA GLY A 44 10.94 -2.15 -3.33
C GLY A 44 10.25 -0.91 -3.87
N LEU A 45 11.01 0.15 -4.09
CA LEU A 45 10.47 1.40 -4.60
C LEU A 45 11.16 1.80 -5.90
N LEU A 46 10.44 1.63 -7.01
CA LEU A 46 10.98 1.98 -8.33
C LEU A 46 11.75 3.29 -8.27
N LYS A 47 13.01 3.25 -8.72
CA LYS A 47 13.84 4.45 -8.72
C LYS A 47 13.24 5.54 -9.59
N ASP A 48 13.15 6.75 -9.04
CA ASP A 48 12.58 7.87 -9.76
C ASP A 48 11.14 7.60 -10.17
N GLY A 49 10.36 7.04 -9.23
CA GLY A 49 8.98 6.73 -9.51
C GLY A 49 8.02 7.68 -8.82
N PRO A 50 6.73 7.56 -9.14
CA PRO A 50 5.69 8.42 -8.55
C PRO A 50 5.46 8.12 -7.08
N ALA A 51 5.77 6.89 -6.66
CA ALA A 51 5.60 6.48 -5.27
C ALA A 51 6.82 6.86 -4.44
N GLN A 52 8.00 6.51 -4.94
CA GLN A 52 9.24 6.82 -4.24
C GLN A 52 9.42 8.33 -4.07
N ARG A 53 9.04 9.08 -5.10
CA ARG A 53 9.16 10.53 -5.07
C ARG A 53 8.18 11.13 -4.06
N CYS A 54 6.92 10.69 -4.12
CA CYS A 54 5.89 11.18 -3.23
C CYS A 54 6.32 11.04 -1.77
N GLY A 55 7.04 9.96 -1.48
CA GLY A 55 7.51 9.72 -0.12
C GLY A 55 6.45 9.03 0.74
N ARG A 56 5.20 9.47 0.60
CA ARG A 56 4.10 8.89 1.37
C ARG A 56 4.29 7.38 1.53
N LEU A 57 4.79 6.74 0.47
CA LEU A 57 5.02 5.30 0.49
C LEU A 57 6.51 4.98 0.60
N GLU A 58 6.86 4.21 1.63
CA GLU A 58 8.26 3.83 1.85
C GLU A 58 8.36 2.35 2.25
N VAL A 59 9.54 1.78 2.06
CA VAL A 59 9.77 0.39 2.40
C VAL A 59 9.51 0.13 3.87
N GLY A 60 8.68 -0.87 4.15
CA GLY A 60 8.36 -1.21 5.54
C GLY A 60 6.89 -1.01 5.84
N ASP A 61 6.28 -0.01 5.21
CA ASP A 61 4.87 0.29 5.44
C ASP A 61 4.04 -0.99 5.47
N LEU A 62 2.95 -0.97 6.23
CA LEU A 62 2.08 -2.13 6.34
C LEU A 62 0.73 -1.87 5.69
N VAL A 63 0.34 -2.73 4.76
CA VAL A 63 -0.94 -2.59 4.06
C VAL A 63 -2.05 -3.33 4.80
N LEU A 64 -3.12 -2.61 5.10
CA LEU A 64 -4.26 -3.19 5.81
C LEU A 64 -5.45 -3.36 4.87
N HIS A 65 -5.48 -2.55 3.81
CA HIS A 65 -6.56 -2.61 2.84
C HIS A 65 -6.11 -2.08 1.49
N ILE A 66 -6.99 -2.17 0.49
CA ILE A 66 -6.67 -1.69 -0.85
C ILE A 66 -7.94 -1.37 -1.62
N ASN A 67 -7.94 -0.21 -2.30
CA ASN A 67 -9.10 0.22 -3.08
C ASN A 67 -10.38 0.04 -2.29
N GLY A 68 -10.35 0.42 -1.01
CA GLY A 68 -11.52 0.30 -0.16
C GLY A 68 -12.01 -1.14 -0.06
N GLU A 69 -11.08 -2.08 -0.09
CA GLU A 69 -11.43 -3.50 0.00
C GLU A 69 -10.77 -4.14 1.22
N SER A 70 -11.13 -5.39 1.49
CA SER A 70 -10.59 -6.12 2.63
C SER A 70 -9.57 -7.17 2.17
N THR A 71 -8.29 -6.91 2.43
CA THR A 71 -7.24 -7.83 2.05
C THR A 71 -7.12 -8.99 3.03
N GLN A 72 -8.10 -9.09 3.93
CA GLN A 72 -8.11 -10.15 4.93
C GLN A 72 -8.09 -11.53 4.28
N GLY A 73 -8.66 -11.61 3.08
CA GLY A 73 -8.69 -12.88 2.37
C GLY A 73 -8.12 -12.76 0.97
N LEU A 74 -7.29 -11.76 0.75
CA LEU A 74 -6.67 -11.54 -0.55
C LEU A 74 -5.16 -11.74 -0.48
N THR A 75 -4.62 -12.47 -1.47
CA THR A 75 -3.19 -12.73 -1.51
C THR A 75 -2.45 -11.65 -2.30
N HIS A 76 -1.15 -11.84 -2.48
CA HIS A 76 -0.33 -10.88 -3.22
C HIS A 76 -0.93 -10.60 -4.60
N ALA A 77 -1.18 -11.67 -5.36
CA ALA A 77 -1.74 -11.55 -6.69
C ALA A 77 -3.07 -10.79 -6.66
N GLN A 78 -3.94 -11.16 -5.72
CA GLN A 78 -5.24 -10.51 -5.59
C GLN A 78 -5.07 -9.03 -5.28
N ALA A 79 -4.43 -8.73 -4.15
CA ALA A 79 -4.20 -7.35 -3.74
C ALA A 79 -3.66 -6.51 -4.90
N VAL A 80 -2.64 -7.05 -5.58
CA VAL A 80 -2.03 -6.35 -6.71
C VAL A 80 -3.05 -6.11 -7.82
N GLU A 81 -3.73 -7.17 -8.24
CA GLU A 81 -4.72 -7.07 -9.30
C GLU A 81 -5.74 -5.97 -8.99
N ARG A 82 -6.17 -5.90 -7.74
CA ARG A 82 -7.13 -4.90 -7.32
C ARG A 82 -6.63 -3.49 -7.64
N ILE A 83 -5.37 -3.23 -7.32
CA ILE A 83 -4.77 -1.92 -7.57
C ILE A 83 -4.87 -1.55 -9.04
N ARG A 84 -4.28 -2.37 -9.90
CA ARG A 84 -4.31 -2.14 -11.34
C ARG A 84 -5.73 -1.91 -11.83
N ALA A 85 -6.63 -2.82 -11.44
CA ALA A 85 -8.03 -2.72 -11.84
C ALA A 85 -8.66 -1.44 -11.31
N GLY A 86 -8.14 -0.96 -10.18
CA GLY A 86 -8.67 0.26 -9.59
C GLY A 86 -8.84 1.38 -10.59
N GLY A 87 -7.95 1.43 -11.57
CA GLY A 87 -8.01 2.47 -12.58
C GLY A 87 -6.72 3.25 -12.70
N PRO A 88 -6.82 4.47 -13.25
CA PRO A 88 -5.65 5.35 -13.43
C PRO A 88 -5.12 5.88 -12.11
N GLN A 89 -5.93 5.78 -11.05
CA GLN A 89 -5.54 6.25 -9.74
C GLN A 89 -5.31 5.08 -8.78
N LEU A 90 -4.18 5.11 -8.08
CA LEU A 90 -3.84 4.05 -7.15
C LEU A 90 -4.32 4.39 -5.74
N HIS A 91 -4.96 3.43 -5.08
CA HIS A 91 -5.47 3.63 -3.73
C HIS A 91 -5.02 2.50 -2.80
N LEU A 92 -4.16 2.84 -1.85
CA LEU A 92 -3.64 1.85 -0.90
C LEU A 92 -3.73 2.38 0.53
N VAL A 93 -4.13 1.51 1.45
CA VAL A 93 -4.25 1.89 2.86
C VAL A 93 -3.03 1.44 3.65
N ILE A 94 -2.40 2.38 4.35
CA ILE A 94 -1.23 2.08 5.14
C ILE A 94 -1.36 2.64 6.56
N ARG A 95 -0.80 1.93 7.53
CA ARG A 95 -0.86 2.35 8.93
C ARG A 95 0.53 2.36 9.55
N ARG A 96 1.14 3.54 9.64
CA ARG A 96 2.47 3.67 10.22
C ARG A 96 2.57 2.91 11.53
N PRO A 97 3.24 1.76 11.51
CA PRO A 97 3.42 0.90 12.69
C PRO A 97 4.36 1.54 13.72
N LEU A 98 3.96 1.48 14.99
CA LEU A 98 4.77 2.05 16.07
C LEU A 98 6.09 1.31 16.20
N SER A 99 7.08 1.97 16.81
CA SER A 99 8.39 1.37 17.01
C SER A 99 8.93 1.69 18.40
N GLY A 100 9.97 0.96 18.81
CA GLY A 100 10.56 1.18 20.11
C GLY A 100 12.01 1.61 20.03
N PRO A 101 12.93 0.63 19.97
CA PRO A 101 14.37 0.90 19.89
C PRO A 101 14.77 1.49 18.54
N SER A 102 14.93 2.80 18.50
CA SER A 102 15.31 3.49 17.27
C SER A 102 16.58 2.89 16.68
N SER A 103 16.91 3.29 15.46
CA SER A 103 18.10 2.78 14.79
C SER A 103 19.06 3.92 14.44
N GLY A 104 20.31 3.77 14.85
CA GLY A 104 21.31 4.79 14.58
C GLY A 104 21.49 5.75 15.74
N GLY A 1 -12.36 6.14 -1.26
CA GLY A 1 -11.84 6.52 0.04
C GLY A 1 -11.94 8.02 0.29
N SER A 2 -11.56 8.81 -0.71
CA SER A 2 -11.60 10.27 -0.59
C SER A 2 -11.15 10.71 0.80
N SER A 3 -10.08 10.09 1.30
CA SER A 3 -9.55 10.42 2.62
C SER A 3 -8.41 11.42 2.50
N GLY A 4 -8.56 12.57 3.15
CA GLY A 4 -7.54 13.59 3.11
C GLY A 4 -7.80 14.71 4.10
N SER A 5 -8.22 15.87 3.60
CA SER A 5 -8.50 17.02 4.44
C SER A 5 -9.62 16.70 5.44
N SER A 6 -10.77 16.30 4.91
CA SER A 6 -11.93 15.97 5.75
C SER A 6 -11.47 15.31 7.05
N GLY A 7 -11.81 15.93 8.18
CA GLY A 7 -11.43 15.37 9.46
C GLY A 7 -9.94 15.14 9.58
N GLN A 8 -9.52 14.57 10.70
CA GLN A 8 -8.10 14.29 10.94
C GLN A 8 -7.90 12.87 11.43
N ALA A 9 -7.17 12.07 10.64
CA ALA A 9 -6.90 10.68 10.98
C ALA A 9 -5.52 10.53 11.61
N SER A 10 -5.47 10.03 12.83
CA SER A 10 -4.21 9.84 13.54
C SER A 10 -3.88 8.35 13.67
N GLY A 11 -4.07 7.61 12.58
CA GLY A 11 -3.79 6.20 12.59
C GLY A 11 -3.57 5.64 11.20
N HIS A 12 -4.64 5.57 10.41
CA HIS A 12 -4.55 5.04 9.05
C HIS A 12 -4.65 6.17 8.03
N PHE A 13 -4.08 5.96 6.85
CA PHE A 13 -4.12 6.96 5.79
C PHE A 13 -4.15 6.29 4.41
N SER A 14 -4.48 7.08 3.39
CA SER A 14 -4.55 6.57 2.03
C SER A 14 -3.42 7.15 1.18
N VAL A 15 -3.13 6.48 0.06
CA VAL A 15 -2.07 6.92 -0.85
C VAL A 15 -2.62 7.16 -2.25
N GLU A 16 -2.52 8.39 -2.72
CA GLU A 16 -3.00 8.76 -4.05
C GLU A 16 -1.83 8.94 -5.02
N LEU A 17 -1.94 8.32 -6.19
CA LEU A 17 -0.91 8.43 -7.20
C LEU A 17 -1.50 8.30 -8.60
N VAL A 18 -0.78 8.84 -9.59
CA VAL A 18 -1.24 8.78 -10.97
C VAL A 18 -0.35 7.87 -11.81
N ARG A 19 -0.91 6.77 -12.29
CA ARG A 19 -0.16 5.81 -13.09
C ARG A 19 0.84 6.54 -13.99
N GLY A 20 2.12 6.33 -13.72
CA GLY A 20 3.17 6.97 -14.51
C GLY A 20 3.70 6.06 -15.60
N TYR A 21 5.02 6.09 -15.79
CA TYR A 21 5.66 5.27 -16.82
C TYR A 21 5.88 3.85 -16.31
N ALA A 22 5.39 2.86 -17.06
CA ALA A 22 5.55 1.47 -16.68
C ALA A 22 4.80 1.15 -15.39
N GLY A 23 3.59 1.69 -15.27
CA GLY A 23 2.79 1.46 -14.08
C GLY A 23 3.08 2.47 -12.98
N PHE A 24 2.87 2.06 -11.73
CA PHE A 24 3.11 2.94 -10.59
C PHE A 24 4.53 2.77 -10.07
N GLY A 25 5.05 1.55 -10.17
CA GLY A 25 6.40 1.27 -9.70
C GLY A 25 6.42 0.82 -8.25
N LEU A 26 5.32 0.22 -7.79
CA LEU A 26 5.22 -0.26 -6.42
C LEU A 26 5.15 -1.77 -6.37
N THR A 27 6.03 -2.39 -5.59
CA THR A 27 6.05 -3.83 -5.46
C THR A 27 5.94 -4.25 -4.00
N LEU A 28 5.08 -5.22 -3.73
CA LEU A 28 4.87 -5.72 -2.38
C LEU A 28 5.54 -7.08 -2.19
N GLY A 29 6.12 -7.28 -1.01
CA GLY A 29 6.78 -8.54 -0.71
C GLY A 29 6.23 -9.22 0.52
N GLY A 30 5.52 -10.32 0.32
CA GLY A 30 4.94 -11.04 1.44
C GLY A 30 3.51 -11.46 1.19
N GLY A 31 2.64 -11.20 2.15
CA GLY A 31 1.24 -11.56 2.01
C GLY A 31 0.98 -13.02 2.35
N ARG A 32 -0.15 -13.53 1.90
CA ARG A 32 -0.52 -14.93 2.16
C ARG A 32 0.16 -15.86 1.16
N ASP A 33 1.04 -16.71 1.67
CA ASP A 33 1.77 -17.66 0.84
C ASP A 33 1.38 -19.09 1.18
N VAL A 34 1.38 -19.96 0.17
CA VAL A 34 1.03 -21.36 0.36
C VAL A 34 1.98 -22.03 1.34
N ALA A 35 3.10 -21.37 1.62
CA ALA A 35 4.09 -21.91 2.54
C ALA A 35 4.01 -21.22 3.90
N GLY A 36 3.59 -19.95 3.88
CA GLY A 36 3.47 -19.20 5.11
C GLY A 36 2.61 -17.97 4.97
N ASP A 37 2.41 -17.24 6.06
CA ASP A 37 1.59 -16.03 6.04
C ASP A 37 2.38 -14.84 6.57
N THR A 38 2.22 -13.70 5.90
CA THR A 38 2.93 -12.48 6.30
C THR A 38 2.15 -11.23 5.87
N PRO A 39 2.24 -10.17 6.68
CA PRO A 39 1.55 -8.91 6.41
C PRO A 39 2.16 -8.17 5.22
N LEU A 40 1.36 -7.95 4.19
CA LEU A 40 1.81 -7.25 2.99
C LEU A 40 2.45 -5.90 3.35
N ALA A 41 3.66 -5.67 2.85
CA ALA A 41 4.37 -4.43 3.12
C ALA A 41 5.24 -4.03 1.93
N VAL A 42 5.30 -2.73 1.66
CA VAL A 42 6.09 -2.21 0.56
C VAL A 42 7.46 -2.87 0.50
N ARG A 43 7.79 -3.47 -0.64
CA ARG A 43 9.08 -4.13 -0.81
C ARG A 43 10.08 -3.21 -1.48
N GLY A 44 9.87 -2.92 -2.75
CA GLY A 44 10.76 -2.05 -3.48
C GLY A 44 10.09 -0.78 -3.95
N LEU A 45 10.88 0.26 -4.21
CA LEU A 45 10.35 1.54 -4.67
C LEU A 45 11.01 1.96 -5.97
N LEU A 46 10.23 1.98 -7.04
CA LEU A 46 10.73 2.38 -8.35
C LEU A 46 11.49 3.70 -8.27
N LYS A 47 12.74 3.69 -8.71
CA LYS A 47 13.56 4.89 -8.69
C LYS A 47 12.85 6.05 -9.38
N ASP A 48 12.82 7.20 -8.71
CA ASP A 48 12.17 8.38 -9.25
C ASP A 48 10.76 8.06 -9.74
N GLY A 49 10.04 7.26 -8.95
CA GLY A 49 8.69 6.88 -9.31
C GLY A 49 7.65 7.69 -8.56
N PRO A 50 6.37 7.46 -8.89
CA PRO A 50 5.25 8.17 -8.26
C PRO A 50 5.05 7.76 -6.81
N ALA A 51 5.26 6.48 -6.52
CA ALA A 51 5.11 5.95 -5.17
C ALA A 51 6.30 6.33 -4.30
N GLN A 52 7.48 6.42 -4.92
CA GLN A 52 8.69 6.77 -4.20
C GLN A 52 8.77 8.27 -3.96
N ARG A 53 8.34 9.05 -4.96
CA ARG A 53 8.37 10.50 -4.87
C ARG A 53 7.40 10.99 -3.80
N CYS A 54 6.19 10.45 -3.80
CA CYS A 54 5.17 10.83 -2.83
C CYS A 54 5.66 10.60 -1.41
N GLY A 55 6.39 9.50 -1.21
CA GLY A 55 6.90 9.17 0.10
C GLY A 55 5.93 8.34 0.92
N ARG A 56 4.65 8.71 0.86
CA ARG A 56 3.61 8.01 1.59
C ARG A 56 3.93 6.51 1.68
N LEU A 57 4.49 5.97 0.61
CA LEU A 57 4.85 4.56 0.56
C LEU A 57 6.36 4.37 0.64
N GLU A 58 6.81 3.64 1.65
CA GLU A 58 8.23 3.38 1.84
C GLU A 58 8.47 1.95 2.29
N VAL A 59 9.66 1.44 2.01
CA VAL A 59 10.03 0.07 2.38
C VAL A 59 9.77 -0.17 3.87
N GLY A 60 8.83 -1.06 4.17
CA GLY A 60 8.51 -1.36 5.55
C GLY A 60 7.06 -1.08 5.89
N ASP A 61 6.51 -0.02 5.29
CA ASP A 61 5.13 0.36 5.54
C ASP A 61 4.22 -0.87 5.52
N LEU A 62 3.25 -0.90 6.43
CA LEU A 62 2.31 -2.02 6.52
C LEU A 62 1.00 -1.68 5.83
N VAL A 63 0.50 -2.61 5.03
CA VAL A 63 -0.76 -2.42 4.32
C VAL A 63 -1.91 -3.13 5.01
N LEU A 64 -2.93 -2.37 5.38
CA LEU A 64 -4.10 -2.94 6.06
C LEU A 64 -5.25 -3.14 5.08
N HIS A 65 -5.32 -2.28 4.07
CA HIS A 65 -6.38 -2.37 3.06
C HIS A 65 -5.91 -1.80 1.73
N ILE A 66 -6.75 -1.91 0.71
CA ILE A 66 -6.42 -1.40 -0.61
C ILE A 66 -7.67 -1.05 -1.39
N ASN A 67 -7.65 0.12 -2.04
CA ASN A 67 -8.79 0.58 -2.83
C ASN A 67 -10.10 0.34 -2.08
N GLY A 68 -10.08 0.59 -0.77
CA GLY A 68 -11.27 0.40 0.04
C GLY A 68 -11.72 -1.05 0.08
N GLU A 69 -10.75 -1.96 0.03
CA GLU A 69 -11.05 -3.39 0.06
C GLU A 69 -10.45 -4.05 1.29
N SER A 70 -10.69 -5.34 1.45
CA SER A 70 -10.17 -6.09 2.59
C SER A 70 -9.14 -7.12 2.14
N THR A 71 -7.90 -6.93 2.58
CA THR A 71 -6.81 -7.84 2.23
C THR A 71 -6.96 -9.17 2.94
N GLN A 72 -7.79 -9.20 3.98
CA GLN A 72 -8.02 -10.42 4.74
C GLN A 72 -8.56 -11.53 3.84
N GLY A 73 -9.13 -11.15 2.71
CA GLY A 73 -9.67 -12.12 1.79
C GLY A 73 -8.91 -12.19 0.48
N LEU A 74 -7.98 -11.25 0.29
CA LEU A 74 -7.18 -11.19 -0.92
C LEU A 74 -5.75 -11.62 -0.64
N THR A 75 -5.15 -12.33 -1.59
CA THR A 75 -3.77 -12.80 -1.45
C THR A 75 -2.79 -11.83 -2.08
N HIS A 76 -1.52 -12.21 -2.10
CA HIS A 76 -0.47 -11.37 -2.69
C HIS A 76 -0.76 -11.10 -4.15
N ALA A 77 -1.31 -12.09 -4.84
CA ALA A 77 -1.64 -11.94 -6.26
C ALA A 77 -2.82 -11.00 -6.46
N GLN A 78 -3.96 -11.36 -5.86
CA GLN A 78 -5.16 -10.55 -5.98
C GLN A 78 -4.88 -9.09 -5.63
N ALA A 79 -4.31 -8.87 -4.45
CA ALA A 79 -3.98 -7.52 -4.00
C ALA A 79 -3.36 -6.70 -5.12
N VAL A 80 -2.42 -7.32 -5.84
CA VAL A 80 -1.74 -6.65 -6.95
C VAL A 80 -2.71 -6.39 -8.10
N GLU A 81 -3.64 -7.31 -8.31
CA GLU A 81 -4.62 -7.18 -9.38
C GLU A 81 -5.61 -6.04 -9.08
N ARG A 82 -5.93 -5.88 -7.81
CA ARG A 82 -6.86 -4.83 -7.39
C ARG A 82 -6.31 -3.45 -7.74
N ILE A 83 -5.05 -3.22 -7.43
CA ILE A 83 -4.41 -1.94 -7.71
C ILE A 83 -4.47 -1.61 -9.20
N ARG A 84 -3.80 -2.42 -10.01
CA ARG A 84 -3.77 -2.22 -11.45
C ARG A 84 -5.19 -2.07 -12.00
N ALA A 85 -6.05 -3.02 -11.65
CA ALA A 85 -7.44 -2.99 -12.11
C ALA A 85 -8.16 -1.73 -11.62
N GLY A 86 -7.78 -1.27 -10.43
CA GLY A 86 -8.40 -0.09 -9.87
C GLY A 86 -8.62 1.00 -10.90
N GLY A 87 -7.61 1.23 -11.74
CA GLY A 87 -7.73 2.25 -12.77
C GLY A 87 -6.54 3.20 -12.77
N PRO A 88 -6.76 4.40 -13.32
CA PRO A 88 -5.71 5.43 -13.39
C PRO A 88 -5.36 6.00 -12.03
N GLN A 89 -6.23 5.78 -11.06
CA GLN A 89 -6.01 6.27 -9.70
C GLN A 89 -5.62 5.14 -8.76
N LEU A 90 -4.56 5.35 -7.99
CA LEU A 90 -4.09 4.33 -7.06
C LEU A 90 -4.46 4.70 -5.63
N HIS A 91 -5.07 3.76 -4.92
CA HIS A 91 -5.48 3.98 -3.54
C HIS A 91 -5.04 2.83 -2.65
N LEU A 92 -4.25 3.15 -1.62
CA LEU A 92 -3.75 2.13 -0.70
C LEU A 92 -3.80 2.65 0.75
N VAL A 93 -4.28 1.80 1.65
CA VAL A 93 -4.38 2.16 3.06
C VAL A 93 -3.15 1.70 3.84
N ILE A 94 -2.32 2.64 4.24
CA ILE A 94 -1.10 2.33 4.99
C ILE A 94 -1.17 2.92 6.39
N ARG A 95 -0.60 2.19 7.36
CA ARG A 95 -0.59 2.65 8.74
C ARG A 95 0.80 2.50 9.35
N ARG A 96 1.55 3.60 9.37
CA ARG A 96 2.90 3.59 9.92
C ARG A 96 2.90 3.05 11.34
N PRO A 97 3.72 2.02 11.58
CA PRO A 97 3.85 1.39 12.90
C PRO A 97 4.52 2.30 13.92
N LEU A 98 4.56 1.85 15.17
CA LEU A 98 5.17 2.63 16.25
C LEU A 98 6.13 1.77 17.05
N SER A 99 5.64 0.62 17.52
CA SER A 99 6.45 -0.30 18.31
C SER A 99 7.36 -1.13 17.42
N GLY A 100 8.65 -1.17 17.77
CA GLY A 100 9.60 -1.92 16.98
C GLY A 100 10.84 -1.12 16.65
N PRO A 101 10.84 -0.49 15.46
CA PRO A 101 11.97 0.31 14.99
C PRO A 101 12.12 1.61 15.78
N SER A 102 13.28 1.78 16.40
CA SER A 102 13.56 2.98 17.19
C SER A 102 14.72 3.77 16.60
N SER A 103 14.41 4.67 15.67
CA SER A 103 15.43 5.49 15.04
C SER A 103 15.76 6.72 15.88
N GLY A 104 14.72 7.45 16.27
CA GLY A 104 14.91 8.64 17.07
C GLY A 104 13.64 9.06 17.80
N GLY A 1 -18.92 14.48 15.14
CA GLY A 1 -19.89 13.49 14.70
C GLY A 1 -19.86 13.28 13.21
N SER A 2 -20.55 12.24 12.73
CA SER A 2 -20.61 11.92 11.32
C SER A 2 -21.92 11.24 10.96
N SER A 3 -22.56 11.72 9.90
CA SER A 3 -23.84 11.17 9.45
C SER A 3 -23.67 10.42 8.13
N GLY A 4 -24.45 9.36 7.97
CA GLY A 4 -24.37 8.57 6.75
C GLY A 4 -23.69 7.24 6.96
N SER A 5 -22.80 6.88 6.03
CA SER A 5 -22.07 5.62 6.12
C SER A 5 -21.18 5.59 7.36
N SER A 6 -21.54 4.75 8.32
CA SER A 6 -20.77 4.63 9.55
C SER A 6 -19.49 3.82 9.32
N GLY A 7 -18.35 4.51 9.38
CA GLY A 7 -17.08 3.85 9.18
C GLY A 7 -16.09 4.13 10.29
N GLN A 8 -15.34 3.11 10.70
CA GLN A 8 -14.36 3.24 11.77
C GLN A 8 -12.96 3.45 11.20
N ALA A 9 -12.55 4.71 11.09
CA ALA A 9 -11.24 5.04 10.56
C ALA A 9 -10.43 5.85 11.56
N SER A 10 -9.25 5.35 11.91
CA SER A 10 -8.38 6.03 12.87
C SER A 10 -6.92 5.80 12.53
N GLY A 11 -6.25 6.86 12.07
CA GLY A 11 -4.83 6.75 11.72
C GLY A 11 -4.64 6.30 10.28
N HIS A 12 -5.18 5.13 9.94
CA HIS A 12 -5.06 4.59 8.60
C HIS A 12 -5.23 5.69 7.56
N PHE A 13 -4.24 5.83 6.67
CA PHE A 13 -4.29 6.84 5.63
C PHE A 13 -4.30 6.20 4.24
N SER A 14 -4.72 6.95 3.24
CA SER A 14 -4.78 6.46 1.88
C SER A 14 -3.70 7.10 1.02
N VAL A 15 -3.30 6.39 -0.04
CA VAL A 15 -2.27 6.89 -0.95
C VAL A 15 -2.85 7.15 -2.34
N GLU A 16 -2.74 8.40 -2.78
CA GLU A 16 -3.25 8.79 -4.10
C GLU A 16 -2.10 9.09 -5.05
N LEU A 17 -1.87 8.18 -5.99
CA LEU A 17 -0.80 8.36 -6.97
C LEU A 17 -1.34 8.26 -8.39
N VAL A 18 -0.60 8.82 -9.35
CA VAL A 18 -1.01 8.80 -10.74
C VAL A 18 -0.07 7.92 -11.57
N ARG A 19 -0.64 6.90 -12.20
CA ARG A 19 0.15 5.98 -13.03
C ARG A 19 1.25 6.73 -13.79
N GLY A 20 2.49 6.31 -13.59
CA GLY A 20 3.60 6.95 -14.25
C GLY A 20 4.14 6.13 -15.41
N TYR A 21 5.38 5.67 -15.28
CA TYR A 21 6.01 4.87 -16.33
C TYR A 21 5.72 3.39 -16.12
N ALA A 22 5.19 2.75 -17.17
CA ALA A 22 4.86 1.33 -17.11
C ALA A 22 4.34 0.95 -15.73
N GLY A 23 3.36 1.70 -15.24
CA GLY A 23 2.78 1.42 -13.94
C GLY A 23 3.14 2.47 -12.91
N PHE A 24 3.09 2.09 -11.64
CA PHE A 24 3.42 3.01 -10.56
C PHE A 24 4.84 2.79 -10.06
N GLY A 25 5.34 1.57 -10.23
CA GLY A 25 6.68 1.25 -9.79
C GLY A 25 6.74 0.79 -8.35
N LEU A 26 5.59 0.34 -7.83
CA LEU A 26 5.51 -0.12 -6.45
C LEU A 26 5.31 -1.63 -6.40
N THR A 27 6.15 -2.31 -5.62
CA THR A 27 6.06 -3.77 -5.49
C THR A 27 5.90 -4.17 -4.03
N LEU A 28 5.23 -5.29 -3.80
CA LEU A 28 5.01 -5.79 -2.45
C LEU A 28 5.87 -7.01 -2.17
N GLY A 29 6.22 -7.21 -0.90
CA GLY A 29 7.04 -8.36 -0.53
C GLY A 29 6.45 -9.12 0.64
N GLY A 30 5.85 -10.28 0.35
CA GLY A 30 5.27 -11.09 1.40
C GLY A 30 3.81 -11.40 1.14
N GLY A 31 2.99 -11.35 2.20
CA GLY A 31 1.57 -11.62 2.05
C GLY A 31 1.24 -13.07 2.35
N ARG A 32 0.33 -13.63 1.56
CA ARG A 32 -0.08 -15.02 1.75
C ARG A 32 0.70 -15.95 0.82
N ASP A 33 1.56 -16.78 1.40
CA ASP A 33 2.36 -17.71 0.63
C ASP A 33 1.95 -19.15 0.92
N VAL A 34 1.98 -20.00 -0.11
CA VAL A 34 1.61 -21.40 0.04
C VAL A 34 2.39 -22.05 1.16
N ALA A 35 3.66 -21.65 1.32
CA ALA A 35 4.51 -22.19 2.37
C ALA A 35 4.98 -21.10 3.32
N GLY A 36 4.18 -20.04 3.45
CA GLY A 36 4.53 -18.95 4.33
C GLY A 36 3.40 -17.94 4.47
N ASP A 37 3.34 -17.31 5.64
CA ASP A 37 2.30 -16.32 5.91
C ASP A 37 2.89 -15.08 6.56
N THR A 38 2.88 -13.96 5.84
CA THR A 38 3.42 -12.71 6.36
C THR A 38 2.55 -11.53 5.93
N PRO A 39 2.56 -10.46 6.76
CA PRO A 39 1.78 -9.26 6.49
C PRO A 39 2.33 -8.46 5.31
N LEU A 40 1.49 -8.25 4.30
CA LEU A 40 1.89 -7.50 3.12
C LEU A 40 2.57 -6.19 3.50
N ALA A 41 3.74 -5.95 2.93
CA ALA A 41 4.48 -4.73 3.21
C ALA A 41 5.35 -4.33 2.02
N VAL A 42 5.40 -3.03 1.72
CA VAL A 42 6.19 -2.53 0.61
C VAL A 42 7.54 -3.24 0.53
N ARG A 43 7.98 -3.53 -0.69
CA ARG A 43 9.25 -4.21 -0.91
C ARG A 43 10.24 -3.30 -1.62
N GLY A 44 9.94 -2.98 -2.88
CA GLY A 44 10.80 -2.11 -3.66
C GLY A 44 10.12 -0.83 -4.09
N LEU A 45 10.91 0.19 -4.37
CA LEU A 45 10.37 1.48 -4.79
C LEU A 45 11.08 1.98 -6.05
N LEU A 46 10.41 1.84 -7.20
CA LEU A 46 10.98 2.28 -8.46
C LEU A 46 11.64 3.64 -8.32
N LYS A 47 12.85 3.77 -8.85
CA LYS A 47 13.59 5.02 -8.80
C LYS A 47 12.90 6.09 -9.62
N ASP A 48 12.71 7.27 -9.02
CA ASP A 48 12.07 8.38 -9.71
C ASP A 48 10.64 8.03 -10.09
N GLY A 49 9.94 7.35 -9.18
CA GLY A 49 8.56 6.96 -9.44
C GLY A 49 7.56 7.84 -8.71
N PRO A 50 6.28 7.71 -9.07
CA PRO A 50 5.20 8.49 -8.45
C PRO A 50 4.94 8.07 -7.01
N ALA A 51 5.33 6.86 -6.67
CA ALA A 51 5.14 6.35 -5.32
C ALA A 51 6.34 6.67 -4.43
N GLN A 52 7.54 6.51 -4.98
CA GLN A 52 8.75 6.78 -4.24
C GLN A 52 8.92 8.27 -3.98
N ARG A 53 8.66 9.08 -5.01
CA ARG A 53 8.76 10.52 -4.90
C ARG A 53 7.87 11.06 -3.79
N CYS A 54 6.60 10.63 -3.81
CA CYS A 54 5.63 11.06 -2.81
C CYS A 54 6.14 10.78 -1.41
N GLY A 55 6.87 9.67 -1.26
CA GLY A 55 7.39 9.30 0.04
C GLY A 55 6.37 8.57 0.88
N ARG A 56 5.13 9.04 0.85
CA ARG A 56 4.06 8.43 1.63
C ARG A 56 4.25 6.92 1.72
N LEU A 57 4.74 6.32 0.65
CA LEU A 57 4.97 4.88 0.61
C LEU A 57 6.45 4.56 0.80
N GLU A 58 6.74 3.69 1.77
CA GLU A 58 8.11 3.31 2.06
C GLU A 58 8.21 1.80 2.32
N VAL A 59 9.42 1.26 2.19
CA VAL A 59 9.64 -0.16 2.41
C VAL A 59 9.42 -0.53 3.87
N GLY A 60 8.56 -1.52 4.11
CA GLY A 60 8.28 -1.95 5.45
C GLY A 60 6.86 -1.61 5.90
N ASP A 61 6.32 -0.53 5.33
CA ASP A 61 4.97 -0.09 5.67
C ASP A 61 3.99 -1.28 5.65
N LEU A 62 3.00 -1.22 6.53
CA LEU A 62 2.00 -2.28 6.61
C LEU A 62 0.72 -1.88 5.89
N VAL A 63 0.24 -2.76 5.01
CA VAL A 63 -0.99 -2.49 4.26
C VAL A 63 -2.18 -3.17 4.92
N LEU A 64 -3.17 -2.38 5.32
CA LEU A 64 -4.37 -2.91 5.95
C LEU A 64 -5.46 -3.20 4.92
N HIS A 65 -5.63 -2.28 3.98
CA HIS A 65 -6.63 -2.44 2.93
C HIS A 65 -6.17 -1.77 1.64
N ILE A 66 -6.90 -2.03 0.55
CA ILE A 66 -6.55 -1.46 -0.74
C ILE A 66 -7.82 -1.12 -1.53
N ASN A 67 -7.89 0.12 -2.02
CA ASN A 67 -9.03 0.56 -2.80
C ASN A 67 -10.34 0.29 -2.06
N GLY A 68 -10.34 0.59 -0.76
CA GLY A 68 -11.53 0.37 0.05
C GLY A 68 -11.97 -1.07 0.05
N GLU A 69 -11.04 -1.98 -0.25
CA GLU A 69 -11.35 -3.41 -0.28
C GLU A 69 -10.58 -4.15 0.80
N SER A 70 -11.32 -4.79 1.71
CA SER A 70 -10.70 -5.54 2.79
C SER A 70 -9.84 -6.68 2.26
N THR A 71 -8.58 -6.69 2.66
CA THR A 71 -7.64 -7.72 2.22
C THR A 71 -7.70 -8.94 3.14
N GLN A 72 -8.61 -8.91 4.11
CA GLN A 72 -8.77 -10.02 5.05
C GLN A 72 -8.90 -11.34 4.32
N GLY A 73 -9.57 -11.31 3.16
CA GLY A 73 -9.76 -12.52 2.39
C GLY A 73 -9.15 -12.42 1.00
N LEU A 74 -8.11 -11.60 0.87
CA LEU A 74 -7.45 -11.41 -0.42
C LEU A 74 -5.97 -11.77 -0.31
N THR A 75 -5.50 -12.63 -1.22
CA THR A 75 -4.11 -13.05 -1.23
C THR A 75 -3.23 -11.99 -1.89
N HIS A 76 -1.93 -12.30 -1.99
CA HIS A 76 -0.98 -11.37 -2.60
C HIS A 76 -1.41 -11.00 -4.02
N ALA A 77 -1.70 -12.02 -4.82
CA ALA A 77 -2.12 -11.82 -6.20
C ALA A 77 -3.43 -11.05 -6.26
N GLN A 78 -4.28 -11.26 -5.26
CA GLN A 78 -5.58 -10.60 -5.21
C GLN A 78 -5.41 -9.11 -4.87
N ALA A 79 -4.61 -8.83 -3.85
CA ALA A 79 -4.36 -7.46 -3.43
C ALA A 79 -3.61 -6.68 -4.51
N VAL A 80 -2.75 -7.38 -5.25
CA VAL A 80 -1.97 -6.75 -6.31
C VAL A 80 -2.84 -6.47 -7.53
N GLU A 81 -3.44 -7.51 -8.08
CA GLU A 81 -4.30 -7.38 -9.26
C GLU A 81 -5.21 -6.17 -9.12
N ARG A 82 -5.61 -5.87 -7.88
CA ARG A 82 -6.50 -4.74 -7.61
C ARG A 82 -5.80 -3.42 -7.95
N ILE A 83 -4.55 -3.29 -7.53
CA ILE A 83 -3.78 -2.08 -7.79
C ILE A 83 -3.78 -1.74 -9.27
N ARG A 84 -3.65 -2.77 -10.11
CA ARG A 84 -3.64 -2.57 -11.56
C ARG A 84 -5.03 -2.21 -12.07
N ALA A 85 -6.04 -2.96 -11.64
CA ALA A 85 -7.41 -2.71 -12.05
C ALA A 85 -7.96 -1.44 -11.40
N GLY A 86 -7.29 -0.99 -10.35
CA GLY A 86 -7.73 0.21 -9.66
C GLY A 86 -7.99 1.37 -10.60
N GLY A 87 -7.30 1.38 -11.73
CA GLY A 87 -7.47 2.44 -12.71
C GLY A 87 -6.29 3.40 -12.74
N PRO A 88 -6.53 4.62 -13.23
CA PRO A 88 -5.51 5.65 -13.33
C PRO A 88 -5.08 6.18 -11.96
N GLN A 89 -5.97 6.05 -10.97
CA GLN A 89 -5.69 6.51 -9.63
C GLN A 89 -5.48 5.34 -8.68
N LEU A 90 -4.34 5.31 -8.02
CA LEU A 90 -4.02 4.23 -7.08
C LEU A 90 -4.46 4.59 -5.66
N HIS A 91 -5.05 3.63 -4.97
CA HIS A 91 -5.52 3.84 -3.61
C HIS A 91 -5.06 2.72 -2.69
N LEU A 92 -4.19 3.06 -1.74
CA LEU A 92 -3.67 2.07 -0.80
C LEU A 92 -3.80 2.57 0.64
N VAL A 93 -4.26 1.69 1.52
CA VAL A 93 -4.44 2.04 2.93
C VAL A 93 -3.25 1.57 3.76
N ILE A 94 -2.51 2.52 4.32
CA ILE A 94 -1.35 2.20 5.14
C ILE A 94 -1.46 2.83 6.53
N ARG A 95 -0.91 2.15 7.53
CA ARG A 95 -0.94 2.65 8.90
C ARG A 95 0.44 2.57 9.55
N ARG A 96 1.15 3.71 9.54
CA ARG A 96 2.47 3.77 10.13
C ARG A 96 2.48 3.21 11.55
N PRO A 97 3.20 2.09 11.74
CA PRO A 97 3.30 1.45 13.05
C PRO A 97 4.12 2.27 14.05
N LEU A 98 4.40 1.67 15.21
CA LEU A 98 5.17 2.35 16.24
C LEU A 98 6.66 2.20 15.99
N SER A 99 7.47 2.78 16.88
CA SER A 99 8.92 2.71 16.76
C SER A 99 9.57 2.35 18.09
N GLY A 100 10.80 1.85 18.03
CA GLY A 100 11.50 1.47 19.24
C GLY A 100 12.73 0.61 18.95
N PRO A 101 12.56 -0.71 19.05
CA PRO A 101 13.64 -1.66 18.80
C PRO A 101 14.05 -1.72 17.33
N SER A 102 13.21 -1.15 16.47
CA SER A 102 13.47 -1.14 15.04
C SER A 102 14.53 -0.09 14.69
N SER A 103 15.34 -0.39 13.69
CA SER A 103 16.39 0.51 13.26
C SER A 103 16.56 0.48 11.74
N GLY A 104 16.78 1.64 11.14
CA GLY A 104 16.94 1.72 9.70
C GLY A 104 16.51 3.07 9.14
N GLY A 1 -25.39 5.94 -9.51
CA GLY A 1 -25.54 6.26 -8.09
C GLY A 1 -24.70 7.45 -7.69
N SER A 2 -24.31 7.50 -6.42
CA SER A 2 -23.50 8.60 -5.91
C SER A 2 -22.78 8.20 -4.62
N SER A 3 -21.46 8.08 -4.69
CA SER A 3 -20.66 7.70 -3.53
C SER A 3 -19.27 8.34 -3.59
N GLY A 4 -18.80 8.80 -2.45
CA GLY A 4 -17.48 9.42 -2.39
C GLY A 4 -16.54 8.70 -1.44
N SER A 5 -16.72 8.94 -0.15
CA SER A 5 -15.88 8.31 0.87
C SER A 5 -16.50 8.45 2.25
N SER A 6 -16.65 7.33 2.93
CA SER A 6 -17.22 7.31 4.27
C SER A 6 -16.36 6.51 5.24
N GLY A 7 -16.60 6.69 6.53
CA GLY A 7 -15.84 5.97 7.54
C GLY A 7 -14.89 6.88 8.30
N GLN A 8 -15.36 7.42 9.42
CA GLN A 8 -14.55 8.31 10.24
C GLN A 8 -13.71 7.51 11.24
N ALA A 9 -12.52 7.11 10.82
CA ALA A 9 -11.62 6.35 11.67
C ALA A 9 -10.22 6.98 11.70
N SER A 10 -9.45 6.63 12.73
CA SER A 10 -8.10 7.17 12.88
C SER A 10 -7.07 6.04 12.93
N GLY A 11 -5.83 6.38 12.59
CA GLY A 11 -4.78 5.38 12.59
C GLY A 11 -4.19 5.16 11.22
N HIS A 12 -4.97 4.49 10.35
CA HIS A 12 -4.52 4.21 9.00
C HIS A 12 -4.86 5.36 8.05
N PHE A 13 -4.06 5.51 7.00
CA PHE A 13 -4.27 6.58 6.04
C PHE A 13 -4.25 6.04 4.61
N SER A 14 -4.92 6.74 3.70
CA SER A 14 -4.99 6.32 2.31
C SER A 14 -3.79 6.87 1.52
N VAL A 15 -3.58 6.33 0.32
CA VAL A 15 -2.48 6.76 -0.52
C VAL A 15 -2.96 7.06 -1.94
N GLU A 16 -2.81 8.32 -2.35
CA GLU A 16 -3.24 8.74 -3.68
C GLU A 16 -2.03 8.95 -4.60
N LEU A 17 -2.01 8.23 -5.71
CA LEU A 17 -0.92 8.34 -6.68
C LEU A 17 -1.44 8.38 -8.11
N VAL A 18 -0.71 9.03 -8.99
CA VAL A 18 -1.10 9.13 -10.39
C VAL A 18 -0.29 8.18 -11.26
N ARG A 19 -0.98 7.21 -11.86
CA ARG A 19 -0.33 6.23 -12.72
C ARG A 19 0.79 6.87 -13.53
N GLY A 20 2.02 6.42 -13.31
CA GLY A 20 3.16 6.96 -14.04
C GLY A 20 3.23 6.48 -15.47
N TYR A 21 4.40 6.03 -15.89
CA TYR A 21 4.60 5.54 -17.25
C TYR A 21 4.20 4.08 -17.36
N ALA A 22 2.90 3.83 -17.41
CA ALA A 22 2.39 2.45 -17.52
C ALA A 22 2.71 1.65 -16.27
N GLY A 23 2.36 2.18 -15.11
CA GLY A 23 2.62 1.50 -13.86
C GLY A 23 3.06 2.44 -12.75
N PHE A 24 2.85 2.04 -11.51
CA PHE A 24 3.23 2.86 -10.36
C PHE A 24 4.62 2.48 -9.86
N GLY A 25 5.08 1.29 -10.25
CA GLY A 25 6.39 0.83 -9.84
C GLY A 25 6.42 0.43 -8.38
N LEU A 26 5.25 0.12 -7.82
CA LEU A 26 5.15 -0.27 -6.42
C LEU A 26 5.02 -1.79 -6.29
N THR A 27 5.93 -2.39 -5.51
CA THR A 27 5.92 -3.83 -5.31
C THR A 27 5.70 -4.17 -3.85
N LEU A 28 5.01 -5.28 -3.60
CA LEU A 28 4.73 -5.73 -2.25
C LEU A 28 5.34 -7.10 -1.98
N GLY A 29 6.10 -7.20 -0.90
CA GLY A 29 6.72 -8.47 -0.55
C GLY A 29 6.15 -9.08 0.71
N GLY A 30 5.19 -9.99 0.55
CA GLY A 30 4.58 -10.63 1.68
C GLY A 30 3.14 -11.05 1.41
N GLY A 31 2.30 -10.95 2.42
CA GLY A 31 0.90 -11.33 2.27
C GLY A 31 0.67 -12.81 2.51
N ARG A 32 -0.53 -13.28 2.18
CA ARG A 32 -0.88 -14.68 2.37
C ARG A 32 -0.07 -15.57 1.43
N ASP A 33 0.82 -16.37 2.00
CA ASP A 33 1.65 -17.27 1.21
C ASP A 33 1.11 -18.70 1.26
N VAL A 34 1.47 -19.50 0.27
CA VAL A 34 1.03 -20.88 0.20
C VAL A 34 1.61 -21.70 1.34
N ALA A 35 2.78 -21.30 1.82
CA ALA A 35 3.45 -22.00 2.91
C ALA A 35 3.09 -21.38 4.26
N GLY A 36 2.74 -20.10 4.23
CA GLY A 36 2.38 -19.41 5.46
C GLY A 36 1.71 -18.07 5.20
N ASP A 37 1.59 -17.27 6.25
CA ASP A 37 0.95 -15.96 6.13
C ASP A 37 1.90 -14.87 6.63
N THR A 38 2.19 -13.90 5.76
CA THR A 38 3.07 -12.80 6.11
C THR A 38 2.39 -11.45 5.90
N PRO A 39 2.73 -10.48 6.77
CA PRO A 39 2.15 -9.13 6.70
C PRO A 39 2.62 -8.35 5.47
N LEU A 40 1.69 -8.02 4.59
CA LEU A 40 2.01 -7.27 3.38
C LEU A 40 2.81 -6.02 3.70
N ALA A 41 3.89 -5.81 2.97
CA ALA A 41 4.74 -4.64 3.17
C ALA A 41 5.51 -4.28 1.90
N VAL A 42 5.60 -2.99 1.60
CA VAL A 42 6.30 -2.52 0.42
C VAL A 42 7.70 -3.13 0.34
N ARG A 43 7.98 -3.84 -0.75
CA ARG A 43 9.28 -4.46 -0.94
C ARG A 43 10.24 -3.51 -1.63
N GLY A 44 9.99 -3.24 -2.91
CA GLY A 44 10.84 -2.35 -3.67
C GLY A 44 10.09 -1.15 -4.20
N LEU A 45 10.81 -0.05 -4.41
CA LEU A 45 10.21 1.18 -4.93
C LEU A 45 10.86 1.60 -6.25
N LEU A 46 10.16 1.36 -7.35
CA LEU A 46 10.67 1.71 -8.67
C LEU A 46 11.34 3.08 -8.64
N LYS A 47 12.40 3.23 -9.43
CA LYS A 47 13.14 4.48 -9.51
C LYS A 47 12.44 5.47 -10.45
N ASP A 48 12.21 6.68 -9.97
CA ASP A 48 11.56 7.71 -10.75
C ASP A 48 10.06 7.44 -10.88
N GLY A 49 9.50 6.79 -9.87
CA GLY A 49 8.08 6.47 -9.88
C GLY A 49 7.26 7.48 -9.10
N PRO A 50 5.93 7.36 -9.20
CA PRO A 50 5.00 8.26 -8.51
C PRO A 50 5.00 8.03 -7.00
N ALA A 51 5.10 6.78 -6.59
CA ALA A 51 5.12 6.44 -5.18
C ALA A 51 6.44 6.85 -4.52
N GLN A 52 7.54 6.32 -5.04
CA GLN A 52 8.86 6.64 -4.51
C GLN A 52 9.05 8.14 -4.36
N ARG A 53 8.63 8.89 -5.38
CA ARG A 53 8.74 10.34 -5.36
C ARG A 53 7.90 10.94 -4.24
N CYS A 54 6.65 10.51 -4.15
CA CYS A 54 5.75 11.01 -3.12
C CYS A 54 6.34 10.83 -1.73
N GLY A 55 7.04 9.70 -1.53
CA GLY A 55 7.64 9.43 -0.25
C GLY A 55 6.67 8.84 0.75
N ARG A 56 5.38 9.18 0.59
CA ARG A 56 4.35 8.68 1.48
C ARG A 56 4.53 7.19 1.74
N LEU A 57 5.07 6.48 0.76
CA LEU A 57 5.29 5.04 0.89
C LEU A 57 6.78 4.73 1.01
N GLU A 58 7.12 3.88 1.98
CA GLU A 58 8.51 3.49 2.20
C GLU A 58 8.63 1.99 2.43
N VAL A 59 9.79 1.44 2.10
CA VAL A 59 10.04 0.01 2.27
C VAL A 59 9.93 -0.39 3.74
N GLY A 60 8.94 -1.23 4.04
CA GLY A 60 8.75 -1.67 5.41
C GLY A 60 7.38 -1.31 5.95
N ASP A 61 6.57 -0.67 5.12
CA ASP A 61 5.22 -0.26 5.52
C ASP A 61 4.31 -1.47 5.65
N LEU A 62 3.16 -1.28 6.29
CA LEU A 62 2.21 -2.35 6.50
C LEU A 62 0.88 -2.02 5.82
N VAL A 63 0.46 -2.88 4.90
CA VAL A 63 -0.79 -2.69 4.18
C VAL A 63 -1.96 -3.30 4.94
N LEU A 64 -3.03 -2.53 5.10
CA LEU A 64 -4.21 -2.98 5.82
C LEU A 64 -5.38 -3.20 4.85
N HIS A 65 -5.50 -2.32 3.86
CA HIS A 65 -6.56 -2.42 2.87
C HIS A 65 -6.11 -1.86 1.53
N ILE A 66 -6.93 -2.06 0.51
CA ILE A 66 -6.61 -1.57 -0.84
C ILE A 66 -7.87 -1.29 -1.64
N ASN A 67 -8.00 -0.04 -2.09
CA ASN A 67 -9.17 0.36 -2.87
C ASN A 67 -10.46 -0.02 -2.16
N GLY A 68 -10.55 0.30 -0.88
CA GLY A 68 -11.73 -0.02 -0.11
C GLY A 68 -12.02 -1.52 -0.09
N GLU A 69 -10.98 -2.32 -0.28
CA GLU A 69 -11.14 -3.77 -0.29
C GLU A 69 -10.31 -4.42 0.82
N SER A 70 -10.95 -5.28 1.60
CA SER A 70 -10.28 -5.96 2.70
C SER A 70 -9.30 -7.00 2.18
N THR A 71 -8.02 -6.83 2.52
CA THR A 71 -6.99 -7.75 2.09
C THR A 71 -6.92 -8.97 3.00
N GLN A 72 -7.82 -9.04 3.97
CA GLN A 72 -7.87 -10.16 4.90
C GLN A 72 -7.88 -11.49 4.16
N GLY A 73 -8.30 -11.45 2.90
CA GLY A 73 -8.36 -12.66 2.10
C GLY A 73 -7.66 -12.51 0.76
N LEU A 74 -6.77 -11.52 0.66
CA LEU A 74 -6.04 -11.27 -0.57
C LEU A 74 -4.54 -11.28 -0.33
N THR A 75 -3.80 -11.91 -1.24
CA THR A 75 -2.35 -12.00 -1.12
C THR A 75 -1.66 -11.07 -2.09
N HIS A 76 -0.36 -10.90 -1.93
CA HIS A 76 0.43 -10.03 -2.81
C HIS A 76 -0.12 -10.07 -4.24
N ALA A 77 -0.29 -11.27 -4.77
CA ALA A 77 -0.81 -11.44 -6.12
C ALA A 77 -2.16 -10.74 -6.28
N GLN A 78 -3.12 -11.13 -5.45
CA GLN A 78 -4.46 -10.54 -5.50
C GLN A 78 -4.39 -9.03 -5.36
N ALA A 79 -3.84 -8.57 -4.24
CA ALA A 79 -3.71 -7.13 -3.98
C ALA A 79 -3.33 -6.38 -5.25
N VAL A 80 -2.34 -6.91 -5.96
CA VAL A 80 -1.87 -6.29 -7.20
C VAL A 80 -2.98 -6.23 -8.24
N GLU A 81 -3.56 -7.38 -8.54
CA GLU A 81 -4.63 -7.46 -9.53
C GLU A 81 -5.63 -6.32 -9.33
N ARG A 82 -5.97 -6.04 -8.08
CA ARG A 82 -6.91 -4.98 -7.77
C ARG A 82 -6.32 -3.61 -8.11
N ILE A 83 -5.17 -3.30 -7.53
CA ILE A 83 -4.51 -2.03 -7.77
C ILE A 83 -4.45 -1.72 -9.27
N ARG A 84 -4.11 -2.73 -10.06
CA ARG A 84 -4.01 -2.57 -11.50
C ARG A 84 -5.36 -2.17 -12.10
N ALA A 85 -6.40 -2.91 -11.73
CA ALA A 85 -7.75 -2.63 -12.22
C ALA A 85 -8.29 -1.33 -11.63
N GLY A 86 -7.76 -0.95 -10.47
CA GLY A 86 -8.21 0.28 -9.83
C GLY A 86 -8.38 1.42 -10.80
N GLY A 87 -7.54 1.45 -11.83
CA GLY A 87 -7.62 2.50 -12.82
C GLY A 87 -6.43 3.44 -12.76
N PRO A 88 -6.61 4.68 -13.26
CA PRO A 88 -5.56 5.69 -13.28
C PRO A 88 -5.22 6.20 -11.88
N GLN A 89 -6.17 6.06 -10.97
CA GLN A 89 -5.97 6.51 -9.59
C GLN A 89 -5.72 5.33 -8.66
N LEU A 90 -4.60 5.38 -7.95
CA LEU A 90 -4.24 4.30 -7.02
C LEU A 90 -4.65 4.66 -5.60
N HIS A 91 -5.22 3.67 -4.89
CA HIS A 91 -5.66 3.88 -3.52
C HIS A 91 -5.21 2.73 -2.63
N LEU A 92 -4.24 3.00 -1.76
CA LEU A 92 -3.72 1.98 -0.85
C LEU A 92 -3.72 2.49 0.59
N VAL A 93 -4.31 1.70 1.48
CA VAL A 93 -4.38 2.06 2.89
C VAL A 93 -3.14 1.59 3.65
N ILE A 94 -2.31 2.54 4.09
CA ILE A 94 -1.09 2.22 4.82
C ILE A 94 -1.09 2.89 6.19
N ARG A 95 -0.53 2.19 7.18
CA ARG A 95 -0.45 2.73 8.53
C ARG A 95 0.97 2.69 9.05
N ARG A 96 1.66 3.83 8.96
CA ARG A 96 3.04 3.93 9.43
C ARG A 96 3.20 3.32 10.81
N PRO A 97 3.81 2.12 10.87
CA PRO A 97 4.03 1.41 12.13
C PRO A 97 5.07 2.08 13.00
N LEU A 98 5.08 1.73 14.28
CA LEU A 98 6.04 2.30 15.22
C LEU A 98 7.43 2.38 14.61
N SER A 99 8.28 3.25 15.17
CA SER A 99 9.64 3.42 14.68
C SER A 99 10.65 2.80 15.63
N GLY A 100 10.68 3.32 16.86
CA GLY A 100 11.60 2.80 17.85
C GLY A 100 11.59 1.29 17.94
N PRO A 101 12.76 0.69 18.21
CA PRO A 101 12.91 -0.76 18.31
C PRO A 101 12.22 -1.32 19.56
N SER A 102 11.11 -2.01 19.35
CA SER A 102 10.35 -2.60 20.45
C SER A 102 11.25 -3.51 21.29
N SER A 103 11.65 -3.04 22.46
CA SER A 103 12.51 -3.82 23.35
C SER A 103 12.16 -5.31 23.26
N GLY A 104 13.12 -6.10 22.79
CA GLY A 104 12.91 -7.53 22.66
C GLY A 104 14.16 -8.26 22.20
N GLY A 1 -24.64 -5.39 1.31
CA GLY A 1 -24.55 -3.95 1.36
C GLY A 1 -23.47 -3.48 2.31
N SER A 2 -22.35 -3.02 1.76
CA SER A 2 -21.24 -2.54 2.57
C SER A 2 -21.49 -1.11 3.05
N SER A 3 -22.03 -0.98 4.25
CA SER A 3 -22.33 0.33 4.82
C SER A 3 -21.25 0.74 5.82
N GLY A 4 -21.12 2.05 6.05
CA GLY A 4 -20.13 2.55 6.97
C GLY A 4 -18.77 2.76 6.30
N SER A 5 -17.74 2.18 6.89
CA SER A 5 -16.39 2.31 6.35
C SER A 5 -16.04 3.78 6.13
N SER A 6 -16.41 4.63 7.08
CA SER A 6 -16.14 6.06 6.99
C SER A 6 -14.97 6.45 7.87
N GLY A 7 -15.05 6.11 9.15
CA GLY A 7 -13.99 6.43 10.08
C GLY A 7 -14.14 5.73 11.41
N GLN A 8 -14.03 4.40 11.38
CA GLN A 8 -14.16 3.60 12.60
C GLN A 8 -12.98 3.83 13.53
N ALA A 9 -11.77 3.77 12.97
CA ALA A 9 -10.56 3.97 13.75
C ALA A 9 -9.57 4.88 13.01
N SER A 10 -8.95 5.79 13.74
CA SER A 10 -7.99 6.71 13.16
C SER A 10 -6.62 6.07 13.04
N GLY A 11 -5.78 6.62 12.16
CA GLY A 11 -4.45 6.09 11.96
C GLY A 11 -4.20 5.65 10.53
N HIS A 12 -5.02 4.73 10.04
CA HIS A 12 -4.89 4.23 8.68
C HIS A 12 -5.08 5.36 7.67
N PHE A 13 -4.12 5.50 6.76
CA PHE A 13 -4.19 6.54 5.74
C PHE A 13 -4.16 5.93 4.34
N SER A 14 -4.64 6.69 3.37
CA SER A 14 -4.68 6.22 1.99
C SER A 14 -3.59 6.90 1.16
N VAL A 15 -3.20 6.25 0.06
CA VAL A 15 -2.17 6.80 -0.82
C VAL A 15 -2.73 7.10 -2.21
N GLU A 16 -2.59 8.36 -2.62
CA GLU A 16 -3.09 8.78 -3.93
C GLU A 16 -1.94 9.04 -4.89
N LEU A 17 -1.91 8.29 -5.98
CA LEU A 17 -0.85 8.43 -6.98
C LEU A 17 -1.43 8.36 -8.40
N VAL A 18 -0.72 8.95 -9.35
CA VAL A 18 -1.17 8.95 -10.74
C VAL A 18 -0.31 8.01 -11.59
N ARG A 19 -0.93 6.96 -12.11
CA ARG A 19 -0.23 5.98 -12.93
C ARG A 19 0.77 6.68 -13.86
N GLY A 20 2.06 6.52 -13.54
CA GLY A 20 3.10 7.14 -14.34
C GLY A 20 3.67 6.18 -15.37
N TYR A 21 4.98 6.27 -15.59
CA TYR A 21 5.65 5.41 -16.56
C TYR A 21 5.86 4.01 -15.99
N ALA A 22 5.43 3.00 -16.75
CA ALA A 22 5.58 1.62 -16.33
C ALA A 22 4.84 1.36 -15.02
N GLY A 23 3.58 1.78 -14.97
CA GLY A 23 2.78 1.59 -13.77
C GLY A 23 3.15 2.56 -12.66
N PHE A 24 2.94 2.14 -11.42
CA PHE A 24 3.26 2.98 -10.27
C PHE A 24 4.64 2.66 -9.72
N GLY A 25 5.24 1.58 -10.23
CA GLY A 25 6.55 1.18 -9.78
C GLY A 25 6.58 0.75 -8.33
N LEU A 26 5.45 0.24 -7.86
CA LEU A 26 5.32 -0.21 -6.48
C LEU A 26 5.30 -1.73 -6.40
N THR A 27 6.15 -2.30 -5.56
CA THR A 27 6.22 -3.75 -5.39
C THR A 27 6.04 -4.14 -3.93
N LEU A 28 5.49 -5.33 -3.71
CA LEU A 28 5.26 -5.83 -2.36
C LEU A 28 6.03 -7.13 -2.12
N GLY A 29 6.54 -7.28 -0.90
CA GLY A 29 7.29 -8.47 -0.56
C GLY A 29 6.65 -9.27 0.56
N GLY A 30 6.12 -10.44 0.22
CA GLY A 30 5.48 -11.28 1.21
C GLY A 30 4.00 -11.46 0.95
N GLY A 31 3.18 -11.24 1.98
CA GLY A 31 1.74 -11.39 1.83
C GLY A 31 1.27 -12.79 2.15
N ARG A 32 -0.04 -12.95 2.30
CA ARG A 32 -0.61 -14.25 2.62
C ARG A 32 -0.43 -15.23 1.46
N ASP A 33 0.47 -16.19 1.64
CA ASP A 33 0.75 -17.18 0.61
C ASP A 33 0.36 -18.58 1.09
N VAL A 34 0.08 -19.46 0.13
CA VAL A 34 -0.31 -20.83 0.45
C VAL A 34 0.82 -21.57 1.18
N ALA A 35 2.05 -21.11 0.98
CA ALA A 35 3.20 -21.72 1.61
C ALA A 35 3.53 -21.02 2.93
N GLY A 36 3.23 -19.73 3.02
CA GLY A 36 3.50 -18.99 4.22
C GLY A 36 2.62 -17.75 4.35
N ASP A 37 2.26 -17.42 5.58
CA ASP A 37 1.42 -16.26 5.84
C ASP A 37 2.25 -15.08 6.37
N THR A 38 2.35 -14.03 5.57
CA THR A 38 3.11 -12.85 5.96
C THR A 38 2.34 -11.57 5.66
N PRO A 39 2.49 -10.56 6.53
CA PRO A 39 1.82 -9.27 6.38
C PRO A 39 2.36 -8.46 5.20
N LEU A 40 1.49 -8.18 4.23
CA LEU A 40 1.88 -7.42 3.05
C LEU A 40 2.59 -6.13 3.44
N ALA A 41 3.75 -5.88 2.85
CA ALA A 41 4.52 -4.68 3.14
C ALA A 41 5.35 -4.26 1.93
N VAL A 42 5.49 -2.95 1.75
CA VAL A 42 6.27 -2.42 0.63
C VAL A 42 7.67 -3.02 0.59
N ARG A 43 8.07 -3.50 -0.58
CA ARG A 43 9.38 -4.11 -0.76
C ARG A 43 10.35 -3.13 -1.42
N GLY A 44 10.11 -2.86 -2.69
CA GLY A 44 10.97 -1.94 -3.43
C GLY A 44 10.22 -0.73 -3.94
N LEU A 45 10.94 0.36 -4.16
CA LEU A 45 10.33 1.60 -4.66
C LEU A 45 11.02 2.07 -5.94
N LEU A 46 10.38 1.84 -7.07
CA LEU A 46 10.93 2.24 -8.36
C LEU A 46 11.25 3.73 -8.37
N LYS A 47 12.54 4.05 -8.39
CA LYS A 47 12.98 5.44 -8.40
C LYS A 47 12.30 6.22 -9.53
N ASP A 48 12.33 7.54 -9.42
CA ASP A 48 11.72 8.39 -10.42
C ASP A 48 10.25 8.03 -10.64
N GLY A 49 9.64 7.43 -9.61
CA GLY A 49 8.25 7.05 -9.69
C GLY A 49 7.36 7.83 -8.74
N PRO A 50 6.04 7.63 -8.86
CA PRO A 50 5.06 8.32 -8.01
C PRO A 50 5.10 7.84 -6.57
N ALA A 51 5.24 6.52 -6.40
CA ALA A 51 5.30 5.92 -5.07
C ALA A 51 6.55 6.36 -4.33
N GLN A 52 7.66 6.47 -5.05
CA GLN A 52 8.93 6.87 -4.46
C GLN A 52 8.99 8.38 -4.27
N ARG A 53 8.34 9.11 -5.18
CA ARG A 53 8.32 10.57 -5.11
C ARG A 53 7.45 11.05 -3.95
N CYS A 54 6.25 10.51 -3.86
CA CYS A 54 5.32 10.89 -2.80
C CYS A 54 5.95 10.65 -1.42
N GLY A 55 6.72 9.58 -1.30
CA GLY A 55 7.36 9.26 -0.04
C GLY A 55 6.43 8.60 0.94
N ARG A 56 5.19 9.07 0.99
CA ARG A 56 4.19 8.52 1.89
C ARG A 56 4.38 7.01 2.07
N LEU A 57 4.84 6.36 1.00
CA LEU A 57 5.07 4.92 1.04
C LEU A 57 6.54 4.61 1.27
N GLU A 58 6.81 3.74 2.25
CA GLU A 58 8.17 3.36 2.57
C GLU A 58 8.30 1.84 2.71
N VAL A 59 9.52 1.34 2.57
CA VAL A 59 9.76 -0.09 2.68
C VAL A 59 9.52 -0.58 4.11
N GLY A 60 8.60 -1.53 4.24
CA GLY A 60 8.28 -2.07 5.55
C GLY A 60 6.89 -1.69 6.03
N ASP A 61 6.28 -0.74 5.32
CA ASP A 61 4.94 -0.28 5.67
C ASP A 61 3.97 -1.46 5.76
N LEU A 62 2.92 -1.29 6.55
CA LEU A 62 1.91 -2.33 6.73
C LEU A 62 0.63 -1.99 5.97
N VAL A 63 0.27 -2.84 5.02
CA VAL A 63 -0.94 -2.64 4.22
C VAL A 63 -2.14 -3.32 4.87
N LEU A 64 -3.18 -2.55 5.14
CA LEU A 64 -4.39 -3.07 5.75
C LEU A 64 -5.47 -3.30 4.69
N HIS A 65 -5.58 -2.37 3.76
CA HIS A 65 -6.57 -2.47 2.69
C HIS A 65 -6.02 -1.89 1.39
N ILE A 66 -6.84 -1.94 0.34
CA ILE A 66 -6.44 -1.43 -0.96
C ILE A 66 -7.65 -1.05 -1.80
N ASN A 67 -7.73 0.22 -2.17
CA ASN A 67 -8.84 0.72 -2.97
C ASN A 67 -10.18 0.29 -2.39
N GLY A 68 -10.31 0.43 -1.07
CA GLY A 68 -11.54 0.05 -0.39
C GLY A 68 -11.78 -1.45 -0.42
N GLU A 69 -10.70 -2.22 -0.62
CA GLU A 69 -10.80 -3.66 -0.67
C GLU A 69 -10.09 -4.30 0.53
N SER A 70 -10.81 -5.13 1.26
CA SER A 70 -10.25 -5.80 2.43
C SER A 70 -9.31 -6.92 2.01
N THR A 71 -8.02 -6.74 2.33
CA THR A 71 -7.01 -7.73 1.99
C THR A 71 -6.92 -8.82 3.06
N GLN A 72 -7.86 -8.81 3.99
CA GLN A 72 -7.88 -9.78 5.07
C GLN A 72 -7.84 -11.20 4.52
N GLY A 73 -8.61 -11.44 3.46
CA GLY A 73 -8.65 -12.76 2.85
C GLY A 73 -8.14 -12.74 1.41
N LEU A 74 -7.19 -11.86 1.13
CA LEU A 74 -6.62 -11.76 -0.21
C LEU A 74 -5.13 -12.05 -0.19
N THR A 75 -4.67 -12.84 -1.15
CA THR A 75 -3.26 -13.20 -1.25
C THR A 75 -2.47 -12.11 -1.97
N HIS A 76 -1.17 -12.33 -2.13
CA HIS A 76 -0.31 -11.38 -2.80
C HIS A 76 -0.88 -10.97 -4.15
N ALA A 77 -1.14 -11.97 -5.00
CA ALA A 77 -1.70 -11.71 -6.32
C ALA A 77 -2.99 -10.89 -6.23
N GLN A 78 -3.95 -11.41 -5.48
CA GLN A 78 -5.23 -10.73 -5.32
C GLN A 78 -5.02 -9.23 -5.08
N ALA A 79 -4.39 -8.90 -3.96
CA ALA A 79 -4.12 -7.51 -3.60
C ALA A 79 -3.52 -6.76 -4.78
N VAL A 80 -2.53 -7.38 -5.43
CA VAL A 80 -1.87 -6.76 -6.58
C VAL A 80 -2.82 -6.62 -7.76
N GLU A 81 -3.81 -7.50 -7.81
CA GLU A 81 -4.80 -7.48 -8.89
C GLU A 81 -5.77 -6.30 -8.72
N ARG A 82 -5.89 -5.82 -7.48
CA ARG A 82 -6.79 -4.72 -7.18
C ARG A 82 -6.17 -3.39 -7.62
N ILE A 83 -4.85 -3.31 -7.54
CA ILE A 83 -4.14 -2.09 -7.92
C ILE A 83 -4.15 -1.91 -9.43
N ARG A 84 -3.81 -2.98 -10.15
CA ARG A 84 -3.77 -2.94 -11.62
C ARG A 84 -5.14 -2.55 -12.18
N ALA A 85 -6.19 -2.98 -11.51
CA ALA A 85 -7.56 -2.67 -11.93
C ALA A 85 -8.06 -1.39 -11.29
N GLY A 86 -7.29 -0.85 -10.34
CA GLY A 86 -7.67 0.36 -9.66
C GLY A 86 -8.03 1.48 -10.62
N GLY A 87 -7.34 1.51 -11.77
CA GLY A 87 -7.60 2.54 -12.76
C GLY A 87 -6.51 3.59 -12.79
N PRO A 88 -6.85 4.79 -13.29
CA PRO A 88 -5.91 5.91 -13.39
C PRO A 88 -5.55 6.48 -12.01
N GLN A 89 -6.37 6.17 -11.02
CA GLN A 89 -6.13 6.65 -9.66
C GLN A 89 -5.79 5.50 -8.72
N LEU A 90 -4.66 5.62 -8.02
CA LEU A 90 -4.24 4.58 -7.10
C LEU A 90 -4.65 4.92 -5.67
N HIS A 91 -5.15 3.93 -4.93
CA HIS A 91 -5.58 4.13 -3.56
C HIS A 91 -5.16 2.95 -2.69
N LEU A 92 -4.17 3.17 -1.84
CA LEU A 92 -3.68 2.12 -0.96
C LEU A 92 -3.72 2.57 0.50
N VAL A 93 -4.30 1.74 1.37
CA VAL A 93 -4.41 2.05 2.78
C VAL A 93 -3.21 1.51 3.56
N ILE A 94 -2.41 2.41 4.10
CA ILE A 94 -1.23 2.03 4.87
C ILE A 94 -1.25 2.64 6.26
N ARG A 95 -0.71 1.91 7.23
CA ARG A 95 -0.67 2.39 8.62
C ARG A 95 0.74 2.26 9.19
N ARG A 96 1.39 3.40 9.41
CA ARG A 96 2.75 3.41 9.96
C ARG A 96 2.76 2.88 11.39
N PRO A 97 3.50 1.79 11.61
CA PRO A 97 3.62 1.16 12.94
C PRO A 97 4.40 2.02 13.92
N LEU A 98 4.84 1.41 15.01
CA LEU A 98 5.61 2.12 16.03
C LEU A 98 7.10 2.05 15.74
N SER A 99 7.86 2.94 16.36
CA SER A 99 9.30 2.99 16.17
C SER A 99 9.95 3.93 17.18
N GLY A 100 11.27 3.80 17.34
CA GLY A 100 12.00 4.64 18.27
C GLY A 100 13.33 5.09 17.73
N PRO A 101 14.18 5.64 18.60
CA PRO A 101 15.51 6.12 18.23
C PRO A 101 16.46 4.98 17.86
N SER A 102 17.66 5.35 17.41
CA SER A 102 18.66 4.36 17.02
C SER A 102 19.46 3.89 18.24
N SER A 103 20.28 2.86 18.04
CA SER A 103 21.10 2.32 19.12
C SER A 103 22.56 2.22 18.69
N GLY A 104 23.33 3.26 19.00
CA GLY A 104 24.74 3.27 18.64
C GLY A 104 25.50 2.10 19.22
N GLY A 1 -12.64 1.46 -10.11
CA GLY A 1 -13.69 1.72 -9.14
C GLY A 1 -13.73 3.17 -8.72
N SER A 2 -14.67 3.49 -7.82
CA SER A 2 -14.82 4.87 -7.34
C SER A 2 -14.23 5.02 -5.94
N SER A 3 -13.76 6.23 -5.63
CA SER A 3 -13.18 6.50 -4.33
C SER A 3 -14.23 6.96 -3.34
N GLY A 4 -14.57 6.08 -2.39
CA GLY A 4 -15.57 6.42 -1.39
C GLY A 4 -15.10 7.50 -0.44
N SER A 5 -15.57 8.73 -0.67
CA SER A 5 -15.19 9.86 0.18
C SER A 5 -15.82 9.74 1.55
N SER A 6 -15.01 9.34 2.54
CA SER A 6 -15.50 9.18 3.90
C SER A 6 -14.33 9.25 4.89
N GLY A 7 -14.48 10.09 5.91
CA GLY A 7 -13.44 10.25 6.91
C GLY A 7 -13.20 8.97 7.69
N GLN A 8 -13.13 9.09 9.01
CA GLN A 8 -12.90 7.93 9.87
C GLN A 8 -11.56 7.27 9.54
N ALA A 9 -10.55 8.09 9.29
CA ALA A 9 -9.22 7.58 8.96
C ALA A 9 -8.28 7.70 10.15
N SER A 10 -8.79 7.41 11.34
CA SER A 10 -7.99 7.50 12.57
C SER A 10 -6.86 6.48 12.55
N GLY A 11 -5.63 6.95 12.37
CA GLY A 11 -4.48 6.07 12.35
C GLY A 11 -4.17 5.58 10.95
N HIS A 12 -5.19 5.13 10.24
CA HIS A 12 -5.03 4.62 8.87
C HIS A 12 -5.25 5.74 7.85
N PHE A 13 -4.32 5.86 6.91
CA PHE A 13 -4.41 6.89 5.88
C PHE A 13 -4.45 6.25 4.49
N SER A 14 -4.87 7.05 3.50
CA SER A 14 -4.95 6.57 2.13
C SER A 14 -3.79 7.09 1.29
N VAL A 15 -3.53 6.44 0.17
CA VAL A 15 -2.45 6.84 -0.73
C VAL A 15 -2.96 7.11 -2.13
N GLU A 16 -2.64 8.28 -2.66
CA GLU A 16 -3.07 8.66 -3.99
C GLU A 16 -1.88 8.81 -4.93
N LEU A 17 -1.84 7.99 -5.97
CA LEU A 17 -0.75 8.04 -6.94
C LEU A 17 -1.29 8.00 -8.37
N VAL A 18 -0.62 8.71 -9.27
CA VAL A 18 -1.03 8.76 -10.67
C VAL A 18 -0.14 7.87 -11.53
N ARG A 19 -0.74 6.84 -12.13
CA ARG A 19 0.00 5.91 -12.98
C ARG A 19 1.04 6.66 -13.82
N GLY A 20 2.31 6.50 -13.45
CA GLY A 20 3.38 7.16 -14.17
C GLY A 20 4.03 6.25 -15.20
N TYR A 21 5.33 6.42 -15.39
CA TYR A 21 6.07 5.62 -16.35
C TYR A 21 6.21 4.18 -15.87
N ALA A 22 5.99 3.23 -16.77
CA ALA A 22 6.09 1.81 -16.43
C ALA A 22 5.22 1.47 -15.23
N GLY A 23 4.01 2.03 -15.20
CA GLY A 23 3.11 1.77 -14.11
C GLY A 23 3.39 2.64 -12.89
N PHE A 24 3.09 2.11 -11.70
CA PHE A 24 3.32 2.85 -10.47
C PHE A 24 4.73 2.58 -9.93
N GLY A 25 5.26 1.41 -10.25
CA GLY A 25 6.59 1.06 -9.79
C GLY A 25 6.62 0.67 -8.33
N LEU A 26 5.51 0.14 -7.84
CA LEU A 26 5.40 -0.28 -6.45
C LEU A 26 5.41 -1.81 -6.34
N THR A 27 6.22 -2.32 -5.42
CA THR A 27 6.32 -3.76 -5.21
C THR A 27 6.03 -4.13 -3.76
N LEU A 28 5.30 -5.22 -3.56
CA LEU A 28 4.95 -5.68 -2.22
C LEU A 28 5.68 -6.98 -1.89
N GLY A 29 6.33 -7.01 -0.72
CA GLY A 29 7.04 -8.20 -0.32
C GLY A 29 6.39 -8.88 0.87
N GLY A 30 5.91 -10.11 0.66
CA GLY A 30 5.26 -10.84 1.73
C GLY A 30 3.85 -11.23 1.38
N GLY A 31 2.96 -11.18 2.38
CA GLY A 31 1.57 -11.53 2.16
C GLY A 31 1.31 -13.01 2.36
N ARG A 32 0.04 -13.39 2.26
CA ARG A 32 -0.34 -14.79 2.42
C ARG A 32 0.23 -15.64 1.29
N ASP A 33 1.11 -16.56 1.64
CA ASP A 33 1.73 -17.45 0.66
C ASP A 33 1.43 -18.91 0.97
N VAL A 34 1.58 -19.78 -0.02
CA VAL A 34 1.33 -21.19 0.15
C VAL A 34 2.28 -21.80 1.17
N ALA A 35 3.57 -21.48 1.04
CA ALA A 35 4.58 -21.99 1.95
C ALA A 35 4.71 -21.10 3.19
N GLY A 36 3.61 -20.42 3.54
CA GLY A 36 3.62 -19.55 4.69
C GLY A 36 2.91 -18.23 4.43
N ASP A 37 2.59 -17.51 5.49
CA ASP A 37 1.90 -16.23 5.38
C ASP A 37 2.70 -15.13 6.07
N THR A 38 2.62 -13.92 5.51
CA THR A 38 3.33 -12.77 6.08
C THR A 38 2.55 -11.48 5.86
N PRO A 39 2.77 -10.50 6.74
CA PRO A 39 2.10 -9.19 6.67
C PRO A 39 2.57 -8.37 5.48
N LEU A 40 1.66 -8.12 4.55
CA LEU A 40 1.99 -7.34 3.36
C LEU A 40 2.63 -6.01 3.74
N ALA A 41 3.67 -5.64 3.01
CA ALA A 41 4.37 -4.38 3.27
C ALA A 41 5.29 -4.01 2.12
N VAL A 42 5.27 -2.75 1.71
CA VAL A 42 6.10 -2.28 0.60
C VAL A 42 7.50 -2.89 0.68
N ARG A 43 7.97 -3.38 -0.47
CA ARG A 43 9.29 -4.00 -0.54
C ARG A 43 10.29 -3.08 -1.22
N GLY A 44 10.12 -2.90 -2.53
CA GLY A 44 11.02 -2.03 -3.27
C GLY A 44 10.29 -0.88 -3.93
N LEU A 45 10.99 0.24 -4.10
CA LEU A 45 10.41 1.42 -4.72
C LEU A 45 11.11 1.75 -6.03
N LEU A 46 10.35 1.79 -7.12
CA LEU A 46 10.90 2.11 -8.43
C LEU A 46 11.67 3.41 -8.40
N LYS A 47 12.99 3.33 -8.59
CA LYS A 47 13.84 4.51 -8.59
C LYS A 47 13.18 5.66 -9.34
N ASP A 48 13.22 6.86 -8.76
CA ASP A 48 12.63 8.03 -9.37
C ASP A 48 11.21 7.74 -9.83
N GLY A 49 10.48 6.96 -9.04
CA GLY A 49 9.11 6.61 -9.40
C GLY A 49 8.10 7.52 -8.72
N PRO A 50 6.81 7.30 -9.02
CA PRO A 50 5.72 8.08 -8.44
C PRO A 50 5.52 7.81 -6.96
N ALA A 51 5.68 6.55 -6.56
CA ALA A 51 5.54 6.16 -5.16
C ALA A 51 6.71 6.66 -4.33
N GLN A 52 7.90 6.58 -4.89
CA GLN A 52 9.11 7.02 -4.19
C GLN A 52 9.14 8.54 -4.07
N ARG A 53 8.98 9.21 -5.20
CA ARG A 53 9.00 10.67 -5.23
C ARG A 53 7.96 11.24 -4.27
N CYS A 54 6.76 10.68 -4.31
CA CYS A 54 5.68 11.15 -3.43
C CYS A 54 6.09 11.05 -1.97
N GLY A 55 6.83 10.00 -1.63
CA GLY A 55 7.27 9.81 -0.26
C GLY A 55 6.19 9.18 0.61
N ARG A 56 4.94 9.36 0.23
CA ARG A 56 3.82 8.82 0.99
C ARG A 56 4.06 7.35 1.31
N LEU A 57 4.71 6.64 0.41
CA LEU A 57 5.01 5.22 0.60
C LEU A 57 6.51 5.00 0.80
N GLU A 58 6.85 4.22 1.82
CA GLU A 58 8.25 3.93 2.12
C GLU A 58 8.43 2.46 2.51
N VAL A 59 9.57 1.89 2.15
CA VAL A 59 9.87 0.50 2.45
C VAL A 59 9.58 0.19 3.92
N GLY A 60 8.69 -0.76 4.17
CA GLY A 60 8.34 -1.14 5.52
C GLY A 60 6.88 -0.91 5.83
N ASP A 61 6.31 0.12 5.23
CA ASP A 61 4.90 0.45 5.45
C ASP A 61 4.03 -0.80 5.34
N LEU A 62 3.04 -0.90 6.23
CA LEU A 62 2.14 -2.05 6.24
C LEU A 62 0.82 -1.72 5.55
N VAL A 63 0.28 -2.69 4.82
CA VAL A 63 -0.98 -2.50 4.12
C VAL A 63 -2.12 -3.24 4.80
N LEU A 64 -3.14 -2.49 5.19
CA LEU A 64 -4.30 -3.08 5.86
C LEU A 64 -5.45 -3.29 4.89
N HIS A 65 -5.58 -2.38 3.93
CA HIS A 65 -6.63 -2.48 2.92
C HIS A 65 -6.16 -1.90 1.59
N ILE A 66 -7.02 -1.98 0.59
CA ILE A 66 -6.70 -1.46 -0.74
C ILE A 66 -7.96 -1.04 -1.49
N ASN A 67 -7.96 0.18 -2.01
CA ASN A 67 -9.09 0.70 -2.75
C ASN A 67 -10.39 0.47 -1.99
N GLY A 68 -10.35 0.70 -0.67
CA GLY A 68 -11.53 0.52 0.16
C GLY A 68 -12.00 -0.93 0.18
N GLU A 69 -11.07 -1.86 -0.03
CA GLU A 69 -11.40 -3.27 -0.04
C GLU A 69 -10.66 -4.00 1.09
N SER A 70 -11.28 -5.06 1.60
CA SER A 70 -10.70 -5.84 2.68
C SER A 70 -9.72 -6.89 2.14
N THR A 71 -8.46 -6.76 2.53
CA THR A 71 -7.43 -7.69 2.08
C THR A 71 -7.27 -8.85 3.06
N GLN A 72 -8.24 -8.99 3.95
CA GLN A 72 -8.21 -10.07 4.94
C GLN A 72 -8.02 -11.43 4.27
N GLY A 73 -8.59 -11.57 3.07
CA GLY A 73 -8.47 -12.82 2.33
C GLY A 73 -7.96 -12.62 0.93
N LEU A 74 -7.02 -11.71 0.76
CA LEU A 74 -6.45 -11.42 -0.55
C LEU A 74 -4.96 -11.74 -0.58
N THR A 75 -4.56 -12.55 -1.54
CA THR A 75 -3.15 -12.94 -1.69
C THR A 75 -2.37 -11.88 -2.45
N HIS A 76 -1.05 -12.06 -2.51
CA HIS A 76 -0.18 -11.13 -3.21
C HIS A 76 -0.75 -10.79 -4.58
N ALA A 77 -1.21 -11.81 -5.30
CA ALA A 77 -1.78 -11.62 -6.62
C ALA A 77 -3.06 -10.79 -6.57
N GLN A 78 -3.96 -11.17 -5.66
CA GLN A 78 -5.23 -10.47 -5.50
C GLN A 78 -4.99 -8.99 -5.20
N ALA A 79 -4.36 -8.72 -4.07
CA ALA A 79 -4.07 -7.36 -3.65
C ALA A 79 -3.54 -6.53 -4.82
N VAL A 80 -2.57 -7.09 -5.54
CA VAL A 80 -1.98 -6.41 -6.69
C VAL A 80 -3.01 -6.18 -7.78
N GLU A 81 -3.72 -7.24 -8.15
CA GLU A 81 -4.74 -7.15 -9.19
C GLU A 81 -5.72 -6.02 -8.89
N ARG A 82 -6.11 -5.91 -7.63
CA ARG A 82 -7.06 -4.87 -7.21
C ARG A 82 -6.54 -3.49 -7.58
N ILE A 83 -5.25 -3.26 -7.35
CA ILE A 83 -4.64 -1.97 -7.65
C ILE A 83 -4.64 -1.72 -9.17
N ARG A 84 -4.07 -2.64 -9.92
CA ARG A 84 -4.01 -2.52 -11.38
C ARG A 84 -5.40 -2.29 -11.95
N ALA A 85 -6.34 -3.15 -11.59
CA ALA A 85 -7.71 -3.05 -12.07
C ALA A 85 -8.38 -1.78 -11.57
N GLY A 86 -7.98 -1.34 -10.37
CA GLY A 86 -8.55 -0.14 -9.79
C GLY A 86 -8.80 0.94 -10.83
N GLY A 87 -7.81 1.19 -11.68
CA GLY A 87 -7.94 2.20 -12.71
C GLY A 87 -6.72 3.09 -12.80
N PRO A 88 -6.91 4.31 -13.34
CA PRO A 88 -5.83 5.28 -13.50
C PRO A 88 -5.34 5.85 -12.17
N GLN A 89 -6.19 5.72 -11.15
CA GLN A 89 -5.84 6.22 -9.82
C GLN A 89 -5.58 5.06 -8.86
N LEU A 90 -4.50 5.15 -8.09
CA LEU A 90 -4.13 4.12 -7.14
C LEU A 90 -4.53 4.53 -5.72
N HIS A 91 -5.24 3.63 -5.03
CA HIS A 91 -5.67 3.89 -3.67
C HIS A 91 -5.27 2.76 -2.74
N LEU A 92 -4.44 3.06 -1.76
CA LEU A 92 -3.98 2.07 -0.79
C LEU A 92 -4.07 2.60 0.63
N VAL A 93 -4.37 1.71 1.57
CA VAL A 93 -4.47 2.09 2.98
C VAL A 93 -3.24 1.65 3.76
N ILE A 94 -2.47 2.64 4.23
CA ILE A 94 -1.26 2.35 5.00
C ILE A 94 -1.38 2.87 6.43
N ARG A 95 -0.69 2.21 7.35
CA ARG A 95 -0.72 2.62 8.76
C ARG A 95 0.68 2.54 9.37
N ARG A 96 1.28 3.71 9.58
CA ARG A 96 2.61 3.78 10.16
C ARG A 96 2.70 2.93 11.43
N PRO A 97 3.39 1.77 11.31
CA PRO A 97 3.56 0.85 12.43
C PRO A 97 4.49 1.41 13.51
N LEU A 98 4.71 0.63 14.56
CA LEU A 98 5.57 1.05 15.66
C LEU A 98 7.03 1.00 15.24
N SER A 99 7.87 1.77 15.94
CA SER A 99 9.30 1.83 15.64
C SER A 99 10.12 1.69 16.91
N GLY A 100 11.20 0.92 16.84
CA GLY A 100 12.06 0.72 17.98
C GLY A 100 13.46 1.26 17.77
N PRO A 101 14.07 1.77 18.85
CA PRO A 101 15.43 2.33 18.80
C PRO A 101 16.50 1.27 18.57
N SER A 102 16.08 0.00 18.61
CA SER A 102 17.00 -1.11 18.41
C SER A 102 17.37 -1.25 16.94
N SER A 103 18.63 -1.58 16.68
CA SER A 103 19.12 -1.74 15.32
C SER A 103 19.62 -3.17 15.09
N GLY A 104 18.76 -4.01 14.52
CA GLY A 104 19.14 -5.39 14.25
C GLY A 104 18.59 -5.89 12.94
N GLY A 1 -13.45 7.00 -9.46
CA GLY A 1 -13.93 6.16 -8.37
C GLY A 1 -15.29 6.57 -7.88
N SER A 2 -15.46 7.86 -7.59
CA SER A 2 -16.73 8.38 -7.10
C SER A 2 -17.38 7.40 -6.12
N SER A 3 -16.55 6.82 -5.26
CA SER A 3 -17.04 5.85 -4.27
C SER A 3 -16.46 6.14 -2.89
N GLY A 4 -17.24 5.88 -1.86
CA GLY A 4 -16.79 6.13 -0.50
C GLY A 4 -17.94 6.39 0.46
N SER A 5 -18.40 5.33 1.13
CA SER A 5 -19.50 5.45 2.07
C SER A 5 -19.08 4.97 3.45
N SER A 6 -17.84 5.25 3.82
CA SER A 6 -17.31 4.84 5.12
C SER A 6 -16.97 6.06 5.97
N GLY A 7 -16.47 7.10 5.34
CA GLY A 7 -16.12 8.32 6.04
C GLY A 7 -14.63 8.41 6.32
N GLN A 8 -14.26 8.60 7.59
CA GLN A 8 -12.86 8.70 7.97
C GLN A 8 -12.54 7.78 9.14
N ALA A 9 -11.26 7.65 9.45
CA ALA A 9 -10.82 6.81 10.56
C ALA A 9 -9.49 7.27 11.12
N SER A 10 -9.36 7.25 12.45
CA SER A 10 -8.13 7.67 13.11
C SER A 10 -7.18 6.50 13.28
N GLY A 11 -6.24 6.38 12.35
CA GLY A 11 -5.27 5.30 12.42
C GLY A 11 -4.62 5.02 11.07
N HIS A 12 -5.43 4.57 10.11
CA HIS A 12 -4.93 4.27 8.78
C HIS A 12 -5.16 5.43 7.82
N PHE A 13 -4.28 5.58 6.84
CA PHE A 13 -4.40 6.66 5.87
C PHE A 13 -4.44 6.11 4.44
N SER A 14 -4.85 6.95 3.50
CA SER A 14 -4.95 6.54 2.11
C SER A 14 -3.77 7.10 1.30
N VAL A 15 -3.48 6.46 0.17
CA VAL A 15 -2.39 6.89 -0.69
C VAL A 15 -2.88 7.11 -2.13
N GLU A 16 -2.75 8.34 -2.60
CA GLU A 16 -3.18 8.70 -3.95
C GLU A 16 -1.98 8.99 -4.84
N LEU A 17 -1.94 8.36 -6.00
CA LEU A 17 -0.84 8.55 -6.94
C LEU A 17 -1.35 8.52 -8.38
N VAL A 18 -0.58 9.11 -9.29
CA VAL A 18 -0.94 9.14 -10.70
C VAL A 18 -0.03 8.24 -11.53
N ARG A 19 -0.62 7.22 -12.14
CA ARG A 19 0.13 6.29 -12.97
C ARG A 19 1.26 7.00 -13.70
N GLY A 20 2.48 6.80 -13.24
CA GLY A 20 3.63 7.44 -13.86
C GLY A 20 3.90 6.91 -15.25
N TYR A 21 4.51 5.73 -15.33
CA TYR A 21 4.83 5.12 -16.62
C TYR A 21 4.77 3.60 -16.53
N ALA A 22 3.90 3.00 -17.34
CA ALA A 22 3.75 1.55 -17.36
C ALA A 22 3.59 0.99 -15.95
N GLY A 23 2.92 1.76 -15.09
CA GLY A 23 2.71 1.34 -13.72
C GLY A 23 3.19 2.35 -12.71
N PHE A 24 2.92 2.11 -11.43
CA PHE A 24 3.34 3.02 -10.37
C PHE A 24 4.72 2.66 -9.86
N GLY A 25 5.23 1.50 -10.29
CA GLY A 25 6.54 1.07 -9.86
C GLY A 25 6.56 0.61 -8.41
N LEU A 26 5.40 0.26 -7.89
CA LEU A 26 5.28 -0.20 -6.51
C LEU A 26 5.16 -1.71 -6.45
N THR A 27 5.92 -2.33 -5.55
CA THR A 27 5.89 -3.78 -5.39
C THR A 27 5.60 -4.16 -3.94
N LEU A 28 5.09 -5.37 -3.75
CA LEU A 28 4.76 -5.87 -2.42
C LEU A 28 5.47 -7.18 -2.13
N GLY A 29 5.95 -7.33 -0.90
CA GLY A 29 6.65 -8.55 -0.52
C GLY A 29 5.94 -9.28 0.61
N GLY A 30 6.05 -10.62 0.60
CA GLY A 30 5.42 -11.41 1.64
C GLY A 30 3.95 -11.70 1.33
N GLY A 31 3.08 -11.42 2.29
CA GLY A 31 1.66 -11.67 2.10
C GLY A 31 1.27 -13.08 2.47
N ARG A 32 0.32 -13.63 1.74
CA ARG A 32 -0.16 -14.99 1.99
C ARG A 32 0.54 -15.99 1.07
N ASP A 33 1.44 -16.77 1.64
CA ASP A 33 2.18 -17.77 0.87
C ASP A 33 1.67 -19.17 1.16
N VAL A 34 1.91 -20.09 0.24
CA VAL A 34 1.46 -21.47 0.41
C VAL A 34 2.20 -22.15 1.55
N ALA A 35 3.45 -21.76 1.77
CA ALA A 35 4.26 -22.32 2.85
C ALA A 35 4.72 -21.23 3.81
N GLY A 36 4.05 -20.09 3.78
CA GLY A 36 4.41 -18.99 4.66
C GLY A 36 3.28 -17.99 4.81
N ASP A 37 3.22 -17.35 5.97
CA ASP A 37 2.20 -16.35 6.25
C ASP A 37 2.81 -15.06 6.78
N THR A 38 2.88 -14.04 5.92
CA THR A 38 3.45 -12.76 6.30
C THR A 38 2.56 -11.61 5.85
N PRO A 39 2.54 -10.52 6.64
CA PRO A 39 1.74 -9.34 6.34
C PRO A 39 2.27 -8.57 5.14
N LEU A 40 1.40 -8.32 4.16
CA LEU A 40 1.79 -7.59 2.96
C LEU A 40 2.38 -6.23 3.31
N ALA A 41 3.55 -5.94 2.74
CA ALA A 41 4.22 -4.67 2.99
C ALA A 41 5.14 -4.30 1.82
N VAL A 42 5.20 -3.00 1.52
CA VAL A 42 6.03 -2.52 0.43
C VAL A 42 7.40 -3.20 0.44
N ARG A 43 7.86 -3.59 -0.75
CA ARG A 43 9.16 -4.24 -0.88
C ARG A 43 10.17 -3.34 -1.58
N GLY A 44 9.93 -3.08 -2.87
CA GLY A 44 10.83 -2.23 -3.62
C GLY A 44 10.14 -0.99 -4.15
N LEU A 45 10.90 0.09 -4.28
CA LEU A 45 10.35 1.35 -4.78
C LEU A 45 11.06 1.77 -6.07
N LEU A 46 10.35 1.65 -7.19
CA LEU A 46 10.89 2.02 -8.49
C LEU A 46 11.37 3.47 -8.49
N LYS A 47 12.67 3.67 -8.60
CA LYS A 47 13.25 5.00 -8.61
C LYS A 47 12.53 5.89 -9.62
N ASP A 48 12.63 7.20 -9.43
CA ASP A 48 12.00 8.16 -10.32
C ASP A 48 10.53 7.81 -10.55
N GLY A 49 9.92 7.21 -9.53
CA GLY A 49 8.52 6.83 -9.64
C GLY A 49 7.62 7.67 -8.75
N PRO A 50 6.30 7.49 -8.89
CA PRO A 50 5.30 8.23 -8.12
C PRO A 50 5.30 7.81 -6.65
N ALA A 51 5.25 6.51 -6.41
CA ALA A 51 5.23 5.98 -5.05
C ALA A 51 6.55 6.27 -4.34
N GLN A 52 7.62 6.37 -5.10
CA GLN A 52 8.95 6.64 -4.54
C GLN A 52 9.15 8.14 -4.33
N ARG A 53 8.57 8.94 -5.21
CA ARG A 53 8.68 10.39 -5.13
C ARG A 53 7.86 10.93 -3.96
N CYS A 54 6.61 10.50 -3.88
CA CYS A 54 5.71 10.94 -2.82
C CYS A 54 6.32 10.64 -1.44
N GLY A 55 6.99 9.50 -1.34
CA GLY A 55 7.60 9.12 -0.06
C GLY A 55 6.61 8.49 0.88
N ARG A 56 5.37 8.96 0.86
CA ARG A 56 4.33 8.43 1.73
C ARG A 56 4.52 6.93 1.95
N LEU A 57 4.89 6.23 0.89
CA LEU A 57 5.10 4.80 0.96
C LEU A 57 6.58 4.47 1.17
N GLU A 58 6.85 3.55 2.10
CA GLU A 58 8.22 3.14 2.39
C GLU A 58 8.32 1.63 2.52
N VAL A 59 9.54 1.11 2.35
CA VAL A 59 9.78 -0.33 2.45
C VAL A 59 9.55 -0.82 3.87
N GLY A 60 8.50 -1.61 4.05
CA GLY A 60 8.20 -2.14 5.38
C GLY A 60 6.82 -1.74 5.85
N ASP A 61 6.18 -0.81 5.15
CA ASP A 61 4.86 -0.34 5.51
C ASP A 61 3.85 -1.49 5.47
N LEU A 62 2.90 -1.46 6.41
CA LEU A 62 1.88 -2.50 6.49
C LEU A 62 0.63 -2.09 5.70
N VAL A 63 0.11 -3.03 4.91
CA VAL A 63 -1.08 -2.76 4.10
C VAL A 63 -2.32 -3.34 4.77
N LEU A 64 -3.32 -2.49 5.00
CA LEU A 64 -4.56 -2.91 5.64
C LEU A 64 -5.64 -3.17 4.59
N HIS A 65 -5.81 -2.22 3.67
CA HIS A 65 -6.81 -2.35 2.62
C HIS A 65 -6.29 -1.75 1.31
N ILE A 66 -7.10 -1.87 0.26
CA ILE A 66 -6.72 -1.33 -1.05
C ILE A 66 -7.97 -1.00 -1.88
N ASN A 67 -8.00 0.22 -2.41
CA ASN A 67 -9.12 0.66 -3.22
C ASN A 67 -10.45 0.31 -2.56
N GLY A 68 -10.57 0.63 -1.27
CA GLY A 68 -11.78 0.34 -0.55
C GLY A 68 -12.08 -1.14 -0.48
N GLU A 69 -11.06 -1.97 -0.66
CA GLU A 69 -11.21 -3.41 -0.62
C GLU A 69 -10.45 -4.01 0.55
N SER A 70 -11.09 -4.92 1.28
CA SER A 70 -10.47 -5.56 2.42
C SER A 70 -9.55 -6.70 1.97
N THR A 71 -8.28 -6.60 2.36
CA THR A 71 -7.29 -7.61 2.00
C THR A 71 -7.30 -8.77 3.00
N GLN A 72 -8.29 -8.77 3.88
CA GLN A 72 -8.40 -9.81 4.90
C GLN A 72 -8.50 -11.18 4.24
N GLY A 73 -8.85 -11.21 2.96
CA GLY A 73 -8.97 -12.46 2.24
C GLY A 73 -8.38 -12.38 0.85
N LEU A 74 -7.41 -11.50 0.66
CA LEU A 74 -6.75 -11.33 -0.63
C LEU A 74 -5.28 -11.68 -0.55
N THR A 75 -4.85 -12.60 -1.41
CA THR A 75 -3.45 -13.03 -1.43
C THR A 75 -2.58 -12.02 -2.18
N HIS A 76 -1.27 -12.21 -2.11
CA HIS A 76 -0.33 -11.32 -2.79
C HIS A 76 -0.83 -10.97 -4.19
N ALA A 77 -1.20 -12.00 -4.95
CA ALA A 77 -1.69 -11.80 -6.31
C ALA A 77 -2.91 -10.89 -6.32
N GLN A 78 -3.84 -11.13 -5.39
CA GLN A 78 -5.06 -10.33 -5.30
C GLN A 78 -4.72 -8.88 -4.95
N ALA A 79 -4.04 -8.69 -3.84
CA ALA A 79 -3.66 -7.36 -3.39
C ALA A 79 -2.96 -6.58 -4.50
N VAL A 80 -2.51 -7.31 -5.53
CA VAL A 80 -1.82 -6.69 -6.65
C VAL A 80 -2.80 -6.34 -7.76
N GLU A 81 -3.79 -7.19 -7.97
CA GLU A 81 -4.81 -6.97 -9.00
C GLU A 81 -5.71 -5.80 -8.62
N ARG A 82 -6.09 -5.74 -7.36
CA ARG A 82 -6.95 -4.67 -6.87
C ARG A 82 -6.39 -3.30 -7.23
N ILE A 83 -5.06 -3.21 -7.30
CA ILE A 83 -4.39 -1.97 -7.63
C ILE A 83 -4.42 -1.70 -9.13
N ARG A 84 -3.97 -2.70 -9.90
CA ARG A 84 -3.94 -2.58 -11.36
C ARG A 84 -5.33 -2.27 -11.91
N ALA A 85 -6.35 -2.90 -11.33
CA ALA A 85 -7.72 -2.69 -11.76
C ALA A 85 -8.32 -1.45 -11.09
N GLY A 86 -7.47 -0.67 -10.42
CA GLY A 86 -7.94 0.52 -9.75
C GLY A 86 -7.97 1.73 -10.67
N GLY A 87 -7.97 1.48 -11.97
CA GLY A 87 -8.00 2.57 -12.94
C GLY A 87 -6.69 3.34 -12.97
N PRO A 88 -6.75 4.58 -13.47
CA PRO A 88 -5.57 5.44 -13.57
C PRO A 88 -5.05 5.90 -12.21
N GLN A 89 -5.95 5.92 -11.23
CA GLN A 89 -5.59 6.33 -9.88
C GLN A 89 -5.34 5.12 -8.98
N LEU A 90 -4.49 5.30 -7.98
CA LEU A 90 -4.16 4.23 -7.05
C LEU A 90 -4.54 4.61 -5.61
N HIS A 91 -5.18 3.67 -4.91
CA HIS A 91 -5.59 3.90 -3.54
C HIS A 91 -5.12 2.78 -2.63
N LEU A 92 -4.11 3.06 -1.81
CA LEU A 92 -3.56 2.07 -0.90
C LEU A 92 -3.67 2.54 0.55
N VAL A 93 -4.37 1.77 1.38
CA VAL A 93 -4.53 2.11 2.78
C VAL A 93 -3.37 1.59 3.62
N ILE A 94 -2.54 2.50 4.11
CA ILE A 94 -1.39 2.14 4.93
C ILE A 94 -1.51 2.72 6.33
N ARG A 95 -1.01 1.99 7.32
CA ARG A 95 -1.06 2.44 8.70
C ARG A 95 0.30 2.26 9.38
N ARG A 96 1.05 3.35 9.48
CA ARG A 96 2.37 3.32 10.10
C ARG A 96 2.30 2.66 11.48
N PRO A 97 2.88 1.46 11.58
CA PRO A 97 2.90 0.70 12.85
C PRO A 97 3.81 1.33 13.89
N LEU A 98 4.07 0.60 14.96
CA LEU A 98 4.93 1.09 16.04
C LEU A 98 6.40 0.79 15.74
N SER A 99 7.25 1.81 15.89
CA SER A 99 8.67 1.66 15.63
C SER A 99 9.38 1.07 16.86
N GLY A 100 9.25 1.75 17.99
CA GLY A 100 9.89 1.29 19.21
C GLY A 100 11.09 2.12 19.60
N PRO A 101 11.41 2.12 20.90
CA PRO A 101 12.54 2.90 21.43
C PRO A 101 13.89 2.32 20.99
N SER A 102 14.73 3.17 20.42
CA SER A 102 16.05 2.74 19.96
C SER A 102 17.14 3.27 20.88
N SER A 103 18.18 2.46 21.07
CA SER A 103 19.29 2.84 21.93
C SER A 103 20.24 3.80 21.21
N GLY A 104 20.79 3.34 20.09
CA GLY A 104 21.70 4.17 19.33
C GLY A 104 22.23 3.47 18.09
N GLY A 1 -3.23 14.30 -4.11
CA GLY A 1 -4.33 13.49 -3.65
C GLY A 1 -5.66 14.24 -3.65
N SER A 2 -6.39 14.13 -4.76
CA SER A 2 -7.68 14.82 -4.88
C SER A 2 -8.54 14.58 -3.64
N SER A 3 -9.67 15.29 -3.58
CA SER A 3 -10.58 15.17 -2.45
C SER A 3 -11.40 13.88 -2.54
N GLY A 4 -11.90 13.43 -1.40
CA GLY A 4 -12.69 12.21 -1.37
C GLY A 4 -12.68 11.55 -0.01
N SER A 5 -13.76 11.74 0.75
CA SER A 5 -13.87 11.16 2.08
C SER A 5 -12.53 11.21 2.81
N SER A 6 -11.84 12.34 2.67
CA SER A 6 -10.55 12.51 3.31
C SER A 6 -10.56 13.72 4.25
N GLY A 7 -10.63 13.43 5.56
CA GLY A 7 -10.65 14.50 6.55
C GLY A 7 -11.29 14.07 7.85
N GLN A 8 -10.96 12.87 8.30
CA GLN A 8 -11.50 12.34 9.54
C GLN A 8 -10.40 11.82 10.46
N ALA A 9 -10.77 11.35 11.64
CA ALA A 9 -9.82 10.83 12.60
C ALA A 9 -9.71 9.31 12.51
N SER A 10 -8.60 8.84 11.96
CA SER A 10 -8.38 7.40 11.80
C SER A 10 -6.93 7.04 12.08
N GLY A 11 -6.67 5.76 12.33
CA GLY A 11 -5.33 5.30 12.60
C GLY A 11 -4.52 5.08 11.34
N HIS A 12 -5.19 4.70 10.26
CA HIS A 12 -4.53 4.47 8.99
C HIS A 12 -4.73 5.64 8.04
N PHE A 13 -4.01 5.63 6.92
CA PHE A 13 -4.10 6.69 5.94
C PHE A 13 -4.20 6.13 4.53
N SER A 14 -4.44 7.01 3.56
CA SER A 14 -4.56 6.59 2.17
C SER A 14 -3.44 7.18 1.32
N VAL A 15 -3.18 6.57 0.17
CA VAL A 15 -2.13 7.03 -0.73
C VAL A 15 -2.65 7.19 -2.15
N GLU A 16 -2.48 8.38 -2.71
CA GLU A 16 -2.93 8.67 -4.06
C GLU A 16 -1.76 8.79 -5.02
N LEU A 17 -1.79 8.03 -6.10
CA LEU A 17 -0.73 8.06 -7.11
C LEU A 17 -1.31 8.18 -8.51
N VAL A 18 -0.49 8.69 -9.43
CA VAL A 18 -0.91 8.86 -10.81
C VAL A 18 -0.11 7.97 -11.75
N ARG A 19 -0.78 7.00 -12.37
CA ARG A 19 -0.13 6.08 -13.28
C ARG A 19 0.92 6.80 -14.12
N GLY A 20 2.18 6.49 -13.88
CA GLY A 20 3.26 7.13 -14.62
C GLY A 20 3.36 6.61 -16.05
N TYR A 21 4.57 6.56 -16.58
CA TYR A 21 4.79 6.11 -17.94
C TYR A 21 4.49 4.61 -18.07
N ALA A 22 5.19 3.81 -17.27
CA ALA A 22 5.00 2.36 -17.28
C ALA A 22 4.71 1.83 -15.89
N GLY A 23 3.43 1.81 -15.53
CA GLY A 23 3.03 1.32 -14.22
C GLY A 23 3.21 2.37 -13.13
N PHE A 24 3.07 1.95 -11.87
CA PHE A 24 3.22 2.86 -10.75
C PHE A 24 4.64 2.81 -10.18
N GLY A 25 5.21 1.60 -10.16
CA GLY A 25 6.55 1.43 -9.63
C GLY A 25 6.56 1.01 -8.18
N LEU A 26 5.52 0.31 -7.75
CA LEU A 26 5.41 -0.15 -6.38
C LEU A 26 5.32 -1.67 -6.32
N THR A 27 6.18 -2.28 -5.52
CA THR A 27 6.21 -3.74 -5.37
C THR A 27 6.02 -4.13 -3.92
N LEU A 28 5.21 -5.17 -3.69
CA LEU A 28 4.95 -5.66 -2.34
C LEU A 28 5.84 -6.86 -2.02
N GLY A 29 6.28 -6.94 -0.76
CA GLY A 29 7.13 -8.05 -0.35
C GLY A 29 6.53 -8.82 0.82
N GLY A 30 5.99 -10.01 0.53
CA GLY A 30 5.41 -10.83 1.56
C GLY A 30 3.97 -11.21 1.26
N GLY A 31 3.09 -11.07 2.25
CA GLY A 31 1.69 -11.41 2.06
C GLY A 31 1.39 -12.84 2.42
N ARG A 32 0.11 -13.18 2.48
CA ARG A 32 -0.31 -14.53 2.84
C ARG A 32 0.00 -15.50 1.70
N ASP A 33 0.98 -16.36 1.92
CA ASP A 33 1.37 -17.35 0.91
C ASP A 33 1.31 -18.76 1.49
N VAL A 34 0.90 -19.71 0.65
CA VAL A 34 0.79 -21.10 1.08
C VAL A 34 2.12 -21.61 1.62
N ALA A 35 3.19 -20.89 1.32
CA ALA A 35 4.52 -21.27 1.78
C ALA A 35 4.93 -20.47 3.02
N GLY A 36 4.21 -19.38 3.26
CA GLY A 36 4.52 -18.53 4.40
C GLY A 36 3.54 -17.38 4.55
N ASP A 37 3.00 -17.22 5.75
CA ASP A 37 2.04 -16.16 6.02
C ASP A 37 2.75 -14.91 6.55
N THR A 38 2.71 -13.83 5.77
CA THR A 38 3.35 -12.58 6.15
C THR A 38 2.49 -11.39 5.79
N PRO A 39 2.51 -10.35 6.64
CA PRO A 39 1.73 -9.13 6.43
C PRO A 39 2.26 -8.30 5.27
N LEU A 40 1.44 -8.16 4.23
CA LEU A 40 1.83 -7.39 3.05
C LEU A 40 2.47 -6.06 3.45
N ALA A 41 3.64 -5.79 2.90
CA ALA A 41 4.36 -4.54 3.19
C ALA A 41 5.23 -4.12 2.01
N VAL A 42 5.34 -2.81 1.81
CA VAL A 42 6.14 -2.28 0.72
C VAL A 42 7.52 -2.93 0.67
N ARG A 43 7.93 -3.33 -0.54
CA ARG A 43 9.22 -3.97 -0.72
C ARG A 43 10.21 -3.04 -1.41
N GLY A 44 9.97 -2.78 -2.69
CA GLY A 44 10.84 -1.89 -3.45
C GLY A 44 10.12 -0.68 -3.99
N LEU A 45 10.84 0.42 -4.15
CA LEU A 45 10.26 1.65 -4.66
C LEU A 45 10.94 2.08 -5.96
N LEU A 46 10.20 2.00 -7.06
CA LEU A 46 10.74 2.38 -8.37
C LEU A 46 11.36 3.77 -8.32
N LYS A 47 12.69 3.82 -8.34
CA LYS A 47 13.40 5.09 -8.30
C LYS A 47 12.81 6.08 -9.30
N ASP A 48 12.72 7.34 -8.88
CA ASP A 48 12.18 8.39 -9.75
C ASP A 48 10.78 8.02 -10.24
N GLY A 49 9.94 7.55 -9.32
CA GLY A 49 8.59 7.18 -9.66
C GLY A 49 7.54 7.87 -8.82
N PRO A 50 6.26 7.60 -9.11
CA PRO A 50 5.14 8.21 -8.37
C PRO A 50 5.04 7.68 -6.95
N ALA A 51 5.53 6.47 -6.74
CA ALA A 51 5.49 5.85 -5.41
C ALA A 51 6.55 6.45 -4.49
N GLN A 52 7.81 6.28 -4.86
CA GLN A 52 8.91 6.81 -4.07
C GLN A 52 8.73 8.30 -3.80
N ARG A 53 8.39 9.05 -4.84
CA ARG A 53 8.18 10.48 -4.72
C ARG A 53 7.08 10.79 -3.71
N CYS A 54 6.10 9.91 -3.63
CA CYS A 54 4.98 10.08 -2.70
C CYS A 54 5.47 10.16 -1.26
N GLY A 55 6.49 9.37 -0.94
CA GLY A 55 7.04 9.38 0.40
C GLY A 55 6.21 8.55 1.37
N ARG A 56 4.89 8.69 1.28
CA ARG A 56 3.99 7.95 2.15
C ARG A 56 4.35 6.47 2.18
N LEU A 57 4.69 5.93 1.01
CA LEU A 57 5.05 4.52 0.91
C LEU A 57 6.55 4.33 1.07
N GLU A 58 6.93 3.54 2.07
CA GLU A 58 8.34 3.27 2.34
C GLU A 58 8.56 1.80 2.69
N VAL A 59 9.71 1.26 2.28
CA VAL A 59 10.03 -0.13 2.56
C VAL A 59 9.75 -0.49 4.01
N GLY A 60 8.76 -1.35 4.22
CA GLY A 60 8.40 -1.77 5.56
C GLY A 60 6.96 -1.46 5.90
N ASP A 61 6.46 -0.34 5.39
CA ASP A 61 5.09 0.08 5.64
C ASP A 61 4.13 -1.11 5.52
N LEU A 62 3.26 -1.27 6.50
CA LEU A 62 2.30 -2.36 6.50
C LEU A 62 0.99 -1.94 5.83
N VAL A 63 0.43 -2.83 5.01
CA VAL A 63 -0.82 -2.55 4.31
C VAL A 63 -1.99 -3.25 4.98
N LEU A 64 -3.07 -2.52 5.19
CA LEU A 64 -4.27 -3.08 5.82
C LEU A 64 -5.40 -3.24 4.81
N HIS A 65 -5.40 -2.37 3.80
CA HIS A 65 -6.42 -2.41 2.76
C HIS A 65 -5.90 -1.82 1.45
N ILE A 66 -6.65 -2.03 0.38
CA ILE A 66 -6.26 -1.51 -0.93
C ILE A 66 -7.48 -1.23 -1.80
N ASN A 67 -7.51 -0.06 -2.42
CA ASN A 67 -8.62 0.32 -3.28
C ASN A 67 -9.95 0.23 -2.54
N GLY A 68 -9.96 0.71 -1.29
CA GLY A 68 -11.17 0.66 -0.49
C GLY A 68 -11.72 -0.74 -0.34
N GLU A 69 -10.85 -1.73 -0.51
CA GLU A 69 -11.26 -3.13 -0.40
C GLU A 69 -10.69 -3.76 0.87
N SER A 70 -11.04 -5.03 1.09
CA SER A 70 -10.58 -5.75 2.28
C SER A 70 -9.60 -6.85 1.88
N THR A 71 -8.32 -6.64 2.19
CA THR A 71 -7.29 -7.62 1.88
C THR A 71 -7.29 -8.77 2.87
N GLN A 72 -8.32 -8.81 3.72
CA GLN A 72 -8.45 -9.86 4.72
C GLN A 72 -8.54 -11.23 4.06
N GLY A 73 -9.07 -11.26 2.84
CA GLY A 73 -9.21 -12.52 2.13
C GLY A 73 -8.62 -12.45 0.73
N LEU A 74 -7.64 -11.58 0.55
CA LEU A 74 -6.99 -11.42 -0.76
C LEU A 74 -5.51 -11.74 -0.66
N THR A 75 -5.07 -12.71 -1.47
CA THR A 75 -3.67 -13.12 -1.48
C THR A 75 -2.80 -12.12 -2.25
N HIS A 76 -1.50 -12.37 -2.27
CA HIS A 76 -0.58 -11.49 -2.98
C HIS A 76 -1.04 -11.23 -4.40
N ALA A 77 -1.42 -12.30 -5.10
CA ALA A 77 -1.89 -12.19 -6.47
C ALA A 77 -3.16 -11.34 -6.56
N GLN A 78 -4.12 -11.63 -5.69
CA GLN A 78 -5.38 -10.90 -5.67
C GLN A 78 -5.13 -9.42 -5.42
N ALA A 79 -4.52 -9.10 -4.29
CA ALA A 79 -4.23 -7.72 -3.93
C ALA A 79 -3.68 -6.95 -5.13
N VAL A 80 -2.66 -7.50 -5.77
CA VAL A 80 -2.06 -6.86 -6.94
C VAL A 80 -3.10 -6.59 -8.01
N GLU A 81 -4.00 -7.53 -8.21
CA GLU A 81 -5.06 -7.38 -9.22
C GLU A 81 -5.99 -6.24 -8.86
N ARG A 82 -5.98 -5.84 -7.58
CA ARG A 82 -6.83 -4.76 -7.11
C ARG A 82 -6.25 -3.40 -7.50
N ILE A 83 -4.94 -3.27 -7.37
CA ILE A 83 -4.26 -2.02 -7.70
C ILE A 83 -4.31 -1.76 -9.20
N ARG A 84 -3.96 -2.78 -9.99
CA ARG A 84 -3.97 -2.65 -11.44
C ARG A 84 -5.34 -2.24 -11.95
N ALA A 85 -6.38 -2.92 -11.45
CA ALA A 85 -7.74 -2.62 -11.86
C ALA A 85 -8.23 -1.31 -11.23
N GLY A 86 -7.57 -0.90 -10.16
CA GLY A 86 -7.94 0.33 -9.48
C GLY A 86 -8.28 1.44 -10.45
N GLY A 87 -7.62 1.44 -11.62
CA GLY A 87 -7.87 2.47 -12.61
C GLY A 87 -6.71 3.44 -12.74
N PRO A 88 -7.02 4.68 -13.16
CA PRO A 88 -6.02 5.73 -13.33
C PRO A 88 -5.45 6.21 -11.99
N GLN A 89 -6.28 6.14 -10.95
CA GLN A 89 -5.86 6.58 -9.62
C GLN A 89 -5.63 5.38 -8.71
N LEU A 90 -4.52 5.41 -7.98
CA LEU A 90 -4.17 4.32 -7.07
C LEU A 90 -4.49 4.71 -5.63
N HIS A 91 -5.12 3.80 -4.90
CA HIS A 91 -5.47 4.05 -3.50
C HIS A 91 -5.01 2.90 -2.61
N LEU A 92 -4.05 3.19 -1.74
CA LEU A 92 -3.51 2.19 -0.83
C LEU A 92 -3.61 2.65 0.62
N VAL A 93 -4.09 1.76 1.49
CA VAL A 93 -4.23 2.08 2.91
C VAL A 93 -3.06 1.54 3.71
N ILE A 94 -2.23 2.45 4.22
CA ILE A 94 -1.06 2.07 5.01
C ILE A 94 -1.17 2.61 6.43
N ARG A 95 -0.59 1.87 7.37
CA ARG A 95 -0.62 2.27 8.78
C ARG A 95 0.73 2.02 9.45
N ARG A 96 1.33 3.07 9.98
CA ARG A 96 2.62 2.96 10.64
C ARG A 96 2.49 2.21 11.96
N PRO A 97 3.24 1.10 12.09
CA PRO A 97 3.23 0.27 13.30
C PRO A 97 3.87 0.98 14.49
N LEU A 98 3.86 0.31 15.64
CA LEU A 98 4.44 0.87 16.85
C LEU A 98 5.68 0.09 17.28
N SER A 99 6.35 -0.52 16.30
CA SER A 99 7.56 -1.30 16.57
C SER A 99 8.80 -0.42 16.54
N GLY A 100 8.66 0.81 17.05
CA GLY A 100 9.78 1.73 17.07
C GLY A 100 9.82 2.58 18.32
N PRO A 101 10.50 3.73 18.25
CA PRO A 101 10.62 4.65 19.38
C PRO A 101 9.30 5.34 19.72
N SER A 102 9.06 5.55 21.00
CA SER A 102 7.84 6.19 21.46
C SER A 102 8.14 7.53 22.14
N SER A 103 9.13 7.52 23.02
CA SER A 103 9.51 8.73 23.74
C SER A 103 10.30 9.67 22.83
N GLY A 104 9.77 10.88 22.65
CA GLY A 104 10.43 11.85 21.80
C GLY A 104 11.93 11.78 21.90
N GLY A 1 -13.51 28.01 2.07
CA GLY A 1 -14.22 26.96 2.78
C GLY A 1 -13.29 26.14 3.65
N SER A 2 -13.54 26.16 4.96
CA SER A 2 -12.72 25.41 5.91
C SER A 2 -13.30 24.03 6.16
N SER A 3 -14.53 24.00 6.66
CA SER A 3 -15.21 22.74 6.95
C SER A 3 -15.40 21.91 5.68
N GLY A 4 -14.88 20.69 5.69
CA GLY A 4 -14.99 19.82 4.54
C GLY A 4 -15.09 18.36 4.92
N SER A 5 -13.97 17.64 4.79
CA SER A 5 -13.93 16.22 5.11
C SER A 5 -12.96 15.96 6.26
N SER A 6 -12.89 14.70 6.69
CA SER A 6 -12.00 14.32 7.78
C SER A 6 -10.55 14.31 7.33
N GLY A 7 -9.71 15.07 8.04
CA GLY A 7 -8.30 15.14 7.69
C GLY A 7 -7.43 14.36 8.65
N GLN A 8 -7.75 14.45 9.93
CA GLN A 8 -6.99 13.75 10.97
C GLN A 8 -6.95 12.25 10.69
N ALA A 9 -5.82 11.78 10.17
CA ALA A 9 -5.65 10.37 9.86
C ALA A 9 -6.08 9.49 11.04
N SER A 10 -7.34 9.08 11.05
CA SER A 10 -7.88 8.24 12.12
C SER A 10 -7.47 6.78 11.92
N GLY A 11 -6.31 6.42 12.47
CA GLY A 11 -5.82 5.06 12.34
C GLY A 11 -5.07 4.82 11.05
N HIS A 12 -5.69 4.10 10.13
CA HIS A 12 -5.06 3.80 8.84
C HIS A 12 -5.32 4.93 7.84
N PHE A 13 -4.29 5.28 7.08
CA PHE A 13 -4.40 6.34 6.08
C PHE A 13 -4.40 5.77 4.67
N SER A 14 -4.82 6.58 3.71
CA SER A 14 -4.88 6.16 2.32
C SER A 14 -3.73 6.77 1.51
N VAL A 15 -3.45 6.17 0.37
CA VAL A 15 -2.37 6.65 -0.50
C VAL A 15 -2.90 7.00 -1.89
N GLU A 16 -2.66 8.24 -2.30
CA GLU A 16 -3.11 8.71 -3.61
C GLU A 16 -1.92 8.94 -4.54
N LEU A 17 -1.98 8.34 -5.73
CA LEU A 17 -0.91 8.48 -6.71
C LEU A 17 -1.46 8.34 -8.13
N VAL A 18 -0.82 9.03 -9.06
CA VAL A 18 -1.24 8.98 -10.46
C VAL A 18 -0.35 8.06 -11.27
N ARG A 19 -0.97 7.11 -11.97
CA ARG A 19 -0.24 6.15 -12.79
C ARG A 19 0.75 6.87 -13.71
N GLY A 20 2.04 6.62 -13.47
CA GLY A 20 3.07 7.24 -14.29
C GLY A 20 3.17 6.63 -15.68
N TYR A 21 4.29 6.87 -16.35
CA TYR A 21 4.50 6.33 -17.69
C TYR A 21 4.39 4.82 -17.69
N ALA A 22 4.88 4.19 -16.63
CA ALA A 22 4.83 2.73 -16.51
C ALA A 22 4.35 2.32 -15.13
N GLY A 23 3.04 2.16 -14.99
CA GLY A 23 2.46 1.76 -13.72
C GLY A 23 2.77 2.75 -12.62
N PHE A 24 2.92 2.25 -11.39
CA PHE A 24 3.21 3.11 -10.25
C PHE A 24 4.64 2.88 -9.75
N GLY A 25 5.20 1.73 -10.10
CA GLY A 25 6.56 1.42 -9.68
C GLY A 25 6.64 1.00 -8.23
N LEU A 26 5.54 0.46 -7.72
CA LEU A 26 5.48 0.01 -6.33
C LEU A 26 5.53 -1.51 -6.25
N THR A 27 6.39 -2.02 -5.37
CA THR A 27 6.54 -3.45 -5.19
C THR A 27 6.22 -3.87 -3.76
N LEU A 28 5.74 -5.11 -3.61
CA LEU A 28 5.40 -5.62 -2.28
C LEU A 28 6.10 -6.95 -2.02
N GLY A 29 6.71 -7.08 -0.85
CA GLY A 29 7.40 -8.30 -0.50
C GLY A 29 6.75 -9.00 0.68
N GLY A 30 6.35 -10.27 0.46
CA GLY A 30 5.72 -11.03 1.51
C GLY A 30 4.27 -11.35 1.21
N GLY A 31 3.43 -11.30 2.24
CA GLY A 31 2.02 -11.59 2.05
C GLY A 31 1.69 -13.05 2.32
N ARG A 32 0.59 -13.52 1.74
CA ARG A 32 0.17 -14.91 1.93
C ARG A 32 0.92 -15.82 0.97
N ASP A 33 1.57 -16.84 1.54
CA ASP A 33 2.33 -17.80 0.74
C ASP A 33 1.74 -19.20 0.87
N VAL A 34 2.06 -20.06 -0.09
CA VAL A 34 1.57 -21.44 -0.09
C VAL A 34 1.83 -22.11 1.25
N ALA A 35 3.04 -21.92 1.77
CA ALA A 35 3.43 -22.52 3.04
C ALA A 35 3.98 -21.47 3.99
N GLY A 36 3.63 -20.21 3.74
CA GLY A 36 4.10 -19.13 4.58
C GLY A 36 3.04 -18.07 4.82
N ASP A 37 3.13 -17.39 5.95
CA ASP A 37 2.17 -16.35 6.29
C ASP A 37 2.88 -15.09 6.77
N THR A 38 2.85 -14.05 5.94
CA THR A 38 3.50 -12.78 6.27
C THR A 38 2.65 -11.60 5.81
N PRO A 39 2.67 -10.52 6.61
CA PRO A 39 1.91 -9.30 6.30
C PRO A 39 2.49 -8.55 5.11
N LEU A 40 1.64 -8.24 4.13
CA LEU A 40 2.07 -7.53 2.94
C LEU A 40 2.65 -6.16 3.31
N ALA A 41 3.81 -5.85 2.75
CA ALA A 41 4.47 -4.57 3.02
C ALA A 41 5.35 -4.16 1.85
N VAL A 42 5.51 -2.85 1.66
CA VAL A 42 6.33 -2.32 0.58
C VAL A 42 7.73 -2.93 0.61
N ARG A 43 8.23 -3.32 -0.56
CA ARG A 43 9.56 -3.90 -0.66
C ARG A 43 10.52 -2.96 -1.36
N GLY A 44 10.33 -2.75 -2.66
CA GLY A 44 11.18 -1.88 -3.42
C GLY A 44 10.42 -0.72 -4.04
N LEU A 45 11.11 0.41 -4.21
CA LEU A 45 10.49 1.59 -4.80
C LEU A 45 11.13 1.93 -6.14
N LEU A 46 10.38 1.73 -7.22
CA LEU A 46 10.87 2.01 -8.57
C LEU A 46 11.25 3.48 -8.70
N LYS A 47 12.54 3.73 -8.89
CA LYS A 47 13.04 5.09 -9.04
C LYS A 47 12.34 5.81 -10.20
N ASP A 48 12.40 7.13 -10.19
CA ASP A 48 11.77 7.93 -11.24
C ASP A 48 10.28 7.62 -11.35
N GLY A 49 9.70 7.16 -10.25
CA GLY A 49 8.28 6.83 -10.23
C GLY A 49 7.49 7.69 -9.26
N PRO A 50 6.16 7.62 -9.36
CA PRO A 50 5.27 8.39 -8.48
C PRO A 50 5.30 7.92 -7.04
N ALA A 51 5.37 6.59 -6.86
CA ALA A 51 5.41 6.01 -5.53
C ALA A 51 6.71 6.36 -4.81
N GLN A 52 7.78 6.53 -5.59
CA GLN A 52 9.08 6.87 -5.03
C GLN A 52 9.24 8.38 -4.91
N ARG A 53 8.80 9.10 -5.93
CA ARG A 53 8.89 10.55 -5.95
C ARG A 53 8.08 11.17 -4.82
N CYS A 54 6.83 10.77 -4.70
CA CYS A 54 5.94 11.27 -3.66
C CYS A 54 6.57 11.10 -2.28
N GLY A 55 7.35 10.04 -2.12
CA GLY A 55 8.00 9.77 -0.85
C GLY A 55 7.01 9.56 0.27
N ARG A 56 5.89 8.91 -0.05
CA ARG A 56 4.86 8.64 0.94
C ARG A 56 4.94 7.20 1.44
N LEU A 57 5.18 6.27 0.52
CA LEU A 57 5.29 4.86 0.86
C LEU A 57 6.74 4.47 1.11
N GLU A 58 7.02 4.00 2.33
CA GLU A 58 8.37 3.60 2.70
C GLU A 58 8.47 2.07 2.82
N VAL A 59 9.65 1.54 2.53
CA VAL A 59 9.87 0.10 2.60
C VAL A 59 9.58 -0.43 4.01
N GLY A 60 8.56 -1.27 4.12
CA GLY A 60 8.21 -1.83 5.41
C GLY A 60 6.78 -1.50 5.81
N ASP A 61 6.20 -0.49 5.17
CA ASP A 61 4.84 -0.08 5.46
C ASP A 61 3.88 -1.26 5.38
N LEU A 62 3.04 -1.41 6.40
CA LEU A 62 2.07 -2.50 6.44
C LEU A 62 0.78 -2.12 5.72
N VAL A 63 0.34 -2.98 4.81
CA VAL A 63 -0.88 -2.74 4.05
C VAL A 63 -2.08 -3.43 4.70
N LEU A 64 -3.07 -2.64 5.08
CA LEU A 64 -4.27 -3.18 5.72
C LEU A 64 -5.34 -3.51 4.67
N HIS A 65 -5.64 -2.53 3.82
CA HIS A 65 -6.65 -2.70 2.77
C HIS A 65 -6.18 -2.06 1.47
N ILE A 66 -7.04 -2.13 0.45
CA ILE A 66 -6.72 -1.56 -0.85
C ILE A 66 -7.98 -1.11 -1.57
N ASN A 67 -8.01 0.17 -1.95
CA ASN A 67 -9.16 0.73 -2.65
C ASN A 67 -10.43 0.57 -1.82
N GLY A 68 -10.33 0.84 -0.53
CA GLY A 68 -11.48 0.73 0.36
C GLY A 68 -12.04 -0.68 0.39
N GLU A 69 -11.22 -1.65 -0.01
CA GLU A 69 -11.64 -3.05 -0.02
C GLU A 69 -10.78 -3.89 0.92
N SER A 70 -11.41 -4.52 1.90
CA SER A 70 -10.70 -5.34 2.86
C SER A 70 -10.04 -6.54 2.17
N THR A 71 -8.71 -6.55 2.15
CA THR A 71 -7.96 -7.63 1.52
C THR A 71 -7.89 -8.85 2.43
N GLN A 72 -8.63 -8.81 3.54
CA GLN A 72 -8.65 -9.92 4.48
C GLN A 72 -8.96 -11.23 3.78
N GLY A 73 -9.99 -11.23 2.94
CA GLY A 73 -10.38 -12.43 2.23
C GLY A 73 -9.57 -12.63 0.97
N LEU A 74 -8.79 -11.62 0.60
CA LEU A 74 -7.95 -11.69 -0.60
C LEU A 74 -6.53 -12.09 -0.25
N THR A 75 -5.75 -12.46 -1.28
CA THR A 75 -4.37 -12.87 -1.08
C THR A 75 -3.40 -11.89 -1.75
N HIS A 76 -2.12 -12.13 -1.56
CA HIS A 76 -1.08 -11.27 -2.14
C HIS A 76 -1.35 -11.04 -3.63
N ALA A 77 -1.56 -12.13 -4.36
CA ALA A 77 -1.82 -12.06 -5.80
C ALA A 77 -3.03 -11.18 -6.08
N GLN A 78 -4.18 -11.55 -5.52
CA GLN A 78 -5.41 -10.79 -5.73
C GLN A 78 -5.18 -9.31 -5.45
N ALA A 79 -4.65 -9.00 -4.27
CA ALA A 79 -4.38 -7.62 -3.89
C ALA A 79 -3.64 -6.88 -4.99
N VAL A 80 -2.50 -7.43 -5.41
CA VAL A 80 -1.69 -6.82 -6.46
C VAL A 80 -2.55 -6.47 -7.68
N GLU A 81 -3.53 -7.33 -7.97
CA GLU A 81 -4.41 -7.11 -9.10
C GLU A 81 -5.35 -5.93 -8.85
N ARG A 82 -5.92 -5.87 -7.65
CA ARG A 82 -6.83 -4.79 -7.29
C ARG A 82 -6.19 -3.43 -7.53
N ILE A 83 -4.86 -3.40 -7.50
CA ILE A 83 -4.12 -2.15 -7.72
C ILE A 83 -4.07 -1.81 -9.20
N ARG A 84 -3.44 -2.67 -9.99
CA ARG A 84 -3.32 -2.45 -11.42
C ARG A 84 -4.69 -2.18 -12.05
N ALA A 85 -5.70 -2.93 -11.61
CA ALA A 85 -7.04 -2.76 -12.13
C ALA A 85 -7.70 -1.51 -11.56
N GLY A 86 -7.07 -0.92 -10.55
CA GLY A 86 -7.60 0.28 -9.93
C GLY A 86 -7.88 1.37 -10.95
N GLY A 87 -6.93 1.60 -11.84
CA GLY A 87 -7.10 2.64 -12.85
C GLY A 87 -6.01 3.69 -12.79
N PRO A 88 -6.34 4.91 -13.25
CA PRO A 88 -5.40 6.03 -13.25
C PRO A 88 -5.09 6.53 -11.85
N GLN A 89 -6.00 6.30 -10.91
CA GLN A 89 -5.82 6.73 -9.54
C GLN A 89 -5.69 5.52 -8.60
N LEU A 90 -4.59 5.48 -7.85
CA LEU A 90 -4.35 4.39 -6.93
C LEU A 90 -4.74 4.77 -5.51
N HIS A 91 -5.37 3.85 -4.79
CA HIS A 91 -5.79 4.09 -3.42
C HIS A 91 -5.44 2.92 -2.52
N LEU A 92 -4.40 3.09 -1.71
CA LEU A 92 -3.95 2.03 -0.80
C LEU A 92 -4.06 2.49 0.65
N VAL A 93 -4.53 1.60 1.51
CA VAL A 93 -4.67 1.91 2.92
C VAL A 93 -3.49 1.39 3.73
N ILE A 94 -2.67 2.31 4.23
CA ILE A 94 -1.50 1.94 5.03
C ILE A 94 -1.60 2.48 6.45
N ARG A 95 -1.00 1.76 7.39
CA ARG A 95 -1.02 2.17 8.79
C ARG A 95 0.35 1.98 9.43
N ARG A 96 0.90 3.08 9.95
CA ARG A 96 2.22 3.04 10.58
C ARG A 96 2.17 2.22 11.87
N PRO A 97 2.96 1.14 11.91
CA PRO A 97 3.03 0.25 13.08
C PRO A 97 3.70 0.92 14.27
N LEU A 98 3.77 0.20 15.39
CA LEU A 98 4.39 0.72 16.60
C LEU A 98 5.87 0.99 16.39
N SER A 99 6.53 0.08 15.68
CA SER A 99 7.96 0.23 15.41
C SER A 99 8.19 0.70 13.97
N GLY A 100 8.92 1.80 13.84
CA GLY A 100 9.21 2.34 12.53
C GLY A 100 10.29 1.57 11.80
N PRO A 101 11.54 2.05 11.90
CA PRO A 101 12.68 1.41 11.26
C PRO A 101 13.04 0.07 11.89
N SER A 102 12.93 -1.00 11.11
CA SER A 102 13.24 -2.33 11.60
C SER A 102 13.45 -3.31 10.44
N SER A 103 14.67 -3.84 10.33
CA SER A 103 15.01 -4.78 9.27
C SER A 103 13.92 -5.85 9.12
N GLY A 104 13.53 -6.44 10.25
CA GLY A 104 12.50 -7.46 10.21
C GLY A 104 12.46 -8.26 11.51
N GLY A 1 -13.28 9.13 2.89
CA GLY A 1 -12.90 10.18 3.83
C GLY A 1 -11.57 10.81 3.48
N SER A 2 -11.60 12.07 3.06
CA SER A 2 -10.38 12.78 2.69
C SER A 2 -9.93 13.70 3.82
N SER A 3 -10.80 14.64 4.20
CA SER A 3 -10.49 15.59 5.26
C SER A 3 -11.76 16.19 5.84
N GLY A 4 -12.05 15.87 7.11
CA GLY A 4 -13.23 16.38 7.76
C GLY A 4 -12.94 16.94 9.14
N SER A 5 -13.99 17.38 9.83
CA SER A 5 -13.83 17.94 11.16
C SER A 5 -13.32 16.89 12.14
N SER A 6 -12.31 17.27 12.92
CA SER A 6 -11.72 16.36 13.89
C SER A 6 -12.80 15.65 14.70
N GLY A 7 -12.94 14.35 14.49
CA GLY A 7 -13.94 13.57 15.20
C GLY A 7 -13.33 12.71 16.29
N GLN A 8 -13.01 11.47 15.93
CA GLN A 8 -12.42 10.53 16.90
C GLN A 8 -11.00 10.17 16.49
N ALA A 9 -10.22 9.71 17.46
CA ALA A 9 -8.84 9.31 17.22
C ALA A 9 -8.72 8.47 15.95
N SER A 10 -8.15 9.06 14.91
CA SER A 10 -7.98 8.37 13.63
C SER A 10 -6.51 8.14 13.33
N GLY A 11 -6.24 7.28 12.35
CA GLY A 11 -4.87 6.99 11.97
C GLY A 11 -4.74 6.52 10.54
N HIS A 12 -5.23 5.32 10.26
CA HIS A 12 -5.17 4.76 8.91
C HIS A 12 -5.36 5.85 7.86
N PHE A 13 -4.52 5.82 6.83
CA PHE A 13 -4.59 6.81 5.76
C PHE A 13 -4.50 6.13 4.39
N SER A 14 -4.80 6.89 3.34
CA SER A 14 -4.77 6.37 1.99
C SER A 14 -3.63 7.02 1.20
N VAL A 15 -3.33 6.44 0.03
CA VAL A 15 -2.26 6.95 -0.83
C VAL A 15 -2.78 7.23 -2.24
N GLU A 16 -2.62 8.47 -2.68
CA GLU A 16 -3.06 8.86 -4.01
C GLU A 16 -1.88 8.99 -4.97
N LEU A 17 -1.90 8.18 -6.02
CA LEU A 17 -0.83 8.20 -7.02
C LEU A 17 -1.39 8.08 -8.43
N VAL A 18 -0.74 8.75 -9.38
CA VAL A 18 -1.17 8.70 -10.77
C VAL A 18 -0.27 7.80 -11.61
N ARG A 19 -0.85 6.72 -12.13
CA ARG A 19 -0.10 5.78 -12.94
C ARG A 19 0.96 6.49 -13.77
N GLY A 20 2.22 6.37 -13.33
CA GLY A 20 3.31 7.02 -14.04
C GLY A 20 3.48 6.48 -15.46
N TYR A 21 4.71 6.12 -15.81
CA TYR A 21 5.00 5.60 -17.13
C TYR A 21 4.52 4.16 -17.27
N ALA A 22 3.23 4.00 -17.59
CA ALA A 22 2.64 2.68 -17.75
C ALA A 22 2.87 1.83 -16.51
N GLY A 23 2.66 2.42 -15.34
CA GLY A 23 2.84 1.69 -14.10
C GLY A 23 3.15 2.61 -12.93
N PHE A 24 3.00 2.09 -11.72
CA PHE A 24 3.27 2.88 -10.51
C PHE A 24 4.67 2.60 -9.98
N GLY A 25 5.12 1.36 -10.13
CA GLY A 25 6.44 0.99 -9.66
C GLY A 25 6.45 0.59 -8.20
N LEU A 26 5.32 0.08 -7.73
CA LEU A 26 5.19 -0.34 -6.34
C LEU A 26 5.09 -1.86 -6.24
N THR A 27 5.95 -2.45 -5.42
CA THR A 27 5.97 -3.90 -5.23
C THR A 27 5.79 -4.27 -3.76
N LEU A 28 5.14 -5.40 -3.52
CA LEU A 28 4.90 -5.86 -2.15
C LEU A 28 5.74 -7.10 -1.85
N GLY A 29 6.08 -7.29 -0.58
CA GLY A 29 6.87 -8.44 -0.19
C GLY A 29 6.27 -9.17 1.00
N GLY A 30 5.53 -10.25 0.73
CA GLY A 30 4.92 -11.01 1.79
C GLY A 30 3.51 -11.46 1.44
N GLY A 31 2.65 -11.54 2.46
CA GLY A 31 1.28 -11.96 2.23
C GLY A 31 1.08 -13.43 2.46
N ARG A 32 -0.08 -13.95 2.03
CA ARG A 32 -0.39 -15.36 2.20
C ARG A 32 0.33 -16.21 1.15
N ASP A 33 1.19 -17.11 1.61
CA ASP A 33 1.94 -17.98 0.70
C ASP A 33 1.52 -19.44 0.88
N VAL A 34 1.81 -20.26 -0.12
CA VAL A 34 1.47 -21.68 -0.06
C VAL A 34 1.99 -22.32 1.22
N ALA A 35 3.23 -21.99 1.58
CA ALA A 35 3.84 -22.53 2.78
C ALA A 35 4.44 -21.42 3.64
N GLY A 36 3.87 -20.23 3.55
CA GLY A 36 4.36 -19.10 4.32
C GLY A 36 3.27 -18.12 4.67
N ASP A 37 3.37 -17.52 5.85
CA ASP A 37 2.39 -16.54 6.30
C ASP A 37 3.06 -15.28 6.82
N THR A 38 2.92 -14.18 6.07
CA THR A 38 3.52 -12.91 6.46
C THR A 38 2.65 -11.74 6.02
N PRO A 39 2.66 -10.66 6.83
CA PRO A 39 1.88 -9.46 6.54
C PRO A 39 2.42 -8.69 5.34
N LEU A 40 1.54 -8.40 4.38
CA LEU A 40 1.92 -7.68 3.18
C LEU A 40 2.51 -6.31 3.53
N ALA A 41 3.72 -6.05 3.06
CA ALA A 41 4.39 -4.79 3.32
C ALA A 41 5.27 -4.37 2.14
N VAL A 42 5.29 -3.07 1.85
CA VAL A 42 6.09 -2.55 0.76
C VAL A 42 7.46 -3.22 0.70
N ARG A 43 7.83 -3.69 -0.49
CA ARG A 43 9.12 -4.34 -0.68
C ARG A 43 10.11 -3.42 -1.39
N GLY A 44 9.84 -3.13 -2.66
CA GLY A 44 10.71 -2.27 -3.43
C GLY A 44 10.01 -1.00 -3.88
N LEU A 45 10.80 0.06 -4.08
CA LEU A 45 10.24 1.34 -4.52
C LEU A 45 10.92 1.80 -5.80
N LEU A 46 10.19 1.69 -6.92
CA LEU A 46 10.73 2.11 -8.21
C LEU A 46 11.42 3.46 -8.11
N LYS A 47 12.75 3.44 -8.22
CA LYS A 47 13.54 4.68 -8.14
C LYS A 47 12.87 5.80 -8.93
N ASP A 48 13.03 7.03 -8.45
CA ASP A 48 12.45 8.19 -9.11
C ASP A 48 11.04 7.89 -9.61
N GLY A 49 10.31 7.09 -8.83
CA GLY A 49 8.95 6.74 -9.21
C GLY A 49 7.91 7.54 -8.46
N PRO A 50 6.63 7.27 -8.76
CA PRO A 50 5.51 7.97 -8.12
C PRO A 50 5.35 7.60 -6.64
N ALA A 51 5.52 6.32 -6.35
CA ALA A 51 5.40 5.83 -4.98
C ALA A 51 6.60 6.26 -4.14
N GLN A 52 7.75 6.34 -4.78
CA GLN A 52 8.97 6.73 -4.09
C GLN A 52 9.04 8.26 -3.92
N ARG A 53 8.72 8.97 -4.98
CA ARG A 53 8.75 10.43 -4.96
C ARG A 53 7.82 10.97 -3.87
N CYS A 54 6.58 10.50 -3.88
CA CYS A 54 5.59 10.95 -2.90
C CYS A 54 6.10 10.71 -1.47
N GLY A 55 6.81 9.60 -1.29
CA GLY A 55 7.34 9.28 0.03
C GLY A 55 6.32 8.60 0.91
N ARG A 56 5.08 9.07 0.85
CA ARG A 56 4.00 8.50 1.66
C ARG A 56 4.17 6.99 1.79
N LEU A 57 4.68 6.36 0.74
CA LEU A 57 4.89 4.92 0.74
C LEU A 57 6.37 4.58 0.91
N GLU A 58 6.67 3.79 1.94
CA GLU A 58 8.04 3.40 2.21
C GLU A 58 8.13 1.90 2.53
N VAL A 59 9.27 1.30 2.26
CA VAL A 59 9.48 -0.12 2.51
C VAL A 59 9.19 -0.45 3.97
N GLY A 60 8.36 -1.48 4.18
CA GLY A 60 8.02 -1.89 5.52
C GLY A 60 6.60 -1.51 5.90
N ASP A 61 6.10 -0.42 5.33
CA ASP A 61 4.75 0.05 5.62
C ASP A 61 3.76 -1.12 5.60
N LEU A 62 2.79 -1.06 6.49
CA LEU A 62 1.77 -2.11 6.59
C LEU A 62 0.52 -1.73 5.80
N VAL A 63 0.05 -2.67 4.98
CA VAL A 63 -1.14 -2.46 4.16
C VAL A 63 -2.38 -3.06 4.81
N LEU A 64 -3.36 -2.22 5.11
CA LEU A 64 -4.60 -2.68 5.72
C LEU A 64 -5.67 -2.95 4.68
N HIS A 65 -5.77 -2.06 3.70
CA HIS A 65 -6.75 -2.20 2.63
C HIS A 65 -6.22 -1.60 1.32
N ILE A 66 -7.04 -1.68 0.27
CA ILE A 66 -6.65 -1.16 -1.03
C ILE A 66 -7.87 -0.77 -1.85
N ASN A 67 -7.91 0.48 -2.28
CA ASN A 67 -9.03 0.99 -3.08
C ASN A 67 -10.36 0.51 -2.50
N GLY A 68 -10.44 0.45 -1.18
CA GLY A 68 -11.66 0.01 -0.53
C GLY A 68 -11.83 -1.49 -0.57
N GLU A 69 -10.71 -2.21 -0.56
CA GLU A 69 -10.73 -3.67 -0.59
C GLU A 69 -10.08 -4.25 0.65
N SER A 70 -10.80 -5.14 1.33
CA SER A 70 -10.29 -5.77 2.55
C SER A 70 -9.27 -6.85 2.21
N THR A 71 -8.01 -6.57 2.48
CA THR A 71 -6.93 -7.52 2.20
C THR A 71 -6.83 -8.57 3.30
N GLN A 72 -7.85 -8.63 4.15
CA GLN A 72 -7.87 -9.59 5.25
C GLN A 72 -7.63 -11.01 4.74
N GLY A 73 -8.21 -11.32 3.59
CA GLY A 73 -8.04 -12.65 3.01
C GLY A 73 -7.63 -12.60 1.56
N LEU A 74 -6.79 -11.63 1.22
CA LEU A 74 -6.32 -11.48 -0.16
C LEU A 74 -4.85 -11.86 -0.27
N THR A 75 -4.49 -12.49 -1.39
CA THR A 75 -3.12 -12.91 -1.63
C THR A 75 -2.35 -11.86 -2.43
N HIS A 76 -1.05 -12.06 -2.56
CA HIS A 76 -0.20 -11.13 -3.31
C HIS A 76 -0.82 -10.80 -4.66
N ALA A 77 -1.24 -11.83 -5.39
CA ALA A 77 -1.85 -11.65 -6.69
C ALA A 77 -3.15 -10.85 -6.59
N GLN A 78 -3.99 -11.22 -5.63
CA GLN A 78 -5.26 -10.52 -5.43
C GLN A 78 -5.04 -9.04 -5.17
N ALA A 79 -4.29 -8.73 -4.11
CA ALA A 79 -4.00 -7.35 -3.75
C ALA A 79 -3.59 -6.54 -4.98
N VAL A 80 -2.62 -7.06 -5.72
CA VAL A 80 -2.13 -6.37 -6.92
C VAL A 80 -3.26 -6.15 -7.91
N GLU A 81 -3.86 -7.23 -8.37
CA GLU A 81 -4.96 -7.15 -9.33
C GLU A 81 -5.87 -5.96 -9.02
N ARG A 82 -6.21 -5.80 -7.76
CA ARG A 82 -7.08 -4.71 -7.32
C ARG A 82 -6.48 -3.36 -7.71
N ILE A 83 -5.18 -3.20 -7.46
CA ILE A 83 -4.50 -1.95 -7.78
C ILE A 83 -4.60 -1.65 -9.27
N ARG A 84 -4.05 -2.54 -10.10
CA ARG A 84 -4.08 -2.36 -11.55
C ARG A 84 -5.51 -2.09 -12.03
N ALA A 85 -6.43 -2.97 -11.63
CA ALA A 85 -7.83 -2.83 -12.03
C ALA A 85 -8.41 -1.52 -11.52
N GLY A 86 -7.90 -1.04 -10.38
CA GLY A 86 -8.40 0.20 -9.82
C GLY A 86 -8.62 1.27 -10.87
N GLY A 87 -7.67 1.40 -11.80
CA GLY A 87 -7.79 2.39 -12.85
C GLY A 87 -6.59 3.33 -12.89
N PRO A 88 -6.82 4.54 -13.40
CA PRO A 88 -5.76 5.56 -13.52
C PRO A 88 -5.34 6.11 -12.16
N GLN A 89 -6.22 5.98 -11.18
CA GLN A 89 -5.94 6.46 -9.83
C GLN A 89 -5.62 5.30 -8.89
N LEU A 90 -4.56 5.46 -8.10
CA LEU A 90 -4.14 4.43 -7.16
C LEU A 90 -4.50 4.82 -5.73
N HIS A 91 -5.16 3.91 -5.02
CA HIS A 91 -5.57 4.16 -3.64
C HIS A 91 -5.17 3.00 -2.74
N LEU A 92 -4.26 3.26 -1.81
CA LEU A 92 -3.79 2.24 -0.89
C LEU A 92 -3.90 2.72 0.56
N VAL A 93 -4.51 1.89 1.41
CA VAL A 93 -4.69 2.22 2.82
C VAL A 93 -3.48 1.77 3.64
N ILE A 94 -2.71 2.74 4.11
CA ILE A 94 -1.52 2.45 4.92
C ILE A 94 -1.61 3.12 6.28
N ARG A 95 -1.09 2.43 7.30
CA ARG A 95 -1.11 2.96 8.65
C ARG A 95 0.25 2.76 9.33
N ARG A 96 1.01 3.85 9.46
CA ARG A 96 2.33 3.78 10.09
C ARG A 96 2.22 3.23 11.50
N PRO A 97 2.92 2.11 11.75
CA PRO A 97 2.93 1.45 13.06
C PRO A 97 3.68 2.27 14.11
N LEU A 98 3.29 2.11 15.37
CA LEU A 98 3.92 2.83 16.46
C LEU A 98 5.15 2.08 16.97
N SER A 99 5.91 1.51 16.04
CA SER A 99 7.10 0.75 16.39
C SER A 99 8.35 1.36 15.74
N GLY A 100 9.48 1.27 16.42
CA GLY A 100 10.71 1.82 15.89
C GLY A 100 11.76 0.76 15.67
N PRO A 101 11.48 -0.18 14.74
CA PRO A 101 12.41 -1.27 14.42
C PRO A 101 13.64 -0.77 13.68
N SER A 102 14.82 -1.16 14.16
CA SER A 102 16.08 -0.77 13.55
C SER A 102 17.14 -1.85 13.73
N SER A 103 17.44 -2.55 12.64
CA SER A 103 18.43 -3.62 12.68
C SER A 103 19.69 -3.21 11.89
N GLY A 104 20.81 -3.09 12.60
CA GLY A 104 22.06 -2.72 11.96
C GLY A 104 23.27 -3.25 12.70
N GLY A 1 -12.67 11.22 -3.71
CA GLY A 1 -12.75 10.08 -2.81
C GLY A 1 -13.38 8.87 -3.47
N SER A 2 -14.33 8.25 -2.78
CA SER A 2 -15.02 7.07 -3.30
C SER A 2 -16.52 7.17 -3.09
N SER A 3 -17.26 6.32 -3.77
CA SER A 3 -18.72 6.32 -3.67
C SER A 3 -19.16 6.52 -2.23
N GLY A 4 -18.60 5.72 -1.33
CA GLY A 4 -18.94 5.83 0.08
C GLY A 4 -18.33 7.05 0.74
N SER A 5 -18.58 7.21 2.03
CA SER A 5 -18.06 8.35 2.78
C SER A 5 -16.57 8.16 3.09
N SER A 6 -15.81 9.23 2.99
CA SER A 6 -14.37 9.19 3.26
C SER A 6 -14.03 10.02 4.49
N GLY A 7 -13.56 9.35 5.54
CA GLY A 7 -13.20 10.04 6.77
C GLY A 7 -11.72 10.30 6.86
N GLN A 8 -11.33 11.17 7.78
CA GLN A 8 -9.92 11.50 7.98
C GLN A 8 -9.41 10.95 9.31
N ALA A 9 -8.95 9.70 9.28
CA ALA A 9 -8.43 9.07 10.48
C ALA A 9 -6.93 9.31 10.63
N SER A 10 -6.43 9.18 11.86
CA SER A 10 -5.01 9.40 12.13
C SER A 10 -4.24 8.08 12.08
N GLY A 11 -4.76 7.07 12.76
CA GLY A 11 -4.12 5.77 12.77
C GLY A 11 -3.91 5.21 11.37
N HIS A 12 -5.00 5.16 10.61
CA HIS A 12 -4.94 4.64 9.24
C HIS A 12 -5.03 5.77 8.22
N PHE A 13 -4.30 5.61 7.12
CA PHE A 13 -4.29 6.62 6.06
C PHE A 13 -4.33 5.98 4.68
N SER A 14 -4.60 6.79 3.66
CA SER A 14 -4.66 6.28 2.29
C SER A 14 -3.54 6.88 1.44
N VAL A 15 -3.25 6.23 0.31
CA VAL A 15 -2.20 6.69 -0.59
C VAL A 15 -2.76 6.97 -1.98
N GLU A 16 -2.56 8.20 -2.44
CA GLU A 16 -3.05 8.59 -3.76
C GLU A 16 -1.88 8.82 -4.72
N LEU A 17 -2.00 8.26 -5.92
CA LEU A 17 -0.96 8.39 -6.94
C LEU A 17 -1.54 8.19 -8.34
N VAL A 18 -0.86 8.76 -9.34
CA VAL A 18 -1.30 8.64 -10.72
C VAL A 18 -0.27 7.91 -11.56
N ARG A 19 -0.65 6.74 -12.07
CA ARG A 19 0.25 5.94 -12.90
C ARG A 19 1.15 6.82 -13.75
N GLY A 20 2.42 6.45 -13.84
CA GLY A 20 3.37 7.22 -14.63
C GLY A 20 4.06 6.38 -15.69
N TYR A 21 5.15 5.74 -15.30
CA TYR A 21 5.91 4.90 -16.24
C TYR A 21 5.32 3.50 -16.30
N ALA A 22 4.25 3.35 -17.08
CA ALA A 22 3.61 2.05 -17.23
C ALA A 22 3.48 1.34 -15.89
N GLY A 23 2.98 2.05 -14.89
CA GLY A 23 2.82 1.46 -13.56
C GLY A 23 3.15 2.45 -12.45
N PHE A 24 3.19 1.94 -11.22
CA PHE A 24 3.49 2.78 -10.07
C PHE A 24 4.90 2.52 -9.55
N GLY A 25 5.54 1.48 -10.09
CA GLY A 25 6.88 1.15 -9.67
C GLY A 25 6.95 0.72 -8.22
N LEU A 26 5.82 0.25 -7.69
CA LEU A 26 5.76 -0.18 -6.30
C LEU A 26 5.59 -1.70 -6.21
N THR A 27 6.52 -2.36 -5.53
CA THR A 27 6.47 -3.81 -5.38
C THR A 27 6.20 -4.20 -3.93
N LEU A 28 5.52 -5.32 -3.74
CA LEU A 28 5.20 -5.80 -2.40
C LEU A 28 5.98 -7.07 -2.07
N GLY A 29 6.66 -7.07 -0.93
CA GLY A 29 7.43 -8.23 -0.53
C GLY A 29 6.75 -9.04 0.57
N GLY A 30 6.38 -10.28 0.25
CA GLY A 30 5.73 -11.13 1.22
C GLY A 30 4.24 -11.29 0.95
N GLY A 31 3.42 -11.04 1.96
CA GLY A 31 1.98 -11.16 1.80
C GLY A 31 1.48 -12.55 2.13
N ARG A 32 0.16 -12.72 2.11
CA ARG A 32 -0.44 -14.02 2.42
C ARG A 32 -0.25 -14.99 1.26
N ASP A 33 0.63 -15.96 1.46
CA ASP A 33 0.90 -16.97 0.44
C ASP A 33 0.54 -18.37 0.93
N VAL A 34 0.30 -19.27 -0.01
CA VAL A 34 -0.06 -20.64 0.33
C VAL A 34 1.04 -21.33 1.13
N ALA A 35 2.28 -21.02 0.77
CA ALA A 35 3.44 -21.61 1.45
C ALA A 35 4.23 -20.54 2.19
N GLY A 36 3.55 -19.47 2.60
CA GLY A 36 4.21 -18.40 3.32
C GLY A 36 3.27 -17.25 3.64
N ASP A 37 2.75 -17.24 4.85
CA ASP A 37 1.83 -16.18 5.28
C ASP A 37 2.60 -15.03 5.92
N THR A 38 2.48 -13.85 5.30
CA THR A 38 3.16 -12.67 5.80
C THR A 38 2.37 -11.40 5.48
N PRO A 39 2.46 -10.40 6.37
CA PRO A 39 1.76 -9.12 6.21
C PRO A 39 2.33 -8.30 5.06
N LEU A 40 1.52 -8.07 4.03
CA LEU A 40 1.95 -7.29 2.88
C LEU A 40 2.57 -5.98 3.30
N ALA A 41 3.79 -5.73 2.83
CA ALA A 41 4.50 -4.49 3.17
C ALA A 41 5.43 -4.07 2.03
N VAL A 42 5.35 -2.80 1.65
CA VAL A 42 6.18 -2.27 0.58
C VAL A 42 7.56 -2.91 0.59
N ARG A 43 7.99 -3.38 -0.58
CA ARG A 43 9.30 -4.03 -0.71
C ARG A 43 10.32 -3.07 -1.33
N GLY A 44 10.15 -2.80 -2.63
CA GLY A 44 11.06 -1.91 -3.32
C GLY A 44 10.36 -0.70 -3.90
N LEU A 45 11.12 0.37 -4.14
CA LEU A 45 10.55 1.60 -4.69
C LEU A 45 11.25 1.97 -6.00
N LEU A 46 10.57 1.73 -7.12
CA LEU A 46 11.13 2.04 -8.43
C LEU A 46 11.57 3.50 -8.50
N LYS A 47 12.77 3.72 -9.02
CA LYS A 47 13.32 5.06 -9.15
C LYS A 47 12.51 5.90 -10.14
N ASP A 48 12.60 7.21 -10.01
CA ASP A 48 11.87 8.12 -10.89
C ASP A 48 10.41 7.70 -11.00
N GLY A 49 9.88 7.10 -9.94
CA GLY A 49 8.50 6.66 -9.96
C GLY A 49 7.58 7.59 -9.18
N PRO A 50 6.27 7.46 -9.40
CA PRO A 50 5.27 8.29 -8.73
C PRO A 50 5.15 7.97 -7.24
N ALA A 51 5.49 6.74 -6.87
CA ALA A 51 5.43 6.31 -5.49
C ALA A 51 6.69 6.68 -4.73
N GLN A 52 7.82 6.65 -5.44
CA GLN A 52 9.10 7.00 -4.83
C GLN A 52 9.31 8.51 -4.81
N ARG A 53 8.66 9.21 -5.74
CA ARG A 53 8.79 10.66 -5.83
C ARG A 53 7.84 11.34 -4.84
N CYS A 54 6.60 10.89 -4.81
CA CYS A 54 5.59 11.46 -3.91
C CYS A 54 6.08 11.42 -2.47
N GLY A 55 6.91 10.42 -2.15
CA GLY A 55 7.42 10.30 -0.80
C GLY A 55 6.34 10.06 0.23
N ARG A 56 5.53 9.03 0.01
CA ARG A 56 4.44 8.70 0.92
C ARG A 56 4.55 7.25 1.39
N LEU A 57 4.89 6.36 0.47
CA LEU A 57 5.03 4.94 0.81
C LEU A 57 6.50 4.55 0.91
N GLU A 58 6.90 4.13 2.11
CA GLU A 58 8.29 3.74 2.36
C GLU A 58 8.36 2.23 2.64
N VAL A 59 9.55 1.67 2.44
CA VAL A 59 9.77 0.24 2.66
C VAL A 59 9.47 -0.12 4.12
N GLY A 60 8.52 -1.04 4.31
CA GLY A 60 8.17 -1.47 5.64
C GLY A 60 6.70 -1.23 5.96
N ASP A 61 6.10 -0.23 5.30
CA ASP A 61 4.70 0.10 5.51
C ASP A 61 3.85 -1.17 5.54
N LEU A 62 2.82 -1.16 6.38
CA LEU A 62 1.93 -2.31 6.51
C LEU A 62 0.58 -2.02 5.84
N VAL A 63 0.26 -2.82 4.83
CA VAL A 63 -1.00 -2.66 4.11
C VAL A 63 -2.12 -3.43 4.79
N LEU A 64 -3.24 -2.74 5.06
CA LEU A 64 -4.38 -3.37 5.70
C LEU A 64 -5.54 -3.51 4.71
N HIS A 65 -5.73 -2.50 3.88
CA HIS A 65 -6.81 -2.51 2.89
C HIS A 65 -6.36 -1.86 1.59
N ILE A 66 -7.07 -2.15 0.51
CA ILE A 66 -6.74 -1.59 -0.80
C ILE A 66 -8.01 -1.17 -1.54
N ASN A 67 -7.97 0.04 -2.12
CA ASN A 67 -9.11 0.56 -2.86
C ASN A 67 -10.40 0.43 -2.04
N GLY A 68 -10.30 0.70 -0.75
CA GLY A 68 -11.46 0.60 0.12
C GLY A 68 -12.01 -0.81 0.20
N GLU A 69 -11.16 -1.79 -0.08
CA GLU A 69 -11.57 -3.19 -0.04
C GLU A 69 -10.86 -3.92 1.10
N SER A 70 -11.42 -5.07 1.48
CA SER A 70 -10.85 -5.86 2.56
C SER A 70 -9.89 -6.92 2.02
N THR A 71 -8.62 -6.83 2.40
CA THR A 71 -7.61 -7.78 1.95
C THR A 71 -7.65 -9.04 2.78
N GLN A 72 -8.51 -9.07 3.78
CA GLN A 72 -8.65 -10.24 4.65
C GLN A 72 -8.84 -11.51 3.83
N GLY A 73 -9.47 -11.37 2.66
CA GLY A 73 -9.71 -12.51 1.80
C GLY A 73 -8.92 -12.45 0.51
N LEU A 74 -8.09 -11.41 0.38
CA LEU A 74 -7.28 -11.23 -0.82
C LEU A 74 -5.81 -11.53 -0.54
N THR A 75 -5.27 -12.53 -1.23
CA THR A 75 -3.88 -12.91 -1.05
C THR A 75 -2.94 -11.95 -1.78
N HIS A 76 -1.64 -12.09 -1.53
CA HIS A 76 -0.64 -11.23 -2.17
C HIS A 76 -1.01 -10.97 -3.63
N ALA A 77 -1.38 -12.03 -4.34
CA ALA A 77 -1.74 -11.92 -5.75
C ALA A 77 -3.03 -11.11 -5.92
N GLN A 78 -4.05 -11.48 -5.15
CA GLN A 78 -5.33 -10.79 -5.22
C GLN A 78 -5.16 -9.29 -4.99
N ALA A 79 -4.51 -8.93 -3.88
CA ALA A 79 -4.28 -7.53 -3.55
C ALA A 79 -3.60 -6.80 -4.70
N VAL A 80 -2.44 -7.29 -5.10
CA VAL A 80 -1.68 -6.68 -6.20
C VAL A 80 -2.59 -6.41 -7.40
N GLU A 81 -3.48 -7.35 -7.69
CA GLU A 81 -4.39 -7.21 -8.82
C GLU A 81 -5.27 -5.96 -8.65
N ARG A 82 -5.91 -5.85 -7.49
CA ARG A 82 -6.77 -4.71 -7.20
C ARG A 82 -6.05 -3.39 -7.49
N ILE A 83 -4.73 -3.41 -7.35
CA ILE A 83 -3.92 -2.22 -7.59
C ILE A 83 -3.91 -1.85 -9.07
N ARG A 84 -3.28 -2.68 -9.89
CA ARG A 84 -3.20 -2.44 -11.31
C ARG A 84 -4.59 -2.20 -11.91
N ALA A 85 -5.54 -3.06 -11.54
CA ALA A 85 -6.91 -2.94 -12.02
C ALA A 85 -7.60 -1.71 -11.43
N GLY A 86 -7.13 -1.27 -10.27
CA GLY A 86 -7.72 -0.11 -9.63
C GLY A 86 -7.98 1.02 -10.61
N GLY A 87 -7.16 1.10 -11.65
CA GLY A 87 -7.33 2.14 -12.65
C GLY A 87 -6.18 3.13 -12.65
N PRO A 88 -6.44 4.34 -13.15
CA PRO A 88 -5.42 5.40 -13.22
C PRO A 88 -5.06 5.95 -11.85
N GLN A 89 -5.97 5.79 -10.89
CA GLN A 89 -5.73 6.26 -9.53
C GLN A 89 -5.52 5.09 -8.57
N LEU A 90 -4.42 5.14 -7.82
CA LEU A 90 -4.10 4.08 -6.87
C LEU A 90 -4.53 4.47 -5.45
N HIS A 91 -5.06 3.50 -4.72
CA HIS A 91 -5.51 3.75 -3.35
C HIS A 91 -5.13 2.58 -2.44
N LEU A 92 -4.21 2.84 -1.51
CA LEU A 92 -3.76 1.82 -0.58
C LEU A 92 -3.88 2.29 0.86
N VAL A 93 -4.43 1.45 1.72
CA VAL A 93 -4.60 1.79 3.13
C VAL A 93 -3.44 1.28 3.96
N ILE A 94 -2.69 2.21 4.56
CA ILE A 94 -1.55 1.85 5.38
C ILE A 94 -1.69 2.42 6.80
N ARG A 95 -1.10 1.73 7.77
CA ARG A 95 -1.16 2.16 9.16
C ARG A 95 0.23 2.12 9.80
N ARG A 96 0.83 3.30 9.95
CA ARG A 96 2.16 3.39 10.56
C ARG A 96 2.21 2.65 11.89
N PRO A 97 2.89 1.49 11.89
CA PRO A 97 3.03 0.66 13.09
C PRO A 97 3.92 1.30 14.14
N LEU A 98 3.80 0.84 15.38
CA LEU A 98 4.61 1.37 16.48
C LEU A 98 6.02 1.73 16.00
N SER A 99 6.75 0.72 15.56
CA SER A 99 8.11 0.93 15.08
C SER A 99 8.17 2.06 14.05
N GLY A 100 9.02 3.04 14.32
CA GLY A 100 9.15 4.18 13.42
C GLY A 100 10.51 4.82 13.50
N PRO A 101 11.47 4.27 12.74
CA PRO A 101 12.85 4.78 12.71
C PRO A 101 12.94 6.14 12.02
N SER A 102 11.86 6.55 11.37
CA SER A 102 11.83 7.82 10.67
C SER A 102 11.30 8.93 11.57
N SER A 103 12.14 9.91 11.84
CA SER A 103 11.75 11.03 12.70
C SER A 103 10.81 11.99 11.96
N GLY A 104 9.87 12.56 12.70
CA GLY A 104 8.92 13.48 12.11
C GLY A 104 8.26 12.92 10.86
N GLY A 1 -11.79 27.71 18.75
CA GLY A 1 -10.68 27.08 18.07
C GLY A 1 -10.67 27.39 16.59
N SER A 2 -10.13 26.46 15.79
CA SER A 2 -10.05 26.64 14.35
C SER A 2 -10.39 25.34 13.63
N SER A 3 -10.64 25.45 12.32
CA SER A 3 -10.98 24.29 11.51
C SER A 3 -10.21 23.06 11.97
N GLY A 4 -10.92 21.95 12.18
CA GLY A 4 -10.28 20.73 12.62
C GLY A 4 -9.63 19.97 11.48
N SER A 5 -8.49 19.34 11.76
CA SER A 5 -7.76 18.58 10.75
C SER A 5 -8.58 17.39 10.27
N SER A 6 -9.16 17.50 9.08
CA SER A 6 -9.97 16.43 8.51
C SER A 6 -9.30 15.08 8.73
N GLY A 7 -9.98 14.19 9.45
CA GLY A 7 -9.43 12.87 9.71
C GLY A 7 -8.89 12.73 11.12
N GLN A 8 -7.78 12.03 11.26
CA GLN A 8 -7.15 11.82 12.56
C GLN A 8 -5.63 11.82 12.45
N ALA A 9 -4.96 12.09 13.56
CA ALA A 9 -3.51 12.12 13.59
C ALA A 9 -2.93 10.71 13.56
N SER A 10 -3.53 9.82 14.34
CA SER A 10 -3.08 8.43 14.41
C SER A 10 -4.15 7.49 13.87
N GLY A 11 -4.13 7.26 12.56
CA GLY A 11 -5.10 6.39 11.94
C GLY A 11 -4.68 5.93 10.56
N HIS A 12 -5.35 4.91 10.04
CA HIS A 12 -5.03 4.37 8.72
C HIS A 12 -5.16 5.45 7.66
N PHE A 13 -4.06 5.74 6.97
CA PHE A 13 -4.05 6.76 5.93
C PHE A 13 -4.14 6.12 4.55
N SER A 14 -4.64 6.88 3.58
CA SER A 14 -4.78 6.38 2.21
C SER A 14 -3.68 6.93 1.32
N VAL A 15 -3.21 6.10 0.40
CA VAL A 15 -2.15 6.50 -0.53
C VAL A 15 -2.66 6.55 -1.97
N GLU A 16 -2.65 7.74 -2.55
CA GLU A 16 -3.11 7.92 -3.93
C GLU A 16 -1.98 8.40 -4.82
N LEU A 17 -1.99 7.95 -6.07
CA LEU A 17 -0.95 8.34 -7.03
C LEU A 17 -1.53 8.43 -8.44
N VAL A 18 -0.72 8.94 -9.37
CA VAL A 18 -1.15 9.08 -10.76
C VAL A 18 -0.28 8.26 -11.69
N ARG A 19 -0.88 7.27 -12.34
CA ARG A 19 -0.15 6.41 -13.26
C ARG A 19 0.78 7.23 -14.16
N GLY A 20 2.08 6.97 -14.05
CA GLY A 20 3.05 7.69 -14.84
C GLY A 20 3.24 7.07 -16.22
N TYR A 21 4.28 6.27 -16.36
CA TYR A 21 4.59 5.62 -17.63
C TYR A 21 4.39 4.11 -17.54
N ALA A 22 5.00 3.51 -16.52
CA ALA A 22 4.89 2.08 -16.31
C ALA A 22 4.35 1.75 -14.91
N GLY A 23 3.03 1.78 -14.77
CA GLY A 23 2.41 1.49 -13.49
C GLY A 23 2.76 2.53 -12.44
N PHE A 24 2.88 2.10 -11.20
CA PHE A 24 3.21 3.00 -10.10
C PHE A 24 4.61 2.72 -9.55
N GLY A 25 5.05 1.47 -9.70
CA GLY A 25 6.37 1.10 -9.22
C GLY A 25 6.36 0.70 -7.76
N LEU A 26 5.20 0.28 -7.27
CA LEU A 26 5.06 -0.14 -5.89
C LEU A 26 4.96 -1.66 -5.78
N THR A 27 5.81 -2.26 -4.95
CA THR A 27 5.80 -3.70 -4.76
C THR A 27 5.59 -4.05 -3.29
N LEU A 28 5.11 -5.27 -3.05
CA LEU A 28 4.85 -5.74 -1.69
C LEU A 28 5.57 -7.06 -1.42
N GLY A 29 6.48 -7.05 -0.46
CA GLY A 29 7.22 -8.26 -0.12
C GLY A 29 6.59 -9.01 1.03
N GLY A 30 5.96 -10.14 0.71
CA GLY A 30 5.32 -10.96 1.74
C GLY A 30 3.89 -11.29 1.39
N GLY A 31 2.98 -11.08 2.35
CA GLY A 31 1.58 -11.38 2.12
C GLY A 31 1.29 -12.87 2.15
N ARG A 32 0.11 -13.25 1.66
CA ARG A 32 -0.28 -14.66 1.65
C ARG A 32 0.66 -15.47 0.77
N ASP A 33 1.44 -16.34 1.41
CA ASP A 33 2.38 -17.18 0.68
C ASP A 33 1.93 -18.64 0.68
N VAL A 34 2.34 -19.39 -0.33
CA VAL A 34 1.98 -20.80 -0.44
C VAL A 34 2.66 -21.64 0.63
N ALA A 35 3.59 -21.02 1.35
CA ALA A 35 4.32 -21.70 2.41
C ALA A 35 4.00 -21.09 3.78
N GLY A 36 3.51 -19.86 3.77
CA GLY A 36 3.17 -19.19 5.02
C GLY A 36 2.37 -17.93 4.80
N ASP A 37 2.12 -17.19 5.87
CA ASP A 37 1.36 -15.95 5.79
C ASP A 37 2.13 -14.79 6.41
N THR A 38 2.68 -13.93 5.56
CA THR A 38 3.44 -12.77 6.04
C THR A 38 2.64 -11.48 5.86
N PRO A 39 2.92 -10.50 6.73
CA PRO A 39 2.24 -9.20 6.70
C PRO A 39 2.64 -8.37 5.49
N LEU A 40 1.68 -8.06 4.64
CA LEU A 40 1.93 -7.27 3.44
C LEU A 40 2.52 -5.90 3.80
N ALA A 41 3.61 -5.55 3.15
CA ALA A 41 4.28 -4.28 3.40
C ALA A 41 5.18 -3.89 2.23
N VAL A 42 5.30 -2.59 1.99
CA VAL A 42 6.14 -2.09 0.90
C VAL A 42 7.50 -2.77 0.91
N ARG A 43 7.87 -3.35 -0.24
CA ARG A 43 9.15 -4.04 -0.37
C ARG A 43 10.16 -3.16 -1.11
N GLY A 44 9.89 -2.92 -2.39
CA GLY A 44 10.79 -2.10 -3.18
C GLY A 44 10.11 -0.86 -3.73
N LEU A 45 10.88 0.20 -3.92
CA LEU A 45 10.36 1.45 -4.45
C LEU A 45 10.95 1.77 -5.82
N LEU A 46 10.17 1.57 -6.86
CA LEU A 46 10.61 1.84 -8.23
C LEU A 46 11.29 3.19 -8.31
N LYS A 47 12.46 3.23 -8.93
CA LYS A 47 13.22 4.47 -9.09
C LYS A 47 12.50 5.43 -10.02
N ASP A 48 12.71 6.72 -9.83
CA ASP A 48 12.09 7.75 -10.66
C ASP A 48 10.61 7.42 -10.90
N GLY A 49 9.96 6.89 -9.88
CA GLY A 49 8.55 6.54 -10.00
C GLY A 49 7.65 7.48 -9.22
N PRO A 50 6.34 7.39 -9.47
CA PRO A 50 5.34 8.22 -8.80
C PRO A 50 5.18 7.87 -7.33
N ALA A 51 5.39 6.60 -7.01
CA ALA A 51 5.27 6.13 -5.63
C ALA A 51 6.49 6.53 -4.80
N GLN A 52 7.67 6.43 -5.40
CA GLN A 52 8.90 6.80 -4.73
C GLN A 52 9.07 8.31 -4.67
N ARG A 53 8.85 8.97 -5.81
CA ARG A 53 8.98 10.41 -5.90
C ARG A 53 8.08 11.11 -4.88
N CYS A 54 6.86 10.60 -4.75
CA CYS A 54 5.89 11.17 -3.82
C CYS A 54 6.48 11.23 -2.40
N GLY A 55 7.27 10.23 -2.06
CA GLY A 55 7.88 10.18 -0.74
C GLY A 55 6.85 10.08 0.37
N ARG A 56 5.85 9.22 0.18
CA ARG A 56 4.79 9.04 1.16
C ARG A 56 4.94 7.69 1.87
N LEU A 57 5.26 6.65 1.09
CA LEU A 57 5.42 5.30 1.64
C LEU A 57 6.88 4.86 1.53
N GLU A 58 7.36 4.16 2.56
CA GLU A 58 8.73 3.67 2.57
C GLU A 58 8.78 2.21 2.99
N VAL A 59 9.73 1.47 2.44
CA VAL A 59 9.88 0.05 2.75
C VAL A 59 9.66 -0.21 4.24
N GLY A 60 8.73 -1.10 4.55
CA GLY A 60 8.45 -1.42 5.94
C GLY A 60 7.01 -1.09 6.33
N ASP A 61 6.39 -0.20 5.57
CA ASP A 61 5.01 0.20 5.84
C ASP A 61 4.07 -1.01 5.77
N LEU A 62 3.16 -1.09 6.73
CA LEU A 62 2.21 -2.19 6.78
C LEU A 62 0.92 -1.83 6.06
N VAL A 63 0.43 -2.74 5.23
CA VAL A 63 -0.80 -2.53 4.47
C VAL A 63 -1.98 -3.23 5.13
N LEU A 64 -3.01 -2.46 5.45
CA LEU A 64 -4.21 -3.01 6.08
C LEU A 64 -5.30 -3.28 5.05
N HIS A 65 -5.45 -2.36 4.11
CA HIS A 65 -6.46 -2.49 3.05
C HIS A 65 -5.98 -1.84 1.75
N ILE A 66 -6.74 -2.05 0.68
CA ILE A 66 -6.40 -1.48 -0.61
C ILE A 66 -7.66 -1.15 -1.41
N ASN A 67 -7.69 0.04 -1.98
CA ASN A 67 -8.82 0.48 -2.79
C ASN A 67 -10.14 0.26 -2.02
N GLY A 68 -10.15 0.67 -0.75
CA GLY A 68 -11.34 0.52 0.06
C GLY A 68 -11.81 -0.93 0.13
N GLU A 69 -10.90 -1.86 -0.14
CA GLU A 69 -11.22 -3.28 -0.10
C GLU A 69 -10.44 -3.99 0.99
N SER A 70 -11.01 -5.07 1.51
CA SER A 70 -10.37 -5.84 2.58
C SER A 70 -9.40 -6.87 2.00
N THR A 71 -8.19 -6.91 2.53
CA THR A 71 -7.17 -7.84 2.07
C THR A 71 -7.30 -9.18 2.78
N GLN A 72 -8.21 -9.26 3.74
CA GLN A 72 -8.43 -10.49 4.49
C GLN A 72 -8.70 -11.66 3.56
N GLY A 73 -9.22 -11.35 2.37
CA GLY A 73 -9.53 -12.39 1.41
C GLY A 73 -8.76 -12.21 0.11
N LEU A 74 -7.66 -11.48 0.16
CA LEU A 74 -6.83 -11.24 -1.01
C LEU A 74 -5.41 -11.72 -0.80
N THR A 75 -4.83 -12.34 -1.83
CA THR A 75 -3.47 -12.86 -1.75
C THR A 75 -2.49 -11.91 -2.45
N HIS A 76 -1.20 -12.15 -2.25
CA HIS A 76 -0.17 -11.34 -2.86
C HIS A 76 -0.50 -11.04 -4.32
N ALA A 77 -1.15 -11.98 -4.97
CA ALA A 77 -1.53 -11.82 -6.37
C ALA A 77 -2.74 -10.91 -6.52
N GLN A 78 -3.77 -11.17 -5.72
CA GLN A 78 -4.99 -10.38 -5.76
C GLN A 78 -4.70 -8.91 -5.43
N ALA A 79 -4.09 -8.67 -4.27
CA ALA A 79 -3.75 -7.32 -3.85
C ALA A 79 -3.18 -6.51 -5.01
N VAL A 80 -2.32 -7.14 -5.79
CA VAL A 80 -1.71 -6.48 -6.94
C VAL A 80 -2.72 -6.23 -8.05
N GLU A 81 -3.64 -7.18 -8.21
CA GLU A 81 -4.66 -7.07 -9.25
C GLU A 81 -5.61 -5.92 -8.95
N ARG A 82 -6.12 -5.87 -7.72
CA ARG A 82 -7.03 -4.81 -7.30
C ARG A 82 -6.48 -3.44 -7.67
N ILE A 83 -5.26 -3.16 -7.22
CA ILE A 83 -4.62 -1.87 -7.50
C ILE A 83 -4.62 -1.59 -9.00
N ARG A 84 -4.01 -2.48 -9.77
CA ARG A 84 -3.93 -2.33 -11.21
C ARG A 84 -5.31 -2.02 -11.80
N ALA A 85 -6.28 -2.88 -11.50
CA ALA A 85 -7.64 -2.71 -12.00
C ALA A 85 -8.28 -1.47 -11.39
N GLY A 86 -7.65 -0.92 -10.35
CA GLY A 86 -8.19 0.26 -9.70
C GLY A 86 -8.47 1.39 -10.68
N GLY A 87 -7.78 1.36 -11.81
CA GLY A 87 -7.96 2.40 -12.81
C GLY A 87 -6.78 3.35 -12.88
N PRO A 88 -7.03 4.57 -13.38
CA PRO A 88 -6.01 5.60 -13.52
C PRO A 88 -5.55 6.15 -12.17
N GLN A 89 -6.35 5.89 -11.13
CA GLN A 89 -6.03 6.35 -9.79
C GLN A 89 -5.79 5.17 -8.84
N LEU A 90 -4.74 5.27 -8.04
CA LEU A 90 -4.39 4.22 -7.10
C LEU A 90 -4.83 4.58 -5.69
N HIS A 91 -5.07 3.57 -4.87
CA HIS A 91 -5.49 3.78 -3.49
C HIS A 91 -5.08 2.61 -2.59
N LEU A 92 -4.32 2.92 -1.55
CA LEU A 92 -3.84 1.89 -0.63
C LEU A 92 -3.87 2.42 0.82
N VAL A 93 -4.31 1.57 1.74
CA VAL A 93 -4.37 1.94 3.15
C VAL A 93 -3.15 1.43 3.90
N ILE A 94 -2.28 2.36 4.30
CA ILE A 94 -1.07 2.00 5.04
C ILE A 94 -1.18 2.41 6.49
N ARG A 95 -0.62 1.59 7.38
CA ARG A 95 -0.66 1.86 8.81
C ARG A 95 0.75 2.08 9.36
N ARG A 96 0.89 3.05 10.26
CA ARG A 96 2.19 3.35 10.86
C ARG A 96 2.32 2.67 12.22
N PRO A 97 3.21 1.67 12.30
CA PRO A 97 3.46 0.93 13.54
C PRO A 97 4.18 1.77 14.59
N LEU A 98 4.52 1.15 15.71
CA LEU A 98 5.21 1.84 16.79
C LEU A 98 6.64 2.21 16.37
N SER A 99 6.91 3.50 16.29
CA SER A 99 8.22 3.99 15.90
C SER A 99 9.10 4.24 17.13
N GLY A 100 9.76 3.19 17.59
CA GLY A 100 10.62 3.30 18.75
C GLY A 100 12.01 2.74 18.52
N PRO A 101 12.92 2.96 19.48
CA PRO A 101 14.29 2.47 19.39
C PRO A 101 14.38 0.95 19.54
N SER A 102 14.91 0.29 18.52
CA SER A 102 15.05 -1.15 18.54
C SER A 102 16.38 -1.59 17.93
N SER A 103 17.29 -2.03 18.78
CA SER A 103 18.60 -2.47 18.33
C SER A 103 18.51 -3.81 17.60
N GLY A 104 19.64 -4.26 17.06
CA GLY A 104 19.67 -5.52 16.34
C GLY A 104 18.42 -5.73 15.49
N GLY A 1 -15.24 5.43 -1.36
CA GLY A 1 -16.22 5.60 -0.29
C GLY A 1 -15.56 5.93 1.03
N SER A 2 -14.93 7.10 1.11
CA SER A 2 -14.27 7.52 2.34
C SER A 2 -15.28 8.07 3.34
N SER A 3 -15.87 7.19 4.13
CA SER A 3 -16.86 7.59 5.12
C SER A 3 -16.21 7.75 6.49
N GLY A 4 -17.00 8.22 7.45
CA GLY A 4 -16.49 8.42 8.80
C GLY A 4 -16.03 9.85 9.03
N SER A 5 -15.69 10.16 10.28
CA SER A 5 -15.25 11.51 10.65
C SER A 5 -13.73 11.57 10.71
N SER A 6 -13.17 12.68 10.24
CA SER A 6 -11.73 12.87 10.23
C SER A 6 -11.33 14.07 11.07
N GLY A 7 -10.03 14.29 11.21
CA GLY A 7 -9.54 15.42 11.99
C GLY A 7 -8.10 15.26 12.39
N GLN A 8 -7.73 14.05 12.80
CA GLN A 8 -6.35 13.77 13.22
C GLN A 8 -5.53 13.22 12.07
N ALA A 9 -6.05 12.20 11.40
CA ALA A 9 -5.37 11.57 10.27
C ALA A 9 -4.09 10.88 10.72
N SER A 10 -4.18 10.14 11.83
CA SER A 10 -3.03 9.42 12.37
C SER A 10 -3.23 7.92 12.24
N GLY A 11 -4.38 7.43 12.69
CA GLY A 11 -4.68 6.01 12.62
C GLY A 11 -4.38 5.43 11.24
N HIS A 12 -5.40 5.38 10.39
CA HIS A 12 -5.24 4.84 9.04
C HIS A 12 -5.31 5.96 8.01
N PHE A 13 -4.68 5.73 6.86
CA PHE A 13 -4.68 6.71 5.78
C PHE A 13 -4.59 6.03 4.43
N SER A 14 -4.85 6.80 3.36
CA SER A 14 -4.80 6.27 2.01
C SER A 14 -3.72 6.95 1.19
N VAL A 15 -3.36 6.34 0.06
CA VAL A 15 -2.33 6.89 -0.82
C VAL A 15 -2.90 7.21 -2.19
N GLU A 16 -2.61 8.42 -2.68
CA GLU A 16 -3.09 8.85 -3.99
C GLU A 16 -1.93 9.11 -4.94
N LEU A 17 -1.84 8.32 -5.99
CA LEU A 17 -0.78 8.46 -6.98
C LEU A 17 -1.34 8.44 -8.39
N VAL A 18 -0.57 8.98 -9.34
CA VAL A 18 -0.99 9.01 -10.73
C VAL A 18 -0.12 8.11 -11.59
N ARG A 19 -0.75 7.14 -12.25
CA ARG A 19 -0.03 6.20 -13.11
C ARG A 19 1.05 6.92 -13.91
N GLY A 20 2.29 6.44 -13.80
CA GLY A 20 3.39 7.04 -14.52
C GLY A 20 3.77 6.27 -15.77
N TYR A 21 4.99 5.75 -15.78
CA TYR A 21 5.48 4.99 -16.93
C TYR A 21 4.85 3.60 -16.95
N ALA A 22 3.61 3.53 -17.41
CA ALA A 22 2.89 2.25 -17.49
C ALA A 22 3.02 1.47 -16.19
N GLY A 23 2.81 2.16 -15.07
CA GLY A 23 2.90 1.51 -13.78
C GLY A 23 3.16 2.49 -12.65
N PHE A 24 3.08 2.01 -11.42
CA PHE A 24 3.30 2.85 -10.25
C PHE A 24 4.72 2.68 -9.72
N GLY A 25 5.28 1.49 -9.91
CA GLY A 25 6.62 1.21 -9.44
C GLY A 25 6.66 0.77 -7.99
N LEU A 26 5.57 0.14 -7.55
CA LEU A 26 5.48 -0.34 -6.16
C LEU A 26 5.47 -1.86 -6.13
N THR A 27 6.31 -2.43 -5.25
CA THR A 27 6.39 -3.88 -5.12
C THR A 27 6.14 -4.30 -3.67
N LEU A 28 5.15 -5.17 -3.48
CA LEU A 28 4.81 -5.65 -2.15
C LEU A 28 5.59 -6.92 -1.82
N GLY A 29 6.14 -6.97 -0.61
CA GLY A 29 6.90 -8.12 -0.19
C GLY A 29 6.18 -8.94 0.87
N GLY A 30 6.27 -10.27 0.76
CA GLY A 30 5.61 -11.13 1.72
C GLY A 30 4.15 -11.36 1.39
N GLY A 31 3.28 -11.10 2.36
CA GLY A 31 1.86 -11.30 2.15
C GLY A 31 1.41 -12.70 2.47
N ARG A 32 0.16 -13.02 2.15
CA ARG A 32 -0.40 -14.33 2.40
C ARG A 32 -0.13 -15.28 1.23
N ASP A 33 0.77 -16.23 1.44
CA ASP A 33 1.11 -17.20 0.40
C ASP A 33 0.83 -18.62 0.86
N VAL A 34 0.69 -19.54 -0.09
CA VAL A 34 0.42 -20.93 0.22
C VAL A 34 1.42 -21.47 1.25
N ALA A 35 2.69 -21.11 1.09
CA ALA A 35 3.73 -21.55 2.00
C ALA A 35 4.48 -20.36 2.59
N GLY A 36 3.85 -19.19 2.54
CA GLY A 36 4.48 -18.00 3.07
C GLY A 36 3.47 -17.01 3.61
N ASP A 37 2.97 -17.28 4.82
CA ASP A 37 1.99 -16.41 5.44
C ASP A 37 2.68 -15.23 6.15
N THR A 38 2.40 -14.02 5.68
CA THR A 38 2.97 -12.82 6.26
C THR A 38 2.18 -11.58 5.89
N PRO A 39 2.23 -10.55 6.75
CA PRO A 39 1.52 -9.30 6.53
C PRO A 39 2.12 -8.48 5.39
N LEU A 40 1.31 -8.20 4.38
CA LEU A 40 1.77 -7.43 3.22
C LEU A 40 2.42 -6.13 3.66
N ALA A 41 3.57 -5.82 3.07
CA ALA A 41 4.30 -4.59 3.39
C ALA A 41 5.24 -4.20 2.27
N VAL A 42 5.20 -2.93 1.88
CA VAL A 42 6.05 -2.42 0.81
C VAL A 42 7.44 -3.06 0.88
N ARG A 43 7.92 -3.56 -0.27
CA ARG A 43 9.23 -4.18 -0.34
C ARG A 43 10.24 -3.25 -0.98
N GLY A 44 10.09 -3.02 -2.28
CA GLY A 44 11.00 -2.14 -2.99
C GLY A 44 10.30 -0.95 -3.61
N LEU A 45 11.00 0.18 -3.69
CA LEU A 45 10.44 1.39 -4.27
C LEU A 45 11.11 1.73 -5.59
N LEU A 46 10.41 1.45 -6.69
CA LEU A 46 10.94 1.73 -8.01
C LEU A 46 11.40 3.17 -8.14
N LYS A 47 12.71 3.38 -8.14
CA LYS A 47 13.28 4.72 -8.24
C LYS A 47 12.85 5.39 -9.54
N ASP A 48 12.71 6.70 -9.50
CA ASP A 48 12.31 7.47 -10.68
C ASP A 48 10.84 7.25 -10.99
N GLY A 49 10.06 6.89 -9.96
CA GLY A 49 8.65 6.66 -10.15
C GLY A 49 7.78 7.58 -9.31
N PRO A 50 6.47 7.52 -9.51
CA PRO A 50 5.51 8.35 -8.78
C PRO A 50 5.40 7.95 -7.31
N ALA A 51 5.60 6.67 -7.04
CA ALA A 51 5.53 6.16 -5.67
C ALA A 51 6.71 6.65 -4.84
N GLN A 52 7.92 6.28 -5.25
CA GLN A 52 9.13 6.68 -4.54
C GLN A 52 9.21 8.20 -4.42
N ARG A 53 8.91 8.89 -5.52
CA ARG A 53 8.95 10.35 -5.54
C ARG A 53 8.00 10.93 -4.49
N CYS A 54 6.87 10.26 -4.29
CA CYS A 54 5.88 10.72 -3.32
C CYS A 54 6.42 10.61 -1.90
N GLY A 55 7.19 9.55 -1.64
CA GLY A 55 7.76 9.36 -0.31
C GLY A 55 6.75 8.78 0.67
N ARG A 56 5.52 9.28 0.61
CA ARG A 56 4.47 8.81 1.51
C ARG A 56 4.62 7.31 1.78
N LEU A 57 5.00 6.56 0.75
CA LEU A 57 5.17 5.13 0.88
C LEU A 57 6.64 4.77 1.10
N GLU A 58 6.90 3.93 2.10
CA GLU A 58 8.26 3.52 2.41
C GLU A 58 8.31 2.03 2.76
N VAL A 59 9.46 1.41 2.51
CA VAL A 59 9.64 0.00 2.80
C VAL A 59 9.34 -0.31 4.26
N GLY A 60 8.42 -1.23 4.49
CA GLY A 60 8.06 -1.61 5.85
C GLY A 60 6.61 -1.33 6.16
N ASP A 61 6.05 -0.30 5.53
CA ASP A 61 4.65 0.07 5.74
C ASP A 61 3.76 -1.17 5.68
N LEU A 62 2.74 -1.19 6.54
CA LEU A 62 1.81 -2.32 6.60
C LEU A 62 0.55 -2.00 5.81
N VAL A 63 0.06 -3.00 5.06
CA VAL A 63 -1.15 -2.83 4.26
C VAL A 63 -2.36 -3.44 4.95
N LEU A 64 -3.37 -2.62 5.20
CA LEU A 64 -4.59 -3.09 5.86
C LEU A 64 -5.72 -3.26 4.86
N HIS A 65 -5.71 -2.45 3.81
CA HIS A 65 -6.73 -2.52 2.76
C HIS A 65 -6.24 -1.88 1.47
N ILE A 66 -7.02 -2.01 0.41
CA ILE A 66 -6.67 -1.44 -0.89
C ILE A 66 -7.90 -1.04 -1.67
N ASN A 67 -7.92 0.21 -2.13
CA ASN A 67 -9.05 0.74 -2.89
C ASN A 67 -10.36 0.19 -2.36
N GLY A 68 -10.59 0.36 -1.06
CA GLY A 68 -11.81 -0.13 -0.45
C GLY A 68 -11.98 -1.62 -0.60
N GLU A 69 -10.86 -2.35 -0.56
CA GLU A 69 -10.89 -3.80 -0.70
C GLU A 69 -10.31 -4.47 0.54
N SER A 70 -11.10 -5.30 1.20
CA SER A 70 -10.66 -5.99 2.40
C SER A 70 -9.64 -7.07 2.07
N THR A 71 -8.38 -6.80 2.39
CA THR A 71 -7.30 -7.74 2.12
C THR A 71 -7.22 -8.82 3.19
N GLN A 72 -8.26 -8.88 4.04
CA GLN A 72 -8.31 -9.87 5.11
C GLN A 72 -8.09 -11.28 4.56
N GLY A 73 -8.66 -11.55 3.38
CA GLY A 73 -8.52 -12.85 2.77
C GLY A 73 -8.01 -12.77 1.34
N LEU A 74 -7.13 -11.81 1.08
CA LEU A 74 -6.57 -11.64 -0.26
C LEU A 74 -5.08 -11.93 -0.26
N THR A 75 -4.65 -12.80 -1.19
CA THR A 75 -3.25 -13.17 -1.29
C THR A 75 -2.45 -12.06 -1.96
N HIS A 76 -1.15 -12.29 -2.11
CA HIS A 76 -0.26 -11.31 -2.74
C HIS A 76 -0.80 -10.89 -4.09
N ALA A 77 -1.07 -11.86 -4.96
CA ALA A 77 -1.59 -11.59 -6.29
C ALA A 77 -2.88 -10.79 -6.22
N GLN A 78 -3.79 -11.22 -5.35
CA GLN A 78 -5.07 -10.54 -5.19
C GLN A 78 -4.87 -9.04 -4.95
N ALA A 79 -4.17 -8.71 -3.88
CA ALA A 79 -3.91 -7.31 -3.55
C ALA A 79 -3.52 -6.51 -4.79
N VAL A 80 -2.44 -6.92 -5.45
CA VAL A 80 -1.98 -6.24 -6.65
C VAL A 80 -3.10 -6.10 -7.67
N GLU A 81 -3.68 -7.23 -8.07
CA GLU A 81 -4.78 -7.23 -9.03
C GLU A 81 -5.72 -6.06 -8.79
N ARG A 82 -6.19 -5.93 -7.56
CA ARG A 82 -7.10 -4.86 -7.19
C ARG A 82 -6.53 -3.50 -7.56
N ILE A 83 -5.23 -3.32 -7.31
CA ILE A 83 -4.56 -2.06 -7.62
C ILE A 83 -4.63 -1.76 -9.11
N ARG A 84 -4.27 -2.75 -9.93
CA ARG A 84 -4.29 -2.59 -11.38
C ARG A 84 -5.69 -2.22 -11.86
N ALA A 85 -6.68 -3.00 -11.44
CA ALA A 85 -8.06 -2.78 -11.83
C ALA A 85 -8.57 -1.44 -11.28
N GLY A 86 -8.01 -1.03 -10.15
CA GLY A 86 -8.42 0.22 -9.53
C GLY A 86 -8.63 1.32 -10.55
N GLY A 87 -7.71 1.43 -11.51
CA GLY A 87 -7.81 2.45 -12.53
C GLY A 87 -6.57 3.31 -12.62
N PRO A 88 -6.73 4.53 -13.16
CA PRO A 88 -5.61 5.47 -13.32
C PRO A 88 -5.13 6.03 -11.99
N GLN A 89 -5.94 5.83 -10.95
CA GLN A 89 -5.59 6.32 -9.61
C GLN A 89 -5.37 5.16 -8.66
N LEU A 90 -4.24 5.19 -7.94
CA LEU A 90 -3.92 4.13 -6.99
C LEU A 90 -4.34 4.53 -5.57
N HIS A 91 -5.07 3.64 -4.90
CA HIS A 91 -5.52 3.88 -3.55
C HIS A 91 -5.13 2.75 -2.61
N LEU A 92 -4.18 2.99 -1.73
CA LEU A 92 -3.72 1.99 -0.79
C LEU A 92 -3.83 2.50 0.65
N VAL A 93 -4.47 1.68 1.50
CA VAL A 93 -4.65 2.04 2.90
C VAL A 93 -3.47 1.57 3.75
N ILE A 94 -2.68 2.51 4.25
CA ILE A 94 -1.52 2.19 5.07
C ILE A 94 -1.68 2.75 6.48
N ARG A 95 -1.07 2.07 7.45
CA ARG A 95 -1.14 2.51 8.84
C ARG A 95 0.24 2.48 9.49
N ARG A 96 0.88 3.64 9.58
CA ARG A 96 2.20 3.74 10.18
C ARG A 96 2.20 3.18 11.60
N PRO A 97 2.88 2.04 11.79
CA PRO A 97 2.97 1.38 13.10
C PRO A 97 3.83 2.17 14.08
N LEU A 98 3.78 1.76 15.34
CA LEU A 98 4.56 2.43 16.39
C LEU A 98 6.04 2.08 16.27
N SER A 99 6.88 3.11 16.24
CA SER A 99 8.32 2.91 16.13
C SER A 99 9.05 3.58 17.29
N GLY A 100 8.84 4.88 17.46
CA GLY A 100 9.48 5.61 18.54
C GLY A 100 9.78 7.05 18.16
N PRO A 101 10.22 7.84 19.15
CA PRO A 101 10.55 9.25 18.94
C PRO A 101 11.81 9.43 18.09
N SER A 102 12.57 8.36 17.92
CA SER A 102 13.79 8.39 17.14
C SER A 102 13.49 8.75 15.68
N SER A 103 14.37 9.55 15.08
CA SER A 103 14.20 9.98 13.70
C SER A 103 15.43 9.65 12.87
N GLY A 104 16.60 10.01 13.40
CA GLY A 104 17.84 9.74 12.69
C GLY A 104 18.96 9.33 13.63
N GLY A 1 -0.38 19.70 -8.82
CA GLY A 1 0.87 19.52 -8.09
C GLY A 1 0.65 19.31 -6.60
N SER A 2 0.48 18.06 -6.20
CA SER A 2 0.25 17.73 -4.80
C SER A 2 1.28 18.43 -3.91
N SER A 3 0.84 19.48 -3.23
CA SER A 3 1.72 20.25 -2.35
C SER A 3 1.79 19.59 -0.98
N GLY A 4 0.63 19.35 -0.38
CA GLY A 4 0.59 18.73 0.94
C GLY A 4 -0.83 18.63 1.48
N SER A 5 -1.49 17.51 1.18
CA SER A 5 -2.86 17.30 1.63
C SER A 5 -3.04 17.81 3.05
N SER A 6 -3.65 18.99 3.18
CA SER A 6 -3.89 19.59 4.49
C SER A 6 -5.03 18.89 5.21
N GLY A 7 -4.72 17.77 5.85
CA GLY A 7 -5.72 17.02 6.58
C GLY A 7 -5.42 15.54 6.62
N GLN A 8 -4.18 15.20 6.95
CA GLN A 8 -3.76 13.80 7.02
C GLN A 8 -4.41 13.09 8.21
N ALA A 9 -5.54 12.46 7.96
CA ALA A 9 -6.26 11.74 9.01
C ALA A 9 -5.31 10.99 9.91
N SER A 10 -5.63 10.93 11.20
CA SER A 10 -4.79 10.23 12.17
C SER A 10 -4.97 8.72 12.06
N GLY A 11 -3.86 7.99 12.18
CA GLY A 11 -3.91 6.55 12.09
C GLY A 11 -3.88 6.06 10.66
N HIS A 12 -4.82 5.20 10.31
CA HIS A 12 -4.89 4.66 8.95
C HIS A 12 -5.00 5.78 7.91
N PHE A 13 -4.11 5.76 6.94
CA PHE A 13 -4.10 6.77 5.89
C PHE A 13 -4.16 6.13 4.51
N SER A 14 -4.53 6.92 3.51
CA SER A 14 -4.63 6.42 2.14
C SER A 14 -3.60 7.10 1.25
N VAL A 15 -3.20 6.39 0.18
CA VAL A 15 -2.22 6.92 -0.76
C VAL A 15 -2.84 7.11 -2.13
N GLU A 16 -2.54 8.25 -2.76
CA GLU A 16 -3.05 8.56 -4.09
C GLU A 16 -1.93 8.91 -5.05
N LEU A 17 -1.80 8.13 -6.12
CA LEU A 17 -0.76 8.36 -7.12
C LEU A 17 -1.35 8.38 -8.52
N VAL A 18 -0.60 8.94 -9.46
CA VAL A 18 -1.04 9.02 -10.85
C VAL A 18 -0.19 8.14 -11.75
N ARG A 19 -0.82 7.16 -12.38
CA ARG A 19 -0.11 6.24 -13.28
C ARG A 19 0.94 6.98 -14.09
N GLY A 20 2.20 6.84 -13.69
CA GLY A 20 3.28 7.51 -14.40
C GLY A 20 3.45 7.00 -15.81
N TYR A 21 4.43 6.11 -16.01
CA TYR A 21 4.69 5.55 -17.32
C TYR A 21 4.27 4.07 -17.38
N ALA A 22 2.97 3.84 -17.47
CA ALA A 22 2.44 2.48 -17.53
C ALA A 22 2.81 1.69 -16.28
N GLY A 23 2.60 2.30 -15.12
CA GLY A 23 2.92 1.63 -13.87
C GLY A 23 3.27 2.62 -12.77
N PHE A 24 3.17 2.16 -11.52
CA PHE A 24 3.47 3.01 -10.37
C PHE A 24 4.88 2.73 -9.86
N GLY A 25 5.42 1.57 -10.22
CA GLY A 25 6.75 1.20 -9.79
C GLY A 25 6.78 0.72 -8.35
N LEU A 26 5.66 0.18 -7.88
CA LEU A 26 5.56 -0.31 -6.52
C LEU A 26 5.61 -1.84 -6.49
N THR A 27 6.53 -2.38 -5.69
CA THR A 27 6.68 -3.82 -5.57
C THR A 27 6.46 -4.28 -4.13
N LEU A 28 5.50 -5.18 -3.94
CA LEU A 28 5.19 -5.71 -2.61
C LEU A 28 5.95 -7.01 -2.35
N GLY A 29 6.33 -7.20 -1.09
CA GLY A 29 7.05 -8.41 -0.72
C GLY A 29 6.48 -9.07 0.51
N GLY A 30 5.86 -10.24 0.31
CA GLY A 30 5.27 -10.96 1.43
C GLY A 30 3.85 -11.39 1.16
N GLY A 31 2.98 -11.23 2.15
CA GLY A 31 1.59 -11.61 1.99
C GLY A 31 1.37 -13.10 2.18
N ARG A 32 0.27 -13.61 1.64
CA ARG A 32 -0.05 -15.03 1.77
C ARG A 32 0.97 -15.88 1.03
N ASP A 33 1.76 -16.65 1.78
CA ASP A 33 2.78 -17.51 1.19
C ASP A 33 2.57 -18.96 1.62
N VAL A 34 2.91 -19.89 0.73
CA VAL A 34 2.76 -21.31 1.02
C VAL A 34 3.50 -21.69 2.30
N ALA A 35 4.51 -20.91 2.66
CA ALA A 35 5.29 -21.15 3.86
C ALA A 35 4.78 -20.32 5.03
N GLY A 36 3.53 -19.89 4.94
CA GLY A 36 2.94 -19.09 6.00
C GLY A 36 2.34 -17.79 5.47
N ASP A 37 1.50 -17.16 6.29
CA ASP A 37 0.86 -15.91 5.91
C ASP A 37 1.61 -14.72 6.50
N THR A 38 2.38 -14.03 5.65
CA THR A 38 3.15 -12.88 6.10
C THR A 38 2.41 -11.57 5.80
N PRO A 39 2.59 -10.58 6.67
CA PRO A 39 1.95 -9.27 6.52
C PRO A 39 2.50 -8.48 5.34
N LEU A 40 1.66 -8.22 4.35
CA LEU A 40 2.06 -7.48 3.16
C LEU A 40 2.71 -6.16 3.54
N ALA A 41 3.83 -5.85 2.91
CA ALA A 41 4.55 -4.61 3.17
C ALA A 41 5.44 -4.21 2.00
N VAL A 42 5.44 -2.93 1.68
CA VAL A 42 6.24 -2.41 0.57
C VAL A 42 7.62 -3.07 0.55
N ARG A 43 8.01 -3.55 -0.63
CA ARG A 43 9.31 -4.19 -0.79
C ARG A 43 10.31 -3.25 -1.44
N GLY A 44 10.11 -2.97 -2.72
CA GLY A 44 11.01 -2.08 -3.44
C GLY A 44 10.30 -0.84 -3.96
N LEU A 45 11.05 0.25 -4.10
CA LEU A 45 10.48 1.50 -4.59
C LEU A 45 11.19 1.94 -5.88
N LEU A 46 10.50 1.82 -7.00
CA LEU A 46 11.05 2.21 -8.29
C LEU A 46 11.68 3.59 -8.22
N LYS A 47 12.85 3.75 -8.82
CA LYS A 47 13.56 5.02 -8.83
C LYS A 47 12.90 6.00 -9.81
N ASP A 48 12.66 7.23 -9.34
CA ASP A 48 12.04 8.25 -10.17
C ASP A 48 10.59 7.89 -10.48
N GLY A 49 9.88 7.38 -9.48
CA GLY A 49 8.49 7.01 -9.66
C GLY A 49 7.54 7.91 -8.89
N PRO A 50 6.23 7.74 -9.13
CA PRO A 50 5.20 8.53 -8.47
C PRO A 50 5.07 8.19 -6.99
N ALA A 51 5.29 6.92 -6.65
CA ALA A 51 5.21 6.47 -5.27
C ALA A 51 6.44 6.88 -4.47
N GLN A 52 7.60 6.43 -4.93
CA GLN A 52 8.86 6.74 -4.25
C GLN A 52 8.97 8.24 -3.99
N ARG A 53 8.46 9.04 -4.93
CA ARG A 53 8.50 10.49 -4.80
C ARG A 53 7.45 10.99 -3.82
N CYS A 54 6.34 10.26 -3.73
CA CYS A 54 5.26 10.62 -2.83
C CYS A 54 5.69 10.49 -1.37
N GLY A 55 6.49 9.47 -1.09
CA GLY A 55 6.98 9.25 0.26
C GLY A 55 6.02 8.41 1.09
N ARG A 56 4.74 8.74 1.04
CA ARG A 56 3.72 8.01 1.79
C ARG A 56 4.07 6.52 1.86
N LEU A 57 4.56 5.98 0.75
CA LEU A 57 4.93 4.57 0.69
C LEU A 57 6.43 4.39 0.88
N GLU A 58 6.81 3.63 1.89
CA GLU A 58 8.22 3.38 2.18
C GLU A 58 8.47 1.90 2.47
N VAL A 59 9.70 1.45 2.23
CA VAL A 59 10.06 0.07 2.47
C VAL A 59 9.81 -0.34 3.92
N GLY A 60 8.86 -1.24 4.12
CA GLY A 60 8.54 -1.69 5.47
C GLY A 60 7.10 -1.44 5.84
N ASP A 61 6.53 -0.35 5.31
CA ASP A 61 5.15 0.00 5.59
C ASP A 61 4.24 -1.23 5.50
N LEU A 62 3.18 -1.24 6.30
CA LEU A 62 2.24 -2.35 6.32
C LEU A 62 0.94 -1.97 5.63
N VAL A 63 0.44 -2.88 4.78
CA VAL A 63 -0.81 -2.64 4.06
C VAL A 63 -1.97 -3.35 4.74
N LEU A 64 -3.01 -2.57 5.09
CA LEU A 64 -4.18 -3.11 5.74
C LEU A 64 -5.33 -3.27 4.75
N HIS A 65 -5.38 -2.40 3.75
CA HIS A 65 -6.41 -2.45 2.73
C HIS A 65 -5.93 -1.83 1.43
N ILE A 66 -6.68 -2.05 0.35
CA ILE A 66 -6.33 -1.51 -0.95
C ILE A 66 -7.58 -1.25 -1.80
N ASN A 67 -7.69 -0.03 -2.31
CA ASN A 67 -8.84 0.34 -3.14
C ASN A 67 -10.14 0.15 -2.38
N GLY A 68 -10.10 0.42 -1.08
CA GLY A 68 -11.29 0.27 -0.25
C GLY A 68 -11.73 -1.17 -0.10
N GLU A 69 -10.83 -2.09 -0.44
CA GLU A 69 -11.13 -3.52 -0.35
C GLU A 69 -10.49 -4.13 0.90
N SER A 70 -10.93 -5.33 1.26
CA SER A 70 -10.41 -6.01 2.43
C SER A 70 -9.41 -7.08 2.03
N THR A 71 -8.13 -6.83 2.32
CA THR A 71 -7.07 -7.76 1.99
C THR A 71 -7.07 -8.96 2.94
N GLN A 72 -8.04 -8.99 3.84
CA GLN A 72 -8.16 -10.08 4.81
C GLN A 72 -8.22 -11.43 4.10
N GLY A 73 -8.76 -11.42 2.88
CA GLY A 73 -8.86 -12.66 2.12
C GLY A 73 -8.31 -12.52 0.72
N LEU A 74 -7.40 -11.57 0.53
CA LEU A 74 -6.79 -11.34 -0.77
C LEU A 74 -5.29 -11.58 -0.73
N THR A 75 -4.83 -12.58 -1.47
CA THR A 75 -3.41 -12.92 -1.51
C THR A 75 -2.62 -11.85 -2.27
N HIS A 76 -1.31 -12.07 -2.40
CA HIS A 76 -0.44 -11.13 -3.10
C HIS A 76 -1.02 -10.78 -4.47
N ALA A 77 -1.46 -11.82 -5.20
CA ALA A 77 -2.03 -11.62 -6.52
C ALA A 77 -3.35 -10.86 -6.44
N GLN A 78 -4.21 -11.27 -5.53
CA GLN A 78 -5.51 -10.63 -5.34
C GLN A 78 -5.34 -9.14 -5.04
N ALA A 79 -4.39 -8.82 -4.17
CA ALA A 79 -4.13 -7.44 -3.79
C ALA A 79 -3.66 -6.62 -5.00
N VAL A 80 -2.63 -7.12 -5.67
CA VAL A 80 -2.09 -6.43 -6.84
C VAL A 80 -3.16 -6.22 -7.90
N GLU A 81 -3.99 -7.24 -8.11
CA GLU A 81 -5.06 -7.16 -9.10
C GLU A 81 -5.97 -5.96 -8.83
N ARG A 82 -6.26 -5.74 -7.55
CA ARG A 82 -7.12 -4.62 -7.16
C ARG A 82 -6.48 -3.28 -7.49
N ILE A 83 -5.15 -3.22 -7.36
CA ILE A 83 -4.40 -2.01 -7.65
C ILE A 83 -4.42 -1.70 -9.14
N ARG A 84 -4.09 -2.69 -9.96
CA ARG A 84 -4.06 -2.53 -11.41
C ARG A 84 -5.46 -2.23 -11.94
N ALA A 85 -6.47 -2.67 -11.20
CA ALA A 85 -7.86 -2.46 -11.61
C ALA A 85 -8.44 -1.21 -10.94
N GLY A 86 -7.61 -0.53 -10.15
CA GLY A 86 -8.05 0.65 -9.46
C GLY A 86 -8.33 1.81 -10.41
N GLY A 87 -7.81 1.71 -11.63
CA GLY A 87 -8.02 2.76 -12.61
C GLY A 87 -6.84 3.70 -12.70
N PRO A 88 -7.10 4.93 -13.21
CA PRO A 88 -6.06 5.95 -13.35
C PRO A 88 -5.58 6.49 -12.01
N GLN A 89 -6.25 6.08 -10.94
CA GLN A 89 -5.89 6.53 -9.60
C GLN A 89 -5.64 5.33 -8.68
N LEU A 90 -4.47 5.33 -8.05
CA LEU A 90 -4.10 4.24 -7.14
C LEU A 90 -4.48 4.58 -5.70
N HIS A 91 -5.14 3.64 -5.03
CA HIS A 91 -5.56 3.83 -3.65
C HIS A 91 -5.08 2.68 -2.77
N LEU A 92 -4.25 3.00 -1.78
CA LEU A 92 -3.72 1.99 -0.88
C LEU A 92 -3.82 2.46 0.57
N VAL A 93 -4.36 1.61 1.44
CA VAL A 93 -4.51 1.93 2.85
C VAL A 93 -3.32 1.44 3.65
N ILE A 94 -2.49 2.36 4.12
CA ILE A 94 -1.32 2.02 4.92
C ILE A 94 -1.42 2.57 6.33
N ARG A 95 -0.85 1.85 7.29
CA ARG A 95 -0.88 2.28 8.69
C ARG A 95 0.50 2.13 9.33
N ARG A 96 1.22 3.24 9.44
CA ARG A 96 2.55 3.21 10.03
C ARG A 96 2.51 2.66 11.45
N PRO A 97 3.29 1.58 11.69
CA PRO A 97 3.35 0.92 13.00
C PRO A 97 4.06 1.79 14.05
N LEU A 98 4.26 1.23 15.22
CA LEU A 98 4.92 1.94 16.31
C LEU A 98 6.38 1.50 16.44
N SER A 99 6.58 0.26 16.85
CA SER A 99 7.92 -0.28 17.01
C SER A 99 8.42 -0.92 15.72
N GLY A 100 7.69 -1.93 15.25
CA GLY A 100 8.07 -2.61 14.03
C GLY A 100 8.79 -3.92 14.29
N PRO A 101 8.01 -4.99 14.53
CA PRO A 101 8.56 -6.32 14.80
C PRO A 101 9.20 -6.94 13.56
N SER A 102 9.98 -8.00 13.78
CA SER A 102 10.66 -8.68 12.68
C SER A 102 10.44 -10.19 12.77
N SER A 103 10.02 -10.78 11.65
CA SER A 103 9.77 -12.22 11.60
C SER A 103 10.82 -12.92 10.75
N GLY A 104 12.08 -12.53 10.94
CA GLY A 104 13.16 -13.13 10.19
C GLY A 104 13.85 -14.25 10.95
N GLY A 1 -16.69 22.39 7.01
CA GLY A 1 -15.81 21.30 6.60
C GLY A 1 -15.75 20.18 7.63
N SER A 2 -14.61 20.06 8.29
CA SER A 2 -14.42 19.02 9.30
C SER A 2 -14.67 19.57 10.70
N SER A 3 -14.66 18.69 11.69
CA SER A 3 -14.88 19.09 13.08
C SER A 3 -13.57 19.06 13.87
N GLY A 4 -13.10 20.24 14.25
CA GLY A 4 -11.87 20.33 15.00
C GLY A 4 -10.66 19.95 14.18
N SER A 5 -9.52 19.79 14.86
CA SER A 5 -8.28 19.43 14.18
C SER A 5 -8.44 18.12 13.43
N SER A 6 -7.86 18.04 12.24
CA SER A 6 -7.94 16.84 11.41
C SER A 6 -6.54 16.35 11.04
N GLY A 7 -6.48 15.15 10.46
CA GLY A 7 -5.20 14.59 10.06
C GLY A 7 -4.49 13.91 11.21
N GLN A 8 -4.17 12.63 11.02
CA GLN A 8 -3.48 11.85 12.06
C GLN A 8 -2.25 11.16 11.49
N ALA A 9 -1.34 10.77 12.37
CA ALA A 9 -0.12 10.08 11.94
C ALA A 9 -0.33 8.58 11.93
N SER A 10 -0.65 8.01 13.08
CA SER A 10 -0.86 6.57 13.20
C SER A 10 -2.15 6.15 12.48
N GLY A 11 -3.24 6.86 12.75
CA GLY A 11 -4.50 6.55 12.12
C GLY A 11 -4.33 6.07 10.69
N HIS A 12 -5.22 5.17 10.26
CA HIS A 12 -5.17 4.64 8.91
C HIS A 12 -5.35 5.73 7.88
N PHE A 13 -4.54 5.69 6.83
CA PHE A 13 -4.60 6.69 5.76
C PHE A 13 -4.56 6.03 4.39
N SER A 14 -4.84 6.82 3.36
CA SER A 14 -4.83 6.30 1.99
C SER A 14 -3.74 6.97 1.16
N VAL A 15 -3.27 6.26 0.13
CA VAL A 15 -2.22 6.77 -0.73
C VAL A 15 -2.75 7.02 -2.14
N GLU A 16 -2.60 8.26 -2.60
CA GLU A 16 -3.07 8.63 -3.94
C GLU A 16 -1.88 8.89 -4.87
N LEU A 17 -1.99 8.37 -6.10
CA LEU A 17 -0.93 8.53 -7.08
C LEU A 17 -1.48 8.38 -8.50
N VAL A 18 -0.83 9.04 -9.46
CA VAL A 18 -1.25 8.96 -10.85
C VAL A 18 -0.36 8.02 -11.66
N ARG A 19 -0.97 6.97 -12.20
CA ARG A 19 -0.23 5.98 -12.99
C ARG A 19 0.83 6.67 -13.84
N GLY A 20 2.09 6.58 -13.41
CA GLY A 20 3.18 7.19 -14.15
C GLY A 20 3.55 6.40 -15.39
N TYR A 21 4.85 6.12 -15.54
CA TYR A 21 5.33 5.37 -16.69
C TYR A 21 5.62 3.92 -16.31
N ALA A 22 4.90 3.01 -16.95
CA ALA A 22 5.06 1.58 -16.69
C ALA A 22 4.54 1.21 -15.30
N GLY A 23 3.35 1.70 -14.98
CA GLY A 23 2.77 1.42 -13.68
C GLY A 23 3.15 2.43 -12.63
N PHE A 24 3.00 2.06 -11.36
CA PHE A 24 3.34 2.95 -10.26
C PHE A 24 4.73 2.63 -9.71
N GLY A 25 5.31 1.54 -10.20
CA GLY A 25 6.63 1.14 -9.74
C GLY A 25 6.64 0.69 -8.29
N LEU A 26 5.51 0.16 -7.84
CA LEU A 26 5.38 -0.31 -6.46
C LEU A 26 5.39 -1.84 -6.41
N THR A 27 6.25 -2.40 -5.56
CA THR A 27 6.35 -3.84 -5.42
C THR A 27 6.13 -4.26 -3.96
N LEU A 28 5.37 -5.34 -3.78
CA LEU A 28 5.08 -5.84 -2.43
C LEU A 28 5.81 -7.16 -2.18
N GLY A 29 6.40 -7.28 -0.99
CA GLY A 29 7.13 -8.49 -0.65
C GLY A 29 6.55 -9.18 0.56
N GLY A 30 5.94 -10.34 0.34
CA GLY A 30 5.35 -11.09 1.44
C GLY A 30 3.85 -11.23 1.30
N GLY A 31 3.11 -10.83 2.34
CA GLY A 31 1.66 -10.93 2.31
C GLY A 31 1.18 -12.34 2.53
N ARG A 32 -0.12 -12.55 2.31
CA ARG A 32 -0.72 -13.88 2.49
C ARG A 32 -0.52 -14.74 1.25
N ASP A 33 0.42 -15.68 1.34
CA ASP A 33 0.72 -16.57 0.22
C ASP A 33 0.56 -18.03 0.64
N VAL A 34 0.29 -18.90 -0.34
CA VAL A 34 0.11 -20.31 -0.07
C VAL A 34 1.40 -20.94 0.44
N ALA A 35 2.51 -20.24 0.27
CA ALA A 35 3.81 -20.72 0.72
C ALA A 35 4.09 -20.28 2.15
N GLY A 36 3.47 -19.18 2.55
CA GLY A 36 3.67 -18.67 3.90
C GLY A 36 2.74 -17.52 4.22
N ASP A 37 2.66 -17.17 5.50
CA ASP A 37 1.79 -16.08 5.95
C ASP A 37 2.61 -14.93 6.51
N THR A 38 2.56 -13.78 5.84
CA THR A 38 3.31 -12.60 6.27
C THR A 38 2.53 -11.33 5.97
N PRO A 39 2.76 -10.29 6.80
CA PRO A 39 2.08 -8.99 6.64
C PRO A 39 2.56 -8.24 5.39
N LEU A 40 1.61 -7.84 4.56
CA LEU A 40 1.93 -7.11 3.33
C LEU A 40 2.65 -5.80 3.65
N ALA A 41 3.77 -5.56 2.97
CA ALA A 41 4.54 -4.34 3.17
C ALA A 41 5.36 -4.01 1.95
N VAL A 42 5.58 -2.71 1.71
CA VAL A 42 6.35 -2.25 0.56
C VAL A 42 7.72 -2.93 0.52
N ARG A 43 8.10 -3.41 -0.66
CA ARG A 43 9.39 -4.07 -0.83
C ARG A 43 10.38 -3.17 -1.57
N GLY A 44 10.14 -2.98 -2.86
CA GLY A 44 11.02 -2.13 -3.65
C GLY A 44 10.30 -0.92 -4.21
N LEU A 45 10.98 0.22 -4.24
CA LEU A 45 10.41 1.45 -4.77
C LEU A 45 11.08 1.86 -6.06
N LEU A 46 10.38 1.70 -7.17
CA LEU A 46 10.92 2.05 -8.49
C LEU A 46 11.50 3.45 -8.46
N LYS A 47 12.83 3.54 -8.55
CA LYS A 47 13.51 4.82 -8.54
C LYS A 47 12.81 5.82 -9.45
N ASP A 48 12.96 7.10 -9.15
CA ASP A 48 12.34 8.16 -9.94
C ASP A 48 10.91 7.78 -10.32
N GLY A 49 10.15 7.32 -9.33
CA GLY A 49 8.76 6.93 -9.59
C GLY A 49 7.78 7.74 -8.78
N PRO A 50 6.48 7.52 -9.03
CA PRO A 50 5.41 8.23 -8.33
C PRO A 50 5.30 7.80 -6.86
N ALA A 51 5.39 6.50 -6.62
CA ALA A 51 5.30 5.96 -5.28
C ALA A 51 6.55 6.32 -4.46
N GLN A 52 7.67 6.49 -5.14
CA GLN A 52 8.92 6.84 -4.48
C GLN A 52 9.06 8.35 -4.31
N ARG A 53 8.59 9.09 -5.31
CA ARG A 53 8.66 10.55 -5.27
C ARG A 53 7.78 11.10 -4.15
N CYS A 54 6.53 10.64 -4.12
CA CYS A 54 5.58 11.09 -3.10
C CYS A 54 6.14 10.84 -1.70
N GLY A 55 6.84 9.73 -1.53
CA GLY A 55 7.41 9.40 -0.23
C GLY A 55 6.40 8.75 0.71
N ARG A 56 5.15 9.23 0.66
CA ARG A 56 4.09 8.69 1.50
C ARG A 56 4.25 7.19 1.67
N LEU A 57 4.76 6.53 0.64
CA LEU A 57 4.97 5.08 0.68
C LEU A 57 6.45 4.74 0.69
N GLU A 58 6.89 4.03 1.73
CA GLU A 58 8.28 3.64 1.85
C GLU A 58 8.40 2.18 2.30
N VAL A 59 9.54 1.57 2.01
CA VAL A 59 9.78 0.18 2.38
C VAL A 59 9.63 -0.01 3.88
N GLY A 60 8.74 -0.93 4.27
CA GLY A 60 8.51 -1.21 5.67
C GLY A 60 7.10 -0.91 6.10
N ASP A 61 6.40 -0.08 5.33
CA ASP A 61 5.02 0.28 5.63
C ASP A 61 4.14 -0.96 5.71
N LEU A 62 3.07 -0.86 6.48
CA LEU A 62 2.14 -1.98 6.66
C LEU A 62 0.81 -1.68 5.98
N VAL A 63 0.45 -2.51 5.00
CA VAL A 63 -0.81 -2.34 4.28
C VAL A 63 -1.92 -3.18 4.91
N LEU A 64 -2.99 -2.51 5.36
CA LEU A 64 -4.11 -3.19 5.97
C LEU A 64 -5.20 -3.47 4.94
N HIS A 65 -5.42 -2.53 4.04
CA HIS A 65 -6.44 -2.67 3.00
C HIS A 65 -5.97 -2.05 1.69
N ILE A 66 -6.74 -2.26 0.63
CA ILE A 66 -6.40 -1.72 -0.68
C ILE A 66 -7.65 -1.39 -1.49
N ASN A 67 -7.70 -0.19 -2.05
CA ASN A 67 -8.84 0.24 -2.84
C ASN A 67 -10.14 0.10 -2.05
N GLY A 68 -10.11 0.53 -0.80
CA GLY A 68 -11.30 0.43 0.05
C GLY A 68 -11.78 -0.98 0.20
N GLU A 69 -10.91 -1.94 -0.11
CA GLU A 69 -11.27 -3.36 0.00
C GLU A 69 -10.40 -4.05 1.04
N SER A 70 -10.98 -5.03 1.73
CA SER A 70 -10.26 -5.78 2.76
C SER A 70 -9.42 -6.88 2.14
N THR A 71 -8.18 -7.01 2.60
CA THR A 71 -7.27 -8.03 2.10
C THR A 71 -7.49 -9.36 2.81
N GLN A 72 -8.43 -9.38 3.75
CA GLN A 72 -8.73 -10.59 4.50
C GLN A 72 -9.03 -11.75 3.55
N GLY A 73 -9.49 -11.43 2.36
CA GLY A 73 -9.82 -12.46 1.38
C GLY A 73 -8.95 -12.37 0.14
N LEU A 74 -8.12 -11.34 0.08
CA LEU A 74 -7.23 -11.15 -1.06
C LEU A 74 -5.80 -11.49 -0.71
N THR A 75 -5.21 -12.43 -1.43
CA THR A 75 -3.84 -12.85 -1.19
C THR A 75 -2.84 -11.87 -1.81
N HIS A 76 -1.56 -12.17 -1.67
CA HIS A 76 -0.51 -11.31 -2.22
C HIS A 76 -0.76 -11.03 -3.70
N ALA A 77 -1.07 -12.07 -4.45
CA ALA A 77 -1.33 -11.93 -5.88
C ALA A 77 -2.57 -11.08 -6.12
N GLN A 78 -3.55 -11.19 -5.23
CA GLN A 78 -4.78 -10.43 -5.35
C GLN A 78 -4.53 -8.95 -5.09
N ALA A 79 -4.09 -8.63 -3.88
CA ALA A 79 -3.82 -7.25 -3.51
C ALA A 79 -3.12 -6.50 -4.64
N VAL A 80 -2.36 -7.24 -5.45
CA VAL A 80 -1.63 -6.65 -6.56
C VAL A 80 -2.55 -6.40 -7.75
N GLU A 81 -3.46 -7.35 -8.00
CA GLU A 81 -4.40 -7.24 -9.11
C GLU A 81 -5.43 -6.14 -8.83
N ARG A 82 -5.85 -6.02 -7.58
CA ARG A 82 -6.82 -5.01 -7.18
C ARG A 82 -6.33 -3.61 -7.53
N ILE A 83 -5.08 -3.32 -7.17
CA ILE A 83 -4.49 -2.02 -7.44
C ILE A 83 -4.52 -1.70 -8.93
N ARG A 84 -3.95 -2.59 -9.74
CA ARG A 84 -3.91 -2.41 -11.18
C ARG A 84 -5.32 -2.17 -11.73
N ALA A 85 -6.24 -3.07 -11.38
CA ALA A 85 -7.62 -2.95 -11.84
C ALA A 85 -8.29 -1.70 -11.28
N GLY A 86 -7.74 -1.17 -10.20
CA GLY A 86 -8.28 0.02 -9.60
C GLY A 86 -8.48 1.14 -10.59
N GLY A 87 -7.81 1.04 -11.73
CA GLY A 87 -7.92 2.07 -12.76
C GLY A 87 -6.67 2.94 -12.85
N PRO A 88 -6.83 4.15 -13.41
CA PRO A 88 -5.72 5.09 -13.57
C PRO A 88 -5.25 5.66 -12.23
N GLN A 89 -6.11 5.59 -11.22
CA GLN A 89 -5.77 6.09 -9.90
C GLN A 89 -5.44 4.95 -8.95
N LEU A 90 -4.52 5.20 -8.02
CA LEU A 90 -4.12 4.20 -7.05
C LEU A 90 -4.63 4.55 -5.65
N HIS A 91 -4.98 3.54 -4.88
CA HIS A 91 -5.48 3.74 -3.52
C HIS A 91 -5.03 2.61 -2.60
N LEU A 92 -4.17 2.93 -1.65
CA LEU A 92 -3.67 1.94 -0.70
C LEU A 92 -3.81 2.43 0.73
N VAL A 93 -4.32 1.58 1.61
CA VAL A 93 -4.50 1.92 3.00
C VAL A 93 -3.30 1.48 3.84
N ILE A 94 -2.55 2.47 4.34
CA ILE A 94 -1.39 2.19 5.16
C ILE A 94 -1.52 2.78 6.55
N ARG A 95 -0.86 2.17 7.53
CA ARG A 95 -0.91 2.64 8.91
C ARG A 95 0.48 2.68 9.52
N ARG A 96 1.07 3.87 9.58
CA ARG A 96 2.40 4.04 10.14
C ARG A 96 2.45 3.52 11.57
N PRO A 97 3.15 2.38 11.77
CA PRO A 97 3.29 1.76 13.09
C PRO A 97 4.18 2.59 14.03
N LEU A 98 4.31 2.13 15.27
CA LEU A 98 5.12 2.82 16.25
C LEU A 98 6.43 2.07 16.49
N SER A 99 7.48 2.51 15.80
CA SER A 99 8.80 1.89 15.93
C SER A 99 9.85 2.69 15.18
N GLY A 100 10.98 2.93 15.84
CA GLY A 100 12.06 3.68 15.22
C GLY A 100 12.68 2.95 14.05
N PRO A 101 13.12 3.71 13.03
CA PRO A 101 13.75 3.14 11.84
C PRO A 101 15.13 2.55 12.13
N SER A 102 15.43 1.43 11.49
CA SER A 102 16.72 0.76 11.68
C SER A 102 17.38 0.46 10.34
N SER A 103 17.74 1.50 9.60
CA SER A 103 18.37 1.35 8.30
C SER A 103 19.87 1.09 8.46
N GLY A 104 20.46 0.44 7.45
CA GLY A 104 21.88 0.14 7.49
C GLY A 104 22.23 -1.11 6.71
#